data_7M5V
#
_entry.id   7M5V
#
_cell.length_a   1.00
_cell.length_b   1.00
_cell.length_c   1.00
_cell.angle_alpha   90.00
_cell.angle_beta   90.00
_cell.angle_gamma   90.00
#
_symmetry.space_group_name_H-M   'P 1'
#
loop_
_entity.id
_entity.type
_entity.pdbx_description
1 polymer 'Polyamine-transporting ATPase 13A2'
2 non-polymer 'MAGNESIUM ION'
3 non-polymer 1-DODECANOL
4 non-polymer DODECYL-BETA-D-MALTOSIDE
5 non-polymer 'CHOLESTEROL HEMISUCCINATE'
6 non-polymer DECANE
7 non-polymer DODECANE
8 non-polymer 2-acetamido-2-deoxy-beta-D-glucopyranose
9 non-polymer 'PHOSPHOAMINOPHOSPHONIC ACID-ADENYLATE ESTER'
10 non-polymer '(2R)-3-{[(S)-hydroxy{[(1S,2R,3R,4S,5S,6R)-2,4,6-trihydroxy-3,5-bis(phosphonooxy)cyclohexyl]oxy}phosphoryl]oxy}propane-1,2-diyl dioctanoate'
11 water water
#
_entity_poly.entity_id   1
_entity_poly.type   'polypeptide(L)'
_entity_poly.pdbx_seq_one_letter_code
;MSADSSPLVGSTPTGYGTLTIGTSIDPLSSSVSSVRLSGYCGSPWRVIGYHVVVWMMAGIPLLLFRWKPLWGVRLRLRPC
NLAHAETLVIEIRDKEDSSWQLFTVQVQTEAIGEGSLEPSPQSQAEDGRSQAAVGAVPEGAWKDTAQLHKSEEAVSVGQK
RVLRYYLFQGQRYIWIETQQAFYQVSLLDHGRSCDDVHRSRHGLSLQDQMVRKAIYGPNVISIPVKSYPQLLVDEALNPY
YGFQAFSIALWLADHYYWYALCIFLISSISICLSLYKTRKQSQTLRDMVKLSMRVCVCRPGGEEEWVDSSELVPGDCLVL
PQEGGLMPCDAALVAGECMVNESSLTGESIPVLKTALPEGLGPYCAETHRRHTLFCGTLILQARAYVGPHVLAVVTRTGF
CTAKGGLVSSILHPRPINFKFYKHSMKFVAALSVLALLGTIYSIFILYRNRVPLNEIVIRALDLVTVVVPPALPAAMTVC
TLYAQSRLRRQGIFCIHPLRINLGGKLQLVCFDKTGTLTEDGLDVMGVVPLKGQAFLPLVPEPRRLPVGPLLRALATCHA
LSRLQDTPVGDPMDLKMVESTGWVLEEEPAADSAFGTQVLAVMRPPLWEPQLQAMEEPPVPVSVLHRFPFSSALQRMSVV
VAWPGATQPEAYVKGSPELVAGLCNPETVPTDFAQMLQSYTAAGYRVVALASKPLPTVPSLEAAQQLTRDTVEGDLSLLG
LLVMRNLLKPQTTPVIQALRRTRIRAVMVTGDNLQTAVTVARGCGMVAPQEHLIIVHATHPERGQPASLEFLPMESPTAV
NGVKDPDQAASYTVEPDPRSRHLALSGPTFGIIVKHFPKLLPKVLVQGTVFARMAPEQKTELVCELQKLQYCVGMCGDGA
NDCGALKAADVGISLSQAEASVVSPFTSSMASIECVPMVIREGRCSLDTSFSVFKYMALYSLTQFISVLILYTINTNLGD
LQFLAIDLVITTTVAVLMSRTGPALVLGRVRPPGALLSVPVLSSLLLQMVLVTGVQLGGYFLTLAQPWFVPLNRTVAAPD
NLPNYENTVVFSLSSFQYLILAAAVSKGAPFRRPLYTNVPFLVALALLSSVLVGLVLVPGLLQGPLALRNITDTGFKLLL
LGLVTLNFVGAFMLESVLDQCLPACLRRLRPKRASKKRFKQLERELAEQPWPPLPAGPLRSNSLEVFQ
;
_entity_poly.pdbx_strand_id   A
#
loop_
_chem_comp.id
_chem_comp.type
_chem_comp.name
_chem_comp.formula
1DO non-polymer 1-DODECANOL 'C12 H26 O'
ANP non-polymer 'PHOSPHOAMINOPHOSPHONIC ACID-ADENYLATE ESTER' 'C10 H17 N6 O12 P3'
D10 non-polymer DECANE 'C10 H22'
D12 non-polymer DODECANE 'C12 H26'
EUJ non-polymer '(2R)-3-{[(S)-hydroxy{[(1S,2R,3R,4S,5S,6R)-2,4,6-trihydroxy-3,5-bis(phosphonooxy)cyclohexyl]oxy}phosphoryl]oxy}propane-1,2-diyl dioctanoate' 'C25 H49 O19 P3'
LMT D-saccharide DODECYL-BETA-D-MALTOSIDE 'C24 H46 O11'
MG non-polymer 'MAGNESIUM ION' 'Mg 2'
NAG D-saccharide, beta linking 2-acetamido-2-deoxy-beta-D-glucopyranose 'C8 H15 N O6'
Y01 non-polymer 'CHOLESTEROL HEMISUCCINATE' 'C31 H50 O4'
#
# COMPACT_ATOMS: atom_id res chain seq x y z
N VAL A 35 -13.60 -20.64 6.56
CA VAL A 35 -13.50 -21.12 5.18
C VAL A 35 -14.57 -22.19 4.93
N ARG A 36 -15.70 -22.06 5.60
CA ARG A 36 -16.80 -23.02 5.49
C ARG A 36 -17.87 -22.47 4.57
N LEU A 37 -18.30 -23.27 3.60
CA LEU A 37 -19.35 -22.92 2.66
C LEU A 37 -20.62 -23.67 3.03
N SER A 38 -21.73 -22.94 3.13
CA SER A 38 -23.02 -23.51 3.44
C SER A 38 -24.02 -23.11 2.36
N GLY A 39 -24.73 -24.09 1.81
CA GLY A 39 -25.63 -23.87 0.70
C GLY A 39 -27.09 -23.86 1.16
N TYR A 40 -27.85 -22.92 0.61
CA TYR A 40 -29.28 -22.77 0.87
C TYR A 40 -30.01 -22.45 -0.41
N CYS A 41 -31.14 -23.13 -0.64
CA CYS A 41 -31.94 -22.92 -1.84
C CYS A 41 -32.53 -21.52 -1.86
N TRP A 45 -41.67 -18.16 -1.99
CA TRP A 45 -42.79 -17.31 -1.59
C TRP A 45 -42.61 -16.80 -0.17
N ARG A 46 -41.89 -17.57 0.66
CA ARG A 46 -41.65 -17.15 2.04
C ARG A 46 -40.66 -16.01 2.14
N VAL A 47 -39.78 -15.85 1.15
CA VAL A 47 -38.81 -14.75 1.20
C VAL A 47 -39.54 -13.42 1.14
N ILE A 48 -40.60 -13.32 0.36
CA ILE A 48 -41.42 -12.11 0.37
C ILE A 48 -42.02 -11.90 1.75
N GLY A 49 -42.38 -12.98 2.44
CA GLY A 49 -42.83 -12.85 3.82
C GLY A 49 -41.77 -12.27 4.73
N TYR A 50 -40.52 -12.73 4.57
CA TYR A 50 -39.43 -12.18 5.37
C TYR A 50 -39.22 -10.69 5.05
N HIS A 51 -39.31 -10.33 3.77
CA HIS A 51 -39.18 -8.93 3.38
C HIS A 51 -40.29 -8.08 3.99
N VAL A 52 -41.52 -8.58 3.98
CA VAL A 52 -42.64 -7.86 4.57
C VAL A 52 -42.45 -7.72 6.07
N VAL A 53 -41.93 -8.77 6.72
CA VAL A 53 -41.67 -8.70 8.15
C VAL A 53 -40.61 -7.65 8.45
N VAL A 54 -39.55 -7.60 7.64
CA VAL A 54 -38.51 -6.60 7.83
C VAL A 54 -39.06 -5.20 7.64
N TRP A 55 -39.92 -5.02 6.63
CA TRP A 55 -40.53 -3.71 6.40
C TRP A 55 -41.41 -3.31 7.58
N MET A 56 -42.19 -4.24 8.11
CA MET A 56 -43.04 -3.94 9.26
C MET A 56 -42.18 -3.55 10.47
N MET A 57 -41.11 -4.31 10.72
CA MET A 57 -40.18 -3.93 11.77
C MET A 57 -39.53 -2.59 11.46
N ALA A 58 -39.17 -2.36 10.19
CA ALA A 58 -38.61 -1.13 9.65
C ALA A 58 -37.16 -0.91 10.02
N GLY A 59 -36.57 -1.77 10.86
CA GLY A 59 -35.18 -1.65 11.25
C GLY A 59 -34.49 -2.99 11.33
N ILE A 60 -35.02 -3.99 10.62
CA ILE A 60 -34.47 -5.34 10.60
C ILE A 60 -33.07 -5.30 10.00
N PRO A 61 -32.75 -4.30 9.16
CA PRO A 61 -31.40 -4.25 8.60
C PRO A 61 -30.30 -4.17 9.64
N LEU A 62 -30.54 -3.46 10.74
CA LEU A 62 -29.54 -3.39 11.80
C LEU A 62 -29.31 -4.76 12.42
N LEU A 63 -30.39 -5.52 12.65
CA LEU A 63 -30.24 -6.88 13.16
C LEU A 63 -29.50 -7.76 12.15
N LEU A 64 -29.83 -7.62 10.87
CA LEU A 64 -29.15 -8.36 9.82
C LEU A 64 -27.76 -7.82 9.51
N PHE A 65 -27.45 -6.61 9.96
CA PHE A 65 -26.11 -6.04 9.88
C PHE A 65 -25.40 -6.08 11.23
N ARG A 66 -25.59 -7.16 11.98
CA ARG A 66 -25.12 -7.25 13.36
C ARG A 66 -24.72 -8.70 13.62
N TRP A 67 -24.57 -9.04 14.91
CA TRP A 67 -24.00 -10.33 15.28
C TRP A 67 -24.86 -11.51 14.82
N LYS A 68 -26.13 -11.29 14.49
CA LYS A 68 -27.03 -12.37 14.11
C LYS A 68 -27.51 -12.18 12.67
N PRO A 69 -26.59 -11.99 11.72
CA PRO A 69 -27.01 -11.85 10.31
C PRO A 69 -27.30 -13.20 9.66
N LEU A 70 -26.58 -14.23 10.10
CA LEU A 70 -26.78 -15.56 9.52
C LEU A 70 -28.19 -16.07 9.78
N TRP A 71 -28.71 -15.85 10.99
CA TRP A 71 -30.05 -16.32 11.31
C TRP A 71 -31.10 -15.66 10.42
N GLY A 72 -31.01 -14.34 10.27
CA GLY A 72 -31.94 -13.64 9.40
C GLY A 72 -31.82 -14.07 7.95
N VAL A 73 -30.58 -14.26 7.48
CA VAL A 73 -30.36 -14.71 6.11
C VAL A 73 -31.02 -16.07 5.89
N ARG A 74 -30.76 -17.01 6.80
CA ARG A 74 -31.36 -18.34 6.67
C ARG A 74 -32.88 -18.27 6.70
N LEU A 75 -33.43 -17.46 7.61
CA LEU A 75 -34.88 -17.31 7.69
C LEU A 75 -35.45 -16.66 6.43
N ARG A 76 -34.62 -15.93 5.67
CA ARG A 76 -35.05 -15.27 4.44
C ARG A 76 -34.22 -15.73 3.25
N LEU A 77 -33.93 -17.04 3.19
CA LEU A 77 -33.17 -17.62 2.09
C LEU A 77 -33.72 -18.94 1.58
N ARG A 78 -34.85 -19.42 2.11
CA ARG A 78 -35.36 -20.74 1.75
C ARG A 78 -34.32 -21.80 2.09
N PRO A 79 -34.09 -22.06 3.37
CA PRO A 79 -32.96 -22.93 3.76
C PRO A 79 -33.07 -24.32 3.16
N CYS A 80 -31.97 -24.81 2.61
CA CYS A 80 -31.88 -26.18 2.10
C CYS A 80 -30.41 -26.54 2.00
N ASN A 81 -29.93 -27.41 2.89
CA ASN A 81 -28.50 -27.68 3.01
C ASN A 81 -27.92 -28.30 1.75
N LEU A 82 -28.73 -28.89 0.88
CA LEU A 82 -28.23 -29.60 -0.30
C LEU A 82 -27.44 -28.66 -1.20
N ALA A 83 -26.13 -28.87 -1.29
CA ALA A 83 -25.28 -27.99 -2.09
C ALA A 83 -25.57 -28.17 -3.57
N HIS A 84 -25.89 -29.40 -4.00
CA HIS A 84 -26.20 -29.64 -5.41
C HIS A 84 -27.44 -28.87 -5.84
N ALA A 85 -28.37 -28.60 -4.92
CA ALA A 85 -29.57 -27.83 -5.21
C ALA A 85 -29.51 -26.40 -4.70
N GLU A 86 -28.68 -26.11 -3.72
CA GLU A 86 -28.62 -24.78 -3.12
C GLU A 86 -28.18 -23.74 -4.15
N THR A 87 -29.09 -22.82 -4.49
CA THR A 87 -28.77 -21.74 -5.43
C THR A 87 -28.05 -20.57 -4.77
N LEU A 88 -28.05 -20.50 -3.45
CA LEU A 88 -27.30 -19.49 -2.71
C LEU A 88 -26.26 -20.19 -1.83
N VAL A 89 -25.11 -19.55 -1.64
CA VAL A 89 -24.07 -20.10 -0.80
C VAL A 89 -23.44 -18.98 0.02
N ILE A 90 -23.22 -19.26 1.30
CA ILE A 90 -22.58 -18.34 2.23
C ILE A 90 -21.25 -18.94 2.66
N GLU A 91 -20.18 -18.17 2.47
CA GLU A 91 -18.83 -18.56 2.84
C GLU A 91 -18.40 -17.76 4.07
N ILE A 92 -17.81 -18.47 5.03
CA ILE A 92 -17.25 -17.86 6.24
C ILE A 92 -15.75 -18.08 6.22
N ARG A 93 -14.99 -17.02 6.38
CA ARG A 93 -13.52 -17.06 6.37
C ARG A 93 -13.02 -16.57 7.73
N ASP A 94 -12.70 -17.52 8.61
CA ASP A 94 -12.21 -17.20 9.94
C ASP A 94 -10.75 -17.60 10.08
N GLN A 101 -15.11 -12.62 6.37
CA GLN A 101 -15.64 -13.32 7.53
C GLN A 101 -17.02 -13.89 7.24
N LEU A 102 -17.78 -13.21 6.39
CA LEU A 102 -19.13 -13.64 6.06
C LEU A 102 -19.54 -13.00 4.74
N PHE A 103 -19.68 -13.82 3.69
CA PHE A 103 -20.09 -13.34 2.39
C PHE A 103 -21.12 -14.31 1.81
N THR A 104 -21.99 -13.79 0.95
CA THR A 104 -23.03 -14.59 0.29
C THR A 104 -22.98 -14.34 -1.20
N VAL A 105 -23.22 -15.40 -1.99
CA VAL A 105 -23.16 -15.30 -3.44
C VAL A 105 -24.16 -16.28 -4.05
N GLN A 106 -24.65 -15.93 -5.24
CA GLN A 106 -25.54 -16.80 -5.98
C GLN A 106 -24.76 -18.00 -6.53
N VAL A 107 -25.48 -18.88 -7.23
CA VAL A 107 -24.89 -20.03 -7.90
C VAL A 107 -25.38 -19.99 -9.34
N GLN A 108 -24.58 -19.41 -10.23
CA GLN A 108 -24.93 -19.36 -11.64
C GLN A 108 -24.85 -20.77 -12.24
N THR A 109 -25.63 -20.97 -13.30
CA THR A 109 -25.66 -22.24 -14.02
C THR A 109 -25.51 -21.94 -15.51
N GLU A 110 -24.41 -22.42 -16.10
CA GLU A 110 -24.14 -22.28 -17.52
C GLU A 110 -24.32 -23.63 -18.20
N ALA A 111 -24.90 -23.60 -19.40
CA ALA A 111 -25.23 -24.81 -20.15
C ALA A 111 -24.38 -24.90 -21.41
N ILE A 112 -23.98 -26.10 -21.76
CA ILE A 112 -23.25 -26.36 -23.00
C ILE A 112 -24.25 -26.61 -24.11
N ARG A 161 -23.77 -29.85 -20.70
CA ARG A 161 -25.21 -29.75 -20.51
C ARG A 161 -25.55 -28.78 -19.38
N VAL A 162 -25.05 -29.08 -18.19
CA VAL A 162 -25.27 -28.27 -16.99
C VAL A 162 -23.93 -28.08 -16.29
N LEU A 163 -23.70 -26.87 -15.78
CA LEU A 163 -22.48 -26.56 -15.06
C LEU A 163 -22.80 -25.50 -14.02
N ARG A 164 -22.77 -25.89 -12.75
CA ARG A 164 -23.07 -24.99 -11.65
C ARG A 164 -21.77 -24.37 -11.14
N TYR A 165 -21.61 -23.07 -11.35
CA TYR A 165 -20.43 -22.35 -10.93
C TYR A 165 -20.83 -21.11 -10.13
N TYR A 166 -19.86 -20.54 -9.43
CA TYR A 166 -20.09 -19.29 -8.72
C TYR A 166 -18.77 -18.54 -8.60
N LEU A 167 -18.87 -17.21 -8.51
CA LEU A 167 -17.72 -16.32 -8.40
C LEU A 167 -17.64 -15.80 -6.97
N PHE A 168 -16.45 -15.90 -6.38
CA PHE A 168 -16.18 -15.31 -5.07
C PHE A 168 -14.78 -14.71 -5.10
N GLN A 169 -14.68 -13.43 -4.72
CA GLN A 169 -13.42 -12.70 -4.72
C GLN A 169 -12.81 -12.62 -6.12
N GLY A 170 -13.64 -12.73 -7.16
CA GLY A 170 -13.18 -12.78 -8.52
C GLY A 170 -12.82 -14.17 -9.01
N GLN A 171 -12.64 -15.13 -8.11
CA GLN A 171 -12.27 -16.48 -8.48
C GLN A 171 -13.51 -17.30 -8.81
N ARG A 172 -13.43 -18.05 -9.90
CA ARG A 172 -14.53 -18.90 -10.34
C ARG A 172 -14.35 -20.31 -9.77
N TYR A 173 -15.37 -20.79 -9.07
CA TYR A 173 -15.42 -22.17 -8.59
C TYR A 173 -16.54 -22.89 -9.33
N ILE A 174 -16.33 -24.19 -9.58
CA ILE A 174 -17.32 -25.00 -10.29
C ILE A 174 -17.64 -26.24 -9.46
N TRP A 175 -18.78 -26.83 -9.76
CA TRP A 175 -19.29 -28.00 -9.04
C TRP A 175 -19.12 -29.24 -9.90
N ILE A 176 -18.46 -30.26 -9.36
CA ILE A 176 -18.17 -31.50 -10.05
C ILE A 176 -19.14 -32.57 -9.56
N GLU A 177 -19.84 -33.21 -10.49
CA GLU A 177 -20.82 -34.22 -10.11
C GLU A 177 -20.17 -35.44 -9.48
N THR A 178 -18.92 -35.73 -9.84
CA THR A 178 -18.21 -36.88 -9.29
C THR A 178 -17.62 -36.63 -7.91
N GLN A 179 -17.70 -35.40 -7.40
CA GLN A 179 -17.14 -35.04 -6.10
C GLN A 179 -18.14 -34.40 -5.15
N GLN A 180 -19.22 -33.81 -5.65
CA GLN A 180 -20.27 -33.16 -4.86
C GLN A 180 -19.83 -31.84 -4.24
N ALA A 181 -18.55 -31.48 -4.37
CA ALA A 181 -17.99 -30.29 -3.74
C ALA A 181 -17.60 -29.27 -4.81
N PHE A 182 -17.22 -28.09 -4.34
CA PHE A 182 -16.80 -26.99 -5.21
C PHE A 182 -15.29 -27.00 -5.33
N TYR A 183 -14.80 -26.87 -6.56
CA TYR A 183 -13.37 -26.83 -6.85
C TYR A 183 -13.06 -25.58 -7.67
N GLN A 184 -11.93 -24.96 -7.35
CA GLN A 184 -11.50 -23.77 -8.06
C GLN A 184 -11.11 -24.12 -9.49
N VAL A 185 -11.38 -23.19 -10.41
CA VAL A 185 -11.08 -23.44 -11.82
C VAL A 185 -9.58 -23.63 -12.02
N SER A 186 -8.77 -22.89 -11.26
CA SER A 186 -7.32 -22.97 -11.42
C SER A 186 -6.77 -24.33 -11.04
N LEU A 187 -7.51 -25.13 -10.27
CA LEU A 187 -7.00 -26.38 -9.73
C LEU A 187 -7.38 -27.61 -10.53
N LEU A 188 -8.07 -27.47 -11.65
CA LEU A 188 -8.35 -28.64 -12.49
C LEU A 188 -7.06 -29.20 -13.06
N ASP A 189 -6.32 -28.39 -13.81
CA ASP A 189 -5.07 -28.83 -14.42
C ASP A 189 -3.88 -28.57 -13.50
N HIS A 190 -4.00 -29.02 -12.25
CA HIS A 190 -2.90 -28.96 -11.30
C HIS A 190 -2.04 -30.20 -11.44
N GLY A 191 -0.72 -30.03 -11.25
CA GLY A 191 0.19 -31.13 -11.43
C GLY A 191 0.42 -31.53 -12.86
N ARG A 192 -0.02 -30.72 -13.82
CA ARG A 192 0.21 -31.02 -15.24
C ARG A 192 1.70 -31.07 -15.52
N SER A 193 2.12 -32.11 -16.25
CA SER A 193 3.54 -32.32 -16.50
C SER A 193 4.03 -31.46 -17.65
N CYS A 194 5.33 -31.19 -17.65
CA CYS A 194 5.91 -30.37 -18.71
C CYS A 194 5.77 -31.04 -20.08
N ASP A 195 5.83 -32.37 -20.12
CA ASP A 195 5.62 -33.07 -21.39
C ASP A 195 4.22 -32.82 -21.92
N ASP A 196 3.22 -32.73 -21.04
CA ASP A 196 1.87 -32.43 -21.47
C ASP A 196 1.78 -31.02 -22.06
N VAL A 197 2.44 -30.06 -21.42
CA VAL A 197 2.48 -28.70 -21.96
C VAL A 197 3.12 -28.69 -23.33
N HIS A 198 4.22 -29.42 -23.49
CA HIS A 198 4.86 -29.49 -24.80
C HIS A 198 3.94 -30.15 -25.83
N ARG A 199 3.27 -31.23 -25.45
CA ARG A 199 2.36 -31.91 -26.37
C ARG A 199 1.15 -31.05 -26.70
N SER A 200 0.88 -30.03 -25.91
CA SER A 200 -0.12 -29.02 -26.28
C SER A 200 0.40 -28.03 -27.33
N ARG A 201 1.57 -28.28 -27.92
CA ARG A 201 2.04 -27.46 -29.03
C ARG A 201 0.99 -27.36 -30.13
N HIS A 202 0.35 -28.48 -30.45
CA HIS A 202 -0.66 -28.49 -31.49
C HIS A 202 -1.88 -27.67 -31.04
N GLY A 203 -2.83 -27.52 -31.94
CA GLY A 203 -3.94 -26.62 -31.70
C GLY A 203 -4.95 -27.17 -30.72
N LEU A 204 -5.85 -26.28 -30.31
CA LEU A 204 -7.01 -26.61 -29.49
C LEU A 204 -8.25 -26.45 -30.37
N SER A 205 -8.94 -27.56 -30.61
CA SER A 205 -10.08 -27.54 -31.51
C SER A 205 -11.18 -26.62 -30.98
N LEU A 206 -12.07 -26.21 -31.89
CA LEU A 206 -13.14 -25.30 -31.51
C LEU A 206 -14.07 -25.91 -30.47
N GLN A 207 -14.30 -27.23 -30.53
CA GLN A 207 -15.17 -27.86 -29.56
C GLN A 207 -14.56 -27.78 -28.16
N ASP A 208 -13.30 -28.20 -28.02
CA ASP A 208 -12.61 -28.06 -26.74
C ASP A 208 -12.46 -26.59 -26.36
N GLN A 209 -12.30 -25.72 -27.36
CA GLN A 209 -12.21 -24.30 -27.09
C GLN A 209 -13.46 -23.80 -26.39
N MET A 210 -14.64 -24.14 -26.92
CA MET A 210 -15.89 -23.69 -26.32
C MET A 210 -16.15 -24.37 -24.98
N VAL A 211 -15.75 -25.64 -24.84
CA VAL A 211 -15.93 -26.32 -23.56
C VAL A 211 -15.12 -25.61 -22.48
N ARG A 212 -13.84 -25.35 -22.75
CA ARG A 212 -13.01 -24.65 -21.77
C ARG A 212 -13.41 -23.19 -21.63
N LYS A 213 -14.04 -22.60 -22.64
CA LYS A 213 -14.58 -21.26 -22.51
C LYS A 213 -15.72 -21.24 -21.50
N ALA A 214 -16.62 -22.21 -21.60
CA ALA A 214 -17.72 -22.31 -20.63
C ALA A 214 -17.19 -22.60 -19.24
N ILE A 215 -16.16 -23.46 -19.14
CA ILE A 215 -15.64 -23.82 -17.83
C ILE A 215 -14.90 -22.65 -17.20
N TYR A 216 -13.83 -22.18 -17.85
CA TYR A 216 -12.99 -21.13 -17.28
C TYR A 216 -13.57 -19.73 -17.46
N GLY A 217 -14.54 -19.56 -18.34
CA GLY A 217 -15.11 -18.25 -18.60
C GLY A 217 -14.24 -17.44 -19.54
N PRO A 218 -14.64 -16.21 -19.83
CA PRO A 218 -13.86 -15.37 -20.74
C PRO A 218 -12.53 -14.97 -20.11
N ASN A 219 -11.55 -14.72 -20.97
CA ASN A 219 -10.21 -14.29 -20.54
C ASN A 219 -10.20 -12.78 -20.42
N VAL A 220 -10.79 -12.29 -19.35
CA VAL A 220 -10.80 -10.86 -19.04
C VAL A 220 -10.77 -10.68 -17.54
N ILE A 221 -9.95 -9.73 -17.08
CA ILE A 221 -9.98 -9.31 -15.68
C ILE A 221 -11.14 -8.34 -15.55
N SER A 222 -12.30 -8.85 -15.14
CA SER A 222 -13.53 -8.07 -15.19
C SER A 222 -13.60 -7.14 -13.99
N ILE A 223 -13.62 -5.84 -14.26
CA ILE A 223 -13.88 -4.81 -13.26
C ILE A 223 -15.09 -4.04 -13.77
N PRO A 224 -16.32 -4.43 -13.43
CA PRO A 224 -17.49 -3.84 -14.08
C PRO A 224 -17.59 -2.34 -13.85
N VAL A 225 -18.06 -1.64 -14.87
CA VAL A 225 -18.44 -0.24 -14.73
C VAL A 225 -19.80 -0.16 -14.06
N LYS A 226 -19.89 0.63 -13.00
CA LYS A 226 -21.13 0.74 -12.23
C LYS A 226 -21.99 1.87 -12.78
N SER A 227 -23.25 1.55 -13.05
CA SER A 227 -24.20 2.59 -13.43
C SER A 227 -24.44 3.52 -12.25
N TYR A 228 -24.75 4.78 -12.57
CA TYR A 228 -24.93 5.78 -11.52
C TYR A 228 -25.98 5.38 -10.49
N PRO A 229 -27.19 4.96 -10.88
CA PRO A 229 -28.17 4.54 -9.87
C PRO A 229 -27.67 3.41 -8.99
N GLN A 230 -26.86 2.50 -9.53
CA GLN A 230 -26.27 1.45 -8.71
C GLN A 230 -25.41 2.05 -7.61
N LEU A 231 -24.58 3.04 -7.96
CA LEU A 231 -23.73 3.66 -6.95
C LEU A 231 -24.56 4.43 -5.92
N LEU A 232 -25.61 5.12 -6.37
CA LEU A 232 -26.48 5.82 -5.42
C LEU A 232 -27.12 4.85 -4.43
N VAL A 233 -27.67 3.74 -4.92
CA VAL A 233 -28.29 2.80 -3.99
C VAL A 233 -27.24 2.17 -3.09
N ASP A 234 -26.03 1.95 -3.60
CA ASP A 234 -24.98 1.34 -2.77
C ASP A 234 -24.57 2.28 -1.65
N GLU A 235 -24.33 3.55 -1.96
CA GLU A 235 -23.73 4.47 -1.00
C GLU A 235 -24.77 5.12 -0.11
N ALA A 236 -25.83 5.70 -0.70
CA ALA A 236 -26.84 6.39 0.09
C ALA A 236 -27.56 5.45 1.06
N LEU A 237 -27.54 4.14 0.79
CA LEU A 237 -28.20 3.16 1.65
C LEU A 237 -27.25 2.79 2.78
N ASN A 238 -27.42 3.45 3.93
CA ASN A 238 -26.72 3.09 5.15
C ASN A 238 -27.40 3.81 6.31
N PRO A 239 -27.13 3.41 7.56
CA PRO A 239 -27.86 4.04 8.69
C PRO A 239 -27.68 5.56 8.77
N TYR A 240 -26.50 6.07 8.45
CA TYR A 240 -26.24 7.50 8.62
C TYR A 240 -27.13 8.33 7.72
N TYR A 241 -27.12 8.03 6.41
CA TYR A 241 -27.91 8.83 5.48
C TYR A 241 -29.41 8.59 5.68
N GLY A 242 -29.79 7.39 6.11
CA GLY A 242 -31.18 7.17 6.48
C GLY A 242 -31.62 8.04 7.64
N PHE A 243 -30.76 8.15 8.66
CA PHE A 243 -31.07 9.04 9.78
C PHE A 243 -31.12 10.49 9.33
N GLN A 244 -30.25 10.88 8.41
CA GLN A 244 -30.30 12.25 7.91
C GLN A 244 -31.60 12.51 7.15
N ALA A 245 -32.06 11.52 6.37
CA ALA A 245 -33.36 11.65 5.71
C ALA A 245 -34.49 11.76 6.73
N PHE A 246 -34.41 10.97 7.81
CA PHE A 246 -35.40 11.09 8.87
C PHE A 246 -35.38 12.49 9.50
N SER A 247 -34.18 13.04 9.72
CA SER A 247 -34.08 14.39 10.26
C SER A 247 -34.70 15.40 9.31
N ILE A 248 -34.46 15.23 8.00
CA ILE A 248 -35.06 16.13 7.01
C ILE A 248 -36.57 16.07 7.12
N ALA A 249 -37.12 14.87 7.21
CA ALA A 249 -38.57 14.73 7.33
C ALA A 249 -39.09 15.37 8.61
N LEU A 250 -38.40 15.15 9.73
CA LEU A 250 -38.85 15.68 11.00
C LEU A 250 -38.84 17.20 11.00
N TRP A 251 -37.78 17.81 10.48
CA TRP A 251 -37.71 19.26 10.42
C TRP A 251 -38.63 19.83 9.37
N LEU A 252 -39.01 19.05 8.36
CA LEU A 252 -40.04 19.49 7.43
C LEU A 252 -41.41 19.44 8.08
N ALA A 253 -41.61 18.54 9.05
CA ALA A 253 -42.91 18.42 9.70
C ALA A 253 -43.28 19.69 10.44
N ASP A 254 -42.33 20.30 11.14
CA ASP A 254 -42.59 21.49 11.96
C ASP A 254 -42.23 22.78 11.24
N HIS A 255 -42.38 22.80 9.91
CA HIS A 255 -42.30 24.03 9.12
C HIS A 255 -40.92 24.68 9.17
N TYR A 256 -39.87 23.86 9.38
CA TYR A 256 -38.49 24.34 9.27
C TYR A 256 -37.95 24.00 7.89
N TYR A 257 -38.49 24.71 6.90
CA TYR A 257 -38.21 24.38 5.50
C TYR A 257 -36.73 24.60 5.17
N TRP A 258 -36.18 25.73 5.60
CA TRP A 258 -34.80 26.06 5.25
C TRP A 258 -33.84 25.05 5.87
N TYR A 259 -34.06 24.67 7.12
CA TYR A 259 -33.15 23.74 7.77
C TYR A 259 -33.22 22.37 7.09
N ALA A 260 -34.42 21.93 6.72
CA ALA A 260 -34.56 20.68 5.99
C ALA A 260 -33.82 20.74 4.67
N LEU A 261 -33.98 21.85 3.93
CA LEU A 261 -33.30 21.99 2.66
C LEU A 261 -31.79 21.93 2.82
N CYS A 262 -31.24 22.57 3.86
CA CYS A 262 -29.78 22.61 3.94
C CYS A 262 -29.24 21.26 4.40
N ILE A 263 -29.97 20.56 5.27
CA ILE A 263 -29.56 19.19 5.61
C ILE A 263 -29.57 18.32 4.35
N PHE A 264 -30.60 18.48 3.51
CA PHE A 264 -30.64 17.74 2.25
C PHE A 264 -29.43 18.06 1.40
N LEU A 265 -29.06 19.35 1.33
CA LEU A 265 -27.90 19.74 0.53
C LEU A 265 -26.61 19.11 1.09
N ILE A 266 -26.45 19.12 2.41
CA ILE A 266 -25.24 18.54 3.00
C ILE A 266 -25.16 17.05 2.69
N SER A 267 -26.29 16.35 2.85
CA SER A 267 -26.29 14.91 2.57
C SER A 267 -26.00 14.63 1.11
N SER A 268 -26.57 15.44 0.20
CA SER A 268 -26.30 15.25 -1.22
C SER A 268 -24.82 15.48 -1.53
N ILE A 269 -24.23 16.51 -0.91
CA ILE A 269 -22.81 16.78 -1.14
C ILE A 269 -21.96 15.61 -0.65
N SER A 270 -22.28 15.08 0.53
CA SER A 270 -21.52 13.95 1.04
C SER A 270 -21.65 12.73 0.14
N ILE A 271 -22.87 12.47 -0.34
CA ILE A 271 -23.08 11.34 -1.25
C ILE A 271 -22.30 11.54 -2.53
N CYS A 272 -22.31 12.76 -3.07
CA CYS A 272 -21.58 13.04 -4.30
C CYS A 272 -20.08 12.85 -4.11
N LEU A 273 -19.54 13.30 -2.96
CA LEU A 273 -18.11 13.12 -2.70
C LEU A 273 -17.76 11.65 -2.59
N SER A 274 -18.58 10.87 -1.87
CA SER A 274 -18.31 9.44 -1.77
C SER A 274 -18.39 8.78 -3.14
N LEU A 275 -19.37 9.16 -3.96
CA LEU A 275 -19.51 8.59 -5.28
C LEU A 275 -18.31 8.93 -6.16
N TYR A 276 -17.83 10.17 -6.10
CA TYR A 276 -16.66 10.55 -6.87
C TYR A 276 -15.43 9.76 -6.42
N LYS A 277 -15.25 9.61 -5.11
CA LYS A 277 -14.14 8.83 -4.60
C LYS A 277 -14.19 7.39 -5.12
N THR A 278 -15.37 6.75 -5.02
CA THR A 278 -15.49 5.37 -5.48
C THR A 278 -15.29 5.26 -6.99
N ARG A 279 -15.83 6.22 -7.75
CA ARG A 279 -15.69 6.16 -9.19
C ARG A 279 -14.23 6.30 -9.61
N LYS A 280 -13.50 7.23 -8.99
CA LYS A 280 -12.08 7.35 -9.31
C LYS A 280 -11.32 6.10 -8.89
N GLN A 281 -11.69 5.52 -7.75
CA GLN A 281 -11.02 4.30 -7.28
C GLN A 281 -11.22 3.16 -8.26
N SER A 282 -12.44 3.03 -8.80
CA SER A 282 -12.69 2.00 -9.80
C SER A 282 -11.99 2.30 -11.11
N GLN A 283 -11.97 3.58 -11.52
CA GLN A 283 -11.45 3.92 -12.84
C GLN A 283 -9.93 3.78 -12.91
N THR A 284 -9.22 4.20 -11.86
CA THR A 284 -7.77 4.09 -11.87
C THR A 284 -7.33 2.64 -11.96
N LEU A 285 -8.15 1.71 -11.47
CA LEU A 285 -7.84 0.29 -11.59
C LEU A 285 -8.28 -0.25 -12.95
N ARG A 286 -9.45 0.16 -13.43
CA ARG A 286 -9.97 -0.36 -14.69
C ARG A 286 -9.09 0.04 -15.87
N ASP A 287 -8.59 1.28 -15.86
CA ASP A 287 -7.74 1.74 -16.95
C ASP A 287 -6.45 0.93 -17.06
N MET A 288 -6.02 0.32 -15.97
CA MET A 288 -4.76 -0.43 -15.95
C MET A 288 -4.89 -1.79 -16.64
N VAL A 289 -6.03 -2.45 -16.50
CA VAL A 289 -6.18 -3.83 -16.95
C VAL A 289 -6.75 -3.87 -18.37
N LYS A 290 -6.71 -2.74 -19.07
CA LYS A 290 -7.30 -2.66 -20.40
C LYS A 290 -6.46 -3.39 -21.44
N LEU A 291 -6.71 -4.69 -21.61
CA LEU A 291 -6.10 -5.49 -22.65
C LEU A 291 -7.20 -5.89 -23.63
N SER A 292 -7.10 -5.37 -24.87
CA SER A 292 -8.12 -5.64 -25.89
C SER A 292 -7.41 -5.61 -27.25
N MET A 293 -7.10 -6.78 -27.78
CA MET A 293 -6.38 -6.88 -29.04
C MET A 293 -6.59 -8.28 -29.62
N ARG A 294 -6.34 -8.39 -30.92
CA ARG A 294 -6.41 -9.67 -31.59
C ARG A 294 -5.11 -10.44 -31.41
N VAL A 295 -5.23 -11.77 -31.37
CA VAL A 295 -4.09 -12.67 -31.19
C VAL A 295 -4.25 -13.83 -32.16
N CYS A 296 -3.12 -14.30 -32.69
CA CYS A 296 -3.10 -15.45 -33.57
C CYS A 296 -2.97 -16.74 -32.77
N VAL A 297 -3.77 -17.73 -33.13
CA VAL A 297 -3.72 -19.06 -32.51
C VAL A 297 -3.94 -20.08 -33.61
N CYS A 298 -3.21 -21.19 -33.54
CA CYS A 298 -3.23 -22.20 -34.58
C CYS A 298 -4.07 -23.40 -34.14
N ARG A 299 -5.03 -23.78 -34.98
CA ARG A 299 -5.88 -24.93 -34.77
C ARG A 299 -5.15 -26.21 -35.21
N PRO A 300 -5.59 -27.38 -34.73
CA PRO A 300 -4.97 -28.62 -35.22
C PRO A 300 -5.11 -28.80 -36.72
N GLY A 301 -6.21 -28.31 -37.30
CA GLY A 301 -6.40 -28.26 -38.74
C GLY A 301 -6.51 -26.83 -39.21
N GLY A 302 -5.72 -26.46 -40.22
CA GLY A 302 -5.67 -25.09 -40.71
C GLY A 302 -4.57 -24.29 -40.04
N GLU A 303 -4.43 -24.46 -38.74
CA GLU A 303 -3.30 -23.90 -37.98
C GLU A 303 -3.21 -22.38 -38.13
N GLU A 304 -4.37 -21.70 -38.17
CA GLU A 304 -4.38 -20.25 -38.21
C GLU A 304 -5.77 -19.70 -37.90
N GLU A 305 -5.85 -18.77 -36.96
CA GLU A 305 -7.09 -18.06 -36.69
C GLU A 305 -6.78 -16.90 -35.75
N TRP A 306 -7.33 -15.73 -36.06
CA TRP A 306 -7.21 -14.55 -35.23
C TRP A 306 -8.44 -14.41 -34.35
N VAL A 307 -8.24 -14.29 -33.04
CA VAL A 307 -9.33 -14.19 -32.09
C VAL A 307 -9.05 -13.06 -31.11
N ASP A 308 -10.12 -12.55 -30.51
CA ASP A 308 -9.96 -11.51 -29.49
C ASP A 308 -9.26 -12.09 -28.26
N SER A 309 -8.63 -11.20 -27.49
CA SER A 309 -7.90 -11.62 -26.30
C SER A 309 -8.79 -12.37 -25.32
N SER A 310 -10.09 -12.03 -25.28
CA SER A 310 -10.99 -12.69 -24.35
C SER A 310 -11.33 -14.12 -24.76
N GLU A 311 -11.07 -14.50 -26.01
CA GLU A 311 -11.44 -15.82 -26.52
C GLU A 311 -10.38 -16.88 -26.26
N LEU A 312 -9.47 -16.65 -25.31
CA LEU A 312 -8.41 -17.58 -24.97
C LEU A 312 -8.82 -18.43 -23.77
N VAL A 313 -8.32 -19.65 -23.74
CA VAL A 313 -8.56 -20.57 -22.63
C VAL A 313 -7.29 -21.34 -22.32
N PRO A 314 -7.18 -21.89 -21.11
CA PRO A 314 -6.00 -22.72 -20.79
C PRO A 314 -5.89 -23.90 -21.73
N GLY A 315 -4.65 -24.29 -22.01
CA GLY A 315 -4.38 -25.38 -22.93
C GLY A 315 -4.39 -25.00 -24.39
N ASP A 316 -4.62 -23.73 -24.72
CA ASP A 316 -4.61 -23.26 -26.09
C ASP A 316 -3.25 -22.66 -26.42
N CYS A 317 -2.74 -22.94 -27.60
CA CYS A 317 -1.47 -22.41 -28.03
C CYS A 317 -1.62 -20.97 -28.52
N LEU A 318 -0.48 -20.30 -28.65
CA LEU A 318 -0.45 -18.87 -28.97
C LEU A 318 0.79 -18.57 -29.78
N VAL A 319 0.60 -18.00 -30.96
CA VAL A 319 1.71 -17.53 -31.79
C VAL A 319 2.02 -16.11 -31.37
N LEU A 320 3.19 -15.90 -30.79
CA LEU A 320 3.53 -14.61 -30.24
C LEU A 320 4.01 -13.65 -31.34
N PRO A 321 3.80 -12.35 -31.17
CA PRO A 321 4.21 -11.39 -32.21
C PRO A 321 5.69 -11.04 -32.07
N GLN A 322 6.47 -11.38 -33.10
CA GLN A 322 7.92 -11.18 -33.00
C GLN A 322 8.28 -9.70 -32.99
N GLU A 323 7.44 -8.85 -33.55
CA GLU A 323 7.66 -7.41 -33.44
C GLU A 323 7.57 -6.96 -31.98
N GLY A 324 6.76 -7.62 -31.18
CA GLY A 324 6.58 -7.31 -29.78
C GLY A 324 5.19 -6.81 -29.48
N GLY A 325 4.91 -6.68 -28.19
CA GLY A 325 3.62 -6.20 -27.73
C GLY A 325 3.30 -6.77 -26.36
N LEU A 326 2.11 -6.40 -25.88
CA LEU A 326 1.66 -6.88 -24.59
C LEU A 326 1.36 -8.38 -24.65
N MET A 327 1.36 -9.00 -23.47
CA MET A 327 1.11 -10.42 -23.36
C MET A 327 -0.37 -10.66 -23.08
N PRO A 328 -1.10 -11.39 -23.92
CA PRO A 328 -2.56 -11.48 -23.71
C PRO A 328 -2.95 -12.11 -22.38
N CYS A 329 -2.18 -13.07 -21.90
CA CYS A 329 -2.52 -13.82 -20.70
C CYS A 329 -1.29 -14.63 -20.28
N ASP A 330 -1.43 -15.40 -19.21
CA ASP A 330 -0.32 -16.21 -18.73
C ASP A 330 -0.13 -17.42 -19.63
N ALA A 331 1.11 -17.61 -20.09
CA ALA A 331 1.43 -18.74 -20.95
C ALA A 331 2.84 -19.20 -20.67
N ALA A 332 3.05 -20.49 -20.82
CA ALA A 332 4.39 -21.08 -20.75
C ALA A 332 5.02 -21.04 -22.13
N LEU A 333 6.23 -20.48 -22.20
CA LEU A 333 6.94 -20.40 -23.47
C LEU A 333 7.45 -21.79 -23.84
N VAL A 334 7.01 -22.29 -24.99
CA VAL A 334 7.30 -23.66 -25.40
C VAL A 334 8.42 -23.71 -26.44
N ALA A 335 8.49 -22.71 -27.31
CA ALA A 335 9.48 -22.66 -28.38
C ALA A 335 10.09 -21.28 -28.45
N GLY A 336 11.38 -21.23 -28.76
CA GLY A 336 12.06 -19.96 -28.97
C GLY A 336 12.40 -19.26 -27.67
N GLU A 337 12.86 -18.01 -27.83
CA GLU A 337 13.21 -17.14 -26.73
C GLU A 337 12.41 -15.86 -26.80
N CYS A 338 12.28 -15.20 -25.66
CA CYS A 338 11.52 -13.96 -25.57
C CYS A 338 12.27 -12.97 -24.69
N MET A 339 12.32 -11.72 -25.13
CA MET A 339 12.81 -10.61 -24.31
C MET A 339 11.60 -9.76 -23.94
N VAL A 340 11.31 -9.67 -22.65
CA VAL A 340 10.08 -9.06 -22.14
C VAL A 340 10.45 -7.97 -21.14
N ASN A 341 9.47 -7.13 -20.83
CA ASN A 341 9.61 -6.05 -19.86
C ASN A 341 8.43 -6.15 -18.90
N GLU A 342 8.58 -6.97 -17.85
CA GLU A 342 7.50 -7.24 -16.92
C GLU A 342 7.55 -6.33 -15.70
N SER A 343 7.59 -5.02 -15.95
CA SER A 343 7.56 -4.04 -14.86
C SER A 343 6.18 -3.86 -14.26
N SER A 344 5.12 -4.25 -14.96
CA SER A 344 3.77 -4.04 -14.47
C SER A 344 3.48 -4.84 -13.21
N LEU A 345 4.25 -5.89 -12.93
CA LEU A 345 4.05 -6.69 -11.72
C LEU A 345 5.38 -7.06 -11.05
N THR A 346 6.47 -6.37 -11.38
CA THR A 346 7.78 -6.66 -10.82
C THR A 346 8.52 -5.42 -10.34
N GLY A 347 8.15 -4.23 -10.78
CA GLY A 347 8.82 -3.02 -10.38
C GLY A 347 9.91 -2.59 -11.35
N GLU A 348 10.95 -3.38 -11.48
CA GLU A 348 12.06 -3.02 -12.35
C GLU A 348 11.64 -3.10 -13.82
N SER A 349 12.24 -2.24 -14.64
CA SER A 349 11.91 -2.11 -16.05
C SER A 349 13.09 -2.49 -16.94
N ILE A 350 13.94 -3.40 -16.48
CA ILE A 350 15.03 -3.91 -17.30
C ILE A 350 14.50 -5.07 -18.14
N PRO A 351 15.06 -5.35 -19.32
CA PRO A 351 14.61 -6.54 -20.06
C PRO A 351 14.90 -7.82 -19.29
N VAL A 352 14.03 -8.80 -19.50
CA VAL A 352 14.17 -10.13 -18.89
C VAL A 352 14.10 -11.16 -20.01
N LEU A 353 14.92 -12.19 -19.89
CA LEU A 353 15.01 -13.25 -20.89
C LEU A 353 14.19 -14.45 -20.43
N LYS A 354 13.21 -14.84 -21.24
CA LYS A 354 12.41 -16.03 -21.03
C LYS A 354 12.80 -17.05 -22.08
N THR A 355 13.37 -18.16 -21.64
CA THR A 355 13.73 -19.26 -22.54
C THR A 355 12.60 -20.28 -22.62
N ALA A 356 12.64 -21.09 -23.66
CA ALA A 356 11.60 -22.08 -23.88
C ALA A 356 11.55 -23.08 -22.73
N LEU A 357 10.37 -23.62 -22.49
CA LEU A 357 10.21 -24.57 -21.39
C LEU A 357 11.04 -25.82 -21.68
N PRO A 358 11.77 -26.34 -20.69
CA PRO A 358 12.62 -27.52 -20.97
C PRO A 358 11.78 -28.80 -20.95
N GLU A 359 11.84 -29.54 -22.06
CA GLU A 359 11.04 -30.74 -22.18
C GLU A 359 11.46 -31.80 -21.18
N GLY A 360 10.49 -32.47 -20.60
CA GLY A 360 10.76 -33.50 -19.62
C GLY A 360 9.52 -33.82 -18.82
N LEU A 361 9.68 -34.78 -17.91
CA LEU A 361 8.61 -35.24 -17.04
C LEU A 361 8.72 -34.55 -15.69
N GLY A 362 7.61 -34.00 -15.22
CA GLY A 362 7.57 -33.30 -13.96
C GLY A 362 6.56 -32.17 -14.01
N PRO A 363 5.93 -31.84 -12.88
CA PRO A 363 4.87 -30.82 -12.92
C PRO A 363 5.39 -29.48 -13.38
N TYR A 364 4.57 -28.78 -14.16
CA TYR A 364 4.84 -27.39 -14.51
C TYR A 364 4.39 -26.53 -13.33
N CYS A 365 5.34 -26.16 -12.47
CA CYS A 365 4.98 -25.45 -11.25
C CYS A 365 4.41 -24.07 -11.54
N ALA A 366 5.04 -23.34 -12.48
CA ALA A 366 4.80 -21.94 -12.84
C ALA A 366 5.47 -20.99 -11.86
N GLU A 367 6.10 -21.50 -10.78
CA GLU A 367 6.95 -20.71 -9.91
C GLU A 367 8.40 -21.17 -9.90
N THR A 368 8.64 -22.49 -10.03
CA THR A 368 9.98 -22.98 -10.28
C THR A 368 10.38 -22.77 -11.74
N HIS A 369 9.41 -22.85 -12.65
CA HIS A 369 9.62 -22.55 -14.07
C HIS A 369 9.32 -21.09 -14.39
N ARG A 370 9.47 -20.19 -13.41
CA ARG A 370 9.11 -18.79 -13.63
C ARG A 370 9.90 -18.16 -14.76
N ARG A 371 11.10 -18.66 -15.03
CA ARG A 371 11.90 -18.15 -16.14
C ARG A 371 11.42 -18.64 -17.50
N HIS A 372 10.45 -19.55 -17.54
CA HIS A 372 9.93 -20.12 -18.78
C HIS A 372 8.48 -19.74 -19.03
N THR A 373 7.94 -18.74 -18.31
CA THR A 373 6.54 -18.38 -18.38
C THR A 373 6.40 -16.90 -18.69
N LEU A 374 5.45 -16.58 -19.56
CA LEU A 374 5.09 -15.20 -19.90
C LEU A 374 3.83 -14.84 -19.14
N PHE A 375 3.85 -13.69 -18.47
CA PHE A 375 2.77 -13.28 -17.59
C PHE A 375 1.88 -12.24 -18.26
N CYS A 376 0.62 -12.20 -17.82
CA CYS A 376 -0.37 -11.30 -18.40
C CYS A 376 0.02 -9.84 -18.17
N GLY A 377 -0.28 -9.01 -19.15
CA GLY A 377 -0.02 -7.58 -19.03
C GLY A 377 1.44 -7.24 -18.90
N THR A 378 2.30 -7.89 -19.69
CA THR A 378 3.72 -7.61 -19.72
C THR A 378 4.15 -7.44 -21.17
N LEU A 379 4.98 -6.42 -21.41
CA LEU A 379 5.38 -6.07 -22.76
C LEU A 379 6.46 -7.02 -23.27
N ILE A 380 6.27 -7.54 -24.48
CA ILE A 380 7.25 -8.39 -25.13
C ILE A 380 8.12 -7.50 -26.00
N LEU A 381 9.37 -7.30 -25.60
CA LEU A 381 10.28 -6.47 -26.40
C LEU A 381 10.61 -7.16 -27.72
N GLN A 382 10.77 -8.48 -27.70
CA GLN A 382 10.98 -9.23 -28.93
C GLN A 382 10.79 -10.71 -28.66
N ALA A 383 10.64 -11.47 -29.74
CA ALA A 383 10.46 -12.91 -29.64
C ALA A 383 11.13 -13.56 -30.85
N ARG A 384 12.06 -14.47 -30.57
CA ARG A 384 12.82 -15.17 -31.61
C ARG A 384 12.48 -16.65 -31.57
N ALA A 385 12.53 -17.28 -32.75
CA ALA A 385 12.19 -18.70 -32.83
C ALA A 385 13.43 -19.59 -32.74
N TYR A 386 14.35 -19.45 -33.70
CA TYR A 386 15.60 -20.21 -33.76
C TYR A 386 15.42 -21.69 -34.09
N VAL A 387 14.18 -22.18 -34.13
CA VAL A 387 13.92 -23.60 -34.39
C VAL A 387 12.80 -23.78 -35.41
N GLY A 388 12.05 -22.72 -35.70
CA GLY A 388 10.90 -22.82 -36.56
C GLY A 388 10.34 -21.47 -36.95
N PRO A 389 9.16 -21.46 -37.58
CA PRO A 389 8.59 -20.19 -38.03
C PRO A 389 8.18 -19.26 -36.90
N HIS A 390 7.40 -19.77 -35.94
CA HIS A 390 6.73 -18.94 -34.96
C HIS A 390 7.20 -19.29 -33.55
N VAL A 391 7.16 -18.28 -32.68
CA VAL A 391 7.42 -18.46 -31.25
C VAL A 391 6.11 -18.90 -30.60
N LEU A 392 6.05 -20.17 -30.19
CA LEU A 392 4.82 -20.77 -29.68
C LEU A 392 4.83 -20.79 -28.16
N ALA A 393 3.79 -20.24 -27.56
CA ALA A 393 3.52 -20.37 -26.14
C ALA A 393 2.24 -21.18 -25.95
N VAL A 394 2.00 -21.62 -24.72
CA VAL A 394 0.79 -22.38 -24.38
C VAL A 394 0.10 -21.68 -23.23
N VAL A 395 -1.17 -21.30 -23.44
CA VAL A 395 -1.91 -20.58 -22.42
C VAL A 395 -2.15 -21.48 -21.23
N THR A 396 -1.78 -21.01 -20.04
CA THR A 396 -1.83 -21.81 -18.82
C THR A 396 -2.95 -21.39 -17.89
N ARG A 397 -3.07 -20.10 -17.59
CA ARG A 397 -4.13 -19.59 -16.74
C ARG A 397 -4.61 -18.26 -17.30
N THR A 398 -5.92 -18.05 -17.26
CA THR A 398 -6.55 -16.87 -17.86
C THR A 398 -7.57 -16.30 -16.90
N GLY A 399 -7.81 -15.00 -17.01
CA GLY A 399 -8.76 -14.32 -16.15
C GLY A 399 -8.15 -13.88 -14.83
N PHE A 400 -8.89 -14.04 -13.74
CA PHE A 400 -8.42 -13.57 -12.45
C PHE A 400 -7.32 -14.44 -11.84
N CYS A 401 -7.25 -15.72 -12.22
CA CYS A 401 -6.25 -16.60 -11.63
C CYS A 401 -4.83 -16.27 -12.09
N THR A 402 -4.68 -15.46 -13.13
CA THR A 402 -3.35 -14.98 -13.50
C THR A 402 -2.74 -14.17 -12.36
N ALA A 403 -1.42 -14.05 -12.39
CA ALA A 403 -0.73 -13.29 -11.33
C ALA A 403 -1.20 -11.85 -11.30
N LYS A 404 -1.30 -11.22 -12.47
CA LYS A 404 -1.91 -9.89 -12.54
C LYS A 404 -3.34 -9.93 -12.03
N GLY A 405 -4.09 -10.96 -12.42
CA GLY A 405 -5.44 -11.12 -11.91
C GLY A 405 -5.47 -11.28 -10.41
N GLY A 406 -4.51 -12.01 -9.85
CA GLY A 406 -4.45 -12.15 -8.41
C GLY A 406 -4.18 -10.83 -7.70
N LEU A 407 -3.25 -10.04 -8.24
CA LEU A 407 -2.98 -8.73 -7.66
C LEU A 407 -4.20 -7.82 -7.76
N VAL A 408 -4.90 -7.85 -8.90
CA VAL A 408 -6.11 -7.06 -9.05
C VAL A 408 -7.17 -7.51 -8.05
N SER A 409 -7.30 -8.82 -7.84
CA SER A 409 -8.25 -9.34 -6.88
C SER A 409 -7.91 -8.85 -5.47
N SER A 410 -6.62 -8.87 -5.12
CA SER A 410 -6.21 -8.36 -3.82
C SER A 410 -6.55 -6.89 -3.68
N ILE A 411 -6.33 -6.10 -4.72
CA ILE A 411 -6.64 -4.68 -4.66
C ILE A 411 -8.15 -4.47 -4.49
N LEU A 412 -8.95 -5.21 -5.25
CA LEU A 412 -10.40 -5.04 -5.17
C LEU A 412 -10.94 -5.49 -3.82
N HIS A 413 -10.28 -6.44 -3.17
CA HIS A 413 -10.70 -6.97 -1.87
C HIS A 413 -9.48 -7.01 -0.95
N PRO A 414 -9.00 -5.86 -0.49
CA PRO A 414 -7.78 -5.84 0.30
C PRO A 414 -7.94 -6.55 1.64
N ARG A 415 -6.84 -7.10 2.11
CA ARG A 415 -6.82 -7.72 3.43
C ARG A 415 -7.06 -6.65 4.50
N PRO A 416 -7.65 -7.01 5.64
CA PRO A 416 -7.90 -6.02 6.68
C PRO A 416 -6.59 -5.49 7.24
N ILE A 417 -6.60 -4.22 7.64
CA ILE A 417 -5.40 -3.60 8.19
C ILE A 417 -5.08 -4.25 9.53
N ASN A 418 -3.81 -4.65 9.71
CA ASN A 418 -3.42 -5.34 10.93
C ASN A 418 -3.37 -4.38 12.11
N PHE A 419 -2.86 -3.18 11.89
CA PHE A 419 -2.65 -2.20 12.95
C PHE A 419 -3.89 -1.33 13.11
N LYS A 420 -4.42 -1.27 14.33
CA LYS A 420 -5.62 -0.49 14.58
C LYS A 420 -5.31 0.99 14.46
N PHE A 421 -6.29 1.75 13.95
CA PHE A 421 -6.16 3.20 13.83
C PHE A 421 -6.81 3.89 15.02
N TYR A 422 -8.06 3.56 15.33
CA TYR A 422 -8.71 3.98 16.56
C TYR A 422 -9.06 2.79 17.46
N LYS A 423 -9.91 1.88 16.98
CA LYS A 423 -10.42 0.74 17.73
C LYS A 423 -10.89 1.11 19.14
N HIS A 424 -11.24 2.39 19.35
CA HIS A 424 -11.70 2.86 20.64
C HIS A 424 -12.81 3.89 20.52
N SER A 425 -13.29 4.17 19.31
CA SER A 425 -14.32 5.18 19.11
C SER A 425 -15.66 4.76 19.70
N MET A 426 -15.86 3.47 19.95
CA MET A 426 -17.11 3.03 20.57
C MET A 426 -17.31 3.70 21.92
N LYS A 427 -16.27 3.68 22.76
CA LYS A 427 -16.37 4.33 24.06
C LYS A 427 -16.49 5.84 23.94
N PHE A 428 -15.80 6.43 22.96
CA PHE A 428 -15.86 7.88 22.77
C PHE A 428 -17.27 8.33 22.42
N VAL A 429 -17.86 7.71 21.39
CA VAL A 429 -19.22 8.08 21.01
C VAL A 429 -20.20 7.66 22.10
N ALA A 430 -19.88 6.63 22.89
CA ALA A 430 -20.72 6.30 24.03
C ALA A 430 -20.73 7.43 25.05
N ALA A 431 -19.56 8.00 25.34
CA ALA A 431 -19.50 9.13 26.26
C ALA A 431 -20.24 10.35 25.71
N LEU A 432 -20.08 10.61 24.41
CA LEU A 432 -20.80 11.73 23.80
C LEU A 432 -22.30 11.51 23.87
N SER A 433 -22.76 10.27 23.62
CA SER A 433 -24.17 9.97 23.76
C SER A 433 -24.64 10.10 25.20
N VAL A 434 -23.78 9.74 26.17
CA VAL A 434 -24.14 9.92 27.56
C VAL A 434 -24.38 11.40 27.87
N LEU A 435 -23.49 12.26 27.38
CA LEU A 435 -23.69 13.69 27.54
C LEU A 435 -24.98 14.14 26.87
N ALA A 436 -25.24 13.63 25.67
CA ALA A 436 -26.46 14.01 24.95
C ALA A 436 -27.71 13.57 25.71
N LEU A 437 -27.66 12.39 26.33
CA LEU A 437 -28.82 11.91 27.10
C LEU A 437 -29.02 12.73 28.37
N LEU A 438 -27.94 13.05 29.09
CA LEU A 438 -28.08 13.93 30.25
C LEU A 438 -28.56 15.31 29.85
N GLY A 439 -28.32 15.74 28.61
CA GLY A 439 -28.88 16.99 28.13
C GLY A 439 -30.34 16.90 27.75
N THR A 440 -30.72 15.83 27.04
CA THR A 440 -32.11 15.73 26.61
C THR A 440 -33.03 15.37 27.77
N ILE A 441 -32.50 14.80 28.86
CA ILE A 441 -33.31 14.65 30.07
C ILE A 441 -33.70 16.02 30.60
N TYR A 442 -32.74 16.93 30.68
CA TYR A 442 -33.06 18.31 31.08
C TYR A 442 -34.02 18.94 30.09
N SER A 443 -33.83 18.68 28.80
CA SER A 443 -34.71 19.27 27.79
C SER A 443 -36.16 18.82 28.00
N ILE A 444 -36.38 17.50 28.12
CA ILE A 444 -37.73 16.99 28.29
C ILE A 444 -38.33 17.50 29.59
N PHE A 445 -37.53 17.55 30.66
CA PHE A 445 -38.04 18.00 31.95
C PHE A 445 -38.48 19.46 31.88
N ILE A 446 -37.62 20.33 31.35
CA ILE A 446 -37.93 21.76 31.34
C ILE A 446 -39.08 22.03 30.38
N LEU A 447 -39.15 21.29 29.27
CA LEU A 447 -40.31 21.44 28.39
C LEU A 447 -41.59 21.05 29.10
N TYR A 448 -41.56 19.94 29.85
CA TYR A 448 -42.74 19.55 30.62
C TYR A 448 -43.08 20.58 31.68
N ARG A 449 -42.08 21.31 32.18
CA ARG A 449 -42.33 22.30 33.23
C ARG A 449 -43.30 23.37 32.74
N ASN A 450 -43.12 23.85 31.52
CA ASN A 450 -43.99 24.87 30.94
C ASN A 450 -45.11 24.22 30.14
N ARG A 451 -46.07 25.04 29.74
CA ARG A 451 -47.27 24.55 29.06
C ARG A 451 -46.95 24.35 27.57
N VAL A 452 -46.74 23.10 27.18
CA VAL A 452 -46.56 22.73 25.78
C VAL A 452 -47.27 21.41 25.53
N PRO A 453 -47.89 21.19 24.36
CA PRO A 453 -48.53 19.90 24.11
C PRO A 453 -47.53 18.77 24.05
N LEU A 454 -47.98 17.57 24.42
CA LEU A 454 -47.09 16.41 24.46
C LEU A 454 -46.53 16.10 23.08
N ASN A 455 -47.34 16.26 22.03
CA ASN A 455 -46.81 16.08 20.68
C ASN A 455 -45.68 17.06 20.40
N GLU A 456 -45.86 18.33 20.76
CA GLU A 456 -44.79 19.29 20.60
C GLU A 456 -43.60 18.95 21.48
N ILE A 457 -43.85 18.37 22.66
CA ILE A 457 -42.75 17.99 23.54
C ILE A 457 -41.87 16.93 22.88
N VAL A 458 -42.49 15.87 22.38
CA VAL A 458 -41.71 14.81 21.73
C VAL A 458 -41.07 15.33 20.44
N ILE A 459 -41.75 16.24 19.73
CA ILE A 459 -41.16 16.81 18.53
C ILE A 459 -39.91 17.61 18.88
N ARG A 460 -39.96 18.40 19.95
CA ARG A 460 -38.79 19.15 20.37
C ARG A 460 -37.66 18.23 20.78
N ALA A 461 -37.98 17.15 21.50
CA ALA A 461 -36.96 16.20 21.90
C ALA A 461 -36.28 15.58 20.69
N LEU A 462 -37.08 15.11 19.73
CA LEU A 462 -36.49 14.48 18.54
C LEU A 462 -35.72 15.50 17.70
N ASP A 463 -36.18 16.76 17.69
CA ASP A 463 -35.42 17.81 17.03
C ASP A 463 -34.04 17.95 17.66
N LEU A 464 -33.98 17.94 19.00
CA LEU A 464 -32.70 18.05 19.69
C LEU A 464 -31.79 16.87 19.34
N VAL A 465 -32.34 15.66 19.35
CA VAL A 465 -31.53 14.49 19.00
C VAL A 465 -31.00 14.60 17.57
N THR A 466 -31.83 15.08 16.64
CA THR A 466 -31.36 15.24 15.27
C THR A 466 -30.26 16.30 15.20
N VAL A 467 -30.38 17.36 15.99
CA VAL A 467 -29.33 18.38 16.02
C VAL A 467 -28.03 17.82 16.58
N VAL A 468 -28.10 16.80 17.45
CA VAL A 468 -26.87 16.22 17.98
C VAL A 468 -26.01 15.67 16.86
N VAL A 469 -26.62 15.02 15.88
CA VAL A 469 -25.90 14.38 14.79
C VAL A 469 -25.54 15.42 13.73
N PRO A 470 -24.27 15.58 13.34
CA PRO A 470 -23.94 16.51 12.25
C PRO A 470 -23.95 15.79 10.91
N PRO A 471 -24.53 16.39 9.86
CA PRO A 471 -24.57 15.71 8.55
C PRO A 471 -23.30 15.80 7.74
N ALA A 472 -22.28 16.53 8.19
CA ALA A 472 -21.08 16.77 7.41
C ALA A 472 -19.94 15.81 7.74
N LEU A 473 -20.14 14.86 8.64
CA LEU A 473 -19.05 13.97 9.04
C LEU A 473 -18.52 13.12 7.89
N PRO A 474 -19.34 12.36 7.15
CA PRO A 474 -18.78 11.60 6.02
C PRO A 474 -18.12 12.49 4.99
N ALA A 475 -18.70 13.67 4.73
CA ALA A 475 -18.08 14.59 3.79
C ALA A 475 -16.71 15.04 4.29
N ALA A 476 -16.60 15.31 5.60
CA ALA A 476 -15.32 15.71 6.15
C ALA A 476 -14.28 14.61 6.01
N MET A 477 -14.67 13.36 6.33
CA MET A 477 -13.73 12.24 6.16
C MET A 477 -13.28 12.13 4.71
N THR A 478 -14.24 12.13 3.78
CA THR A 478 -13.91 11.91 2.38
C THR A 478 -13.02 13.02 1.85
N VAL A 479 -13.33 14.28 2.19
CA VAL A 479 -12.54 15.38 1.66
C VAL A 479 -11.16 15.39 2.28
N CYS A 480 -11.03 15.00 3.55
CA CYS A 480 -9.70 14.88 4.15
C CYS A 480 -8.86 13.85 3.42
N THR A 481 -9.44 12.68 3.16
CA THR A 481 -8.70 11.63 2.46
C THR A 481 -8.31 12.09 1.05
N LEU A 482 -9.25 12.72 0.34
CA LEU A 482 -8.97 13.19 -1.01
C LEU A 482 -7.87 14.25 -1.01
N TYR A 483 -7.89 15.16 -0.03
CA TYR A 483 -6.84 16.16 0.07
C TYR A 483 -5.48 15.51 0.28
N ALA A 484 -5.41 14.53 1.19
CA ALA A 484 -4.13 13.87 1.44
C ALA A 484 -3.62 13.16 0.19
N GLN A 485 -4.51 12.45 -0.51
CA GLN A 485 -4.10 11.75 -1.72
C GLN A 485 -3.64 12.73 -2.79
N SER A 486 -4.34 13.86 -2.93
CA SER A 486 -3.93 14.85 -3.91
C SER A 486 -2.58 15.45 -3.55
N ARG A 487 -2.32 15.67 -2.26
CA ARG A 487 -1.01 16.17 -1.85
C ARG A 487 0.09 15.18 -2.23
N LEU A 488 -0.14 13.90 -1.94
CA LEU A 488 0.86 12.89 -2.29
C LEU A 488 1.09 12.85 -3.80
N ARG A 489 0.00 12.90 -4.57
CA ARG A 489 0.14 12.86 -6.03
C ARG A 489 0.90 14.07 -6.54
N ARG A 490 0.65 15.25 -5.96
CA ARG A 490 1.41 16.44 -6.33
C ARG A 490 2.87 16.29 -5.98
N GLN A 491 3.19 15.56 -4.90
CA GLN A 491 4.58 15.28 -4.59
C GLN A 491 5.18 14.18 -5.47
N GLY A 492 4.37 13.50 -6.26
CA GLY A 492 4.86 12.48 -7.16
C GLY A 492 4.78 11.06 -6.63
N ILE A 493 3.96 10.81 -5.61
CA ILE A 493 3.80 9.48 -5.02
C ILE A 493 2.33 9.11 -5.14
N PHE A 494 2.09 7.88 -5.61
CA PHE A 494 0.73 7.41 -5.91
C PHE A 494 0.42 6.20 -5.04
N CYS A 495 -0.75 6.23 -4.41
CA CYS A 495 -1.26 5.14 -3.61
C CYS A 495 -2.55 4.63 -4.23
N ILE A 496 -2.64 3.31 -4.43
CA ILE A 496 -3.79 2.74 -5.13
C ILE A 496 -5.05 2.96 -4.31
N HIS A 497 -4.99 2.68 -3.01
CA HIS A 497 -6.12 2.86 -2.09
C HIS A 497 -5.66 3.75 -0.95
N PRO A 498 -6.19 4.97 -0.81
CA PRO A 498 -5.64 5.88 0.21
C PRO A 498 -5.88 5.43 1.65
N LEU A 499 -6.64 4.36 1.86
CA LEU A 499 -6.91 3.89 3.22
C LEU A 499 -5.64 3.54 3.99
N ARG A 500 -4.54 3.24 3.29
CA ARG A 500 -3.28 2.91 3.95
C ARG A 500 -2.42 4.13 4.26
N ILE A 501 -2.82 5.33 3.80
CA ILE A 501 -1.97 6.51 3.97
C ILE A 501 -1.65 6.73 5.44
N ASN A 502 -2.67 6.63 6.30
CA ASN A 502 -2.46 6.89 7.73
C ASN A 502 -1.49 5.91 8.36
N LEU A 503 -1.26 4.74 7.75
CA LEU A 503 -0.25 3.84 8.29
C LEU A 503 1.11 4.52 8.33
N GLY A 504 1.41 5.33 7.32
CA GLY A 504 2.66 6.05 7.30
C GLY A 504 2.85 6.96 8.49
N GLY A 505 1.76 7.39 9.12
CA GLY A 505 1.87 8.23 10.28
C GLY A 505 2.26 7.51 11.55
N LYS A 506 2.35 6.18 11.51
CA LYS A 506 2.74 5.39 12.67
C LYS A 506 3.72 4.29 12.30
N LEU A 507 4.60 4.55 11.33
CA LEU A 507 5.67 3.62 11.02
C LEU A 507 6.80 3.79 12.02
N GLN A 508 7.35 2.66 12.47
CA GLN A 508 8.44 2.64 13.44
C GLN A 508 9.58 1.74 13.00
N LEU A 509 9.58 1.28 11.76
CA LEU A 509 10.66 0.44 11.23
C LEU A 509 10.55 0.43 9.72
N VAL A 510 11.63 0.80 9.03
CA VAL A 510 11.64 0.87 7.58
C VAL A 510 12.80 0.03 7.07
N CYS A 511 12.52 -0.82 6.08
CA CYS A 511 13.51 -1.66 5.43
C CYS A 511 13.88 -1.07 4.07
N PHE A 512 15.16 -1.20 3.72
CA PHE A 512 15.68 -0.78 2.42
C PHE A 512 16.49 -1.91 1.83
N ASP A 513 16.61 -1.90 0.51
CA ASP A 513 17.54 -2.76 -0.20
C ASP A 513 18.67 -1.93 -0.76
N LYS A 514 19.87 -2.50 -0.78
CA LYS A 514 21.07 -1.72 -1.08
C LYS A 514 21.09 -1.28 -2.54
N THR A 515 21.11 -2.23 -3.47
CA THR A 515 21.35 -1.89 -4.87
C THR A 515 20.11 -1.26 -5.48
N GLY A 516 20.30 -0.11 -6.11
CA GLY A 516 19.23 0.61 -6.78
C GLY A 516 18.52 1.65 -5.95
N THR A 517 18.07 1.26 -4.75
CA THR A 517 17.36 2.21 -3.89
C THR A 517 18.33 3.07 -3.09
N LEU A 518 19.15 2.45 -2.24
CA LEU A 518 20.10 3.21 -1.44
C LEU A 518 21.27 3.70 -2.29
N THR A 519 21.75 2.86 -3.21
CA THR A 519 22.90 3.17 -4.05
C THR A 519 22.44 3.44 -5.47
N GLU A 520 23.34 4.04 -6.25
CA GLU A 520 23.04 4.35 -7.65
C GLU A 520 22.76 3.08 -8.43
N ASP A 521 21.82 3.18 -9.37
CA ASP A 521 21.50 2.02 -10.20
C ASP A 521 22.69 1.59 -11.04
N GLY A 522 23.42 2.55 -11.59
CA GLY A 522 24.55 2.23 -12.45
C GLY A 522 25.74 1.71 -11.66
N LEU A 523 26.71 1.20 -12.42
CA LEU A 523 27.91 0.60 -11.86
C LEU A 523 29.12 1.09 -12.65
N ASP A 524 30.28 1.03 -12.00
CA ASP A 524 31.55 1.38 -12.62
C ASP A 524 32.49 0.20 -12.47
N VAL A 525 33.04 -0.28 -13.59
CA VAL A 525 33.86 -1.48 -13.61
C VAL A 525 35.28 -1.08 -13.23
N MET A 526 35.62 -1.25 -11.95
CA MET A 526 36.96 -0.90 -11.48
C MET A 526 38.01 -1.80 -12.12
N GLY A 527 37.73 -3.10 -12.23
CA GLY A 527 38.68 -3.98 -12.87
C GLY A 527 38.31 -5.44 -12.68
N VAL A 528 39.26 -6.29 -13.07
CA VAL A 528 39.10 -7.74 -13.00
C VAL A 528 40.37 -8.33 -12.41
N VAL A 529 40.20 -9.22 -11.43
CA VAL A 529 41.28 -9.95 -10.78
C VAL A 529 41.34 -11.34 -11.42
N PRO A 530 42.40 -11.69 -12.14
CA PRO A 530 42.51 -13.05 -12.69
C PRO A 530 43.29 -14.00 -11.78
N LEU A 531 43.25 -15.27 -12.15
CA LEU A 531 44.00 -16.35 -11.52
C LEU A 531 45.02 -16.89 -12.51
N LYS A 532 46.05 -17.58 -11.99
CA LYS A 532 46.97 -18.28 -12.87
C LYS A 532 46.64 -19.77 -12.93
N GLY A 533 46.84 -20.50 -11.82
CA GLY A 533 46.16 -21.77 -11.64
C GLY A 533 45.52 -21.92 -10.27
N GLN A 534 46.21 -21.40 -9.24
CA GLN A 534 45.65 -21.38 -7.89
C GLN A 534 46.11 -20.16 -7.11
N ALA A 535 46.49 -19.07 -7.77
CA ALA A 535 46.96 -17.87 -7.10
C ALA A 535 46.47 -16.65 -7.87
N PHE A 536 45.95 -15.67 -7.13
CA PHE A 536 45.43 -14.47 -7.77
C PHE A 536 46.57 -13.65 -8.35
N LEU A 537 46.19 -12.62 -9.10
CA LEU A 537 47.11 -11.72 -9.78
C LEU A 537 46.65 -10.29 -9.56
N PRO A 538 47.50 -9.30 -9.83
CA PRO A 538 47.09 -7.91 -9.62
C PRO A 538 45.88 -7.54 -10.46
N LEU A 539 45.05 -6.67 -9.89
CA LEU A 539 43.86 -6.21 -10.59
C LEU A 539 44.24 -5.52 -11.90
N VAL A 540 43.43 -5.77 -12.92
CA VAL A 540 43.62 -5.19 -14.25
C VAL A 540 42.59 -4.08 -14.42
N PRO A 541 43.00 -2.79 -14.55
CA PRO A 541 42.00 -1.72 -14.63
C PRO A 541 41.02 -1.86 -15.79
N GLU A 542 41.55 -1.91 -17.02
CA GLU A 542 40.71 -2.09 -18.19
C GLU A 542 40.76 -3.54 -18.64
N PRO A 543 39.64 -4.28 -18.66
CA PRO A 543 39.70 -5.67 -19.15
C PRO A 543 40.01 -5.79 -20.63
N ARG A 544 40.04 -4.68 -21.37
CA ARG A 544 40.34 -4.74 -22.80
C ARG A 544 41.70 -5.38 -23.05
N ARG A 545 42.65 -5.18 -22.15
CA ARG A 545 44.04 -5.57 -22.36
C ARG A 545 44.33 -7.01 -21.95
N LEU A 546 43.30 -7.78 -21.58
CA LEU A 546 43.51 -9.18 -21.31
C LEU A 546 43.84 -9.92 -22.60
N PRO A 547 44.61 -11.01 -22.53
CA PRO A 547 44.80 -11.85 -23.72
C PRO A 547 43.59 -12.71 -23.98
N VAL A 548 43.53 -13.25 -25.21
CA VAL A 548 42.43 -14.13 -25.58
C VAL A 548 42.49 -15.37 -24.72
N GLY A 549 41.38 -15.69 -24.05
CA GLY A 549 41.33 -16.79 -23.14
C GLY A 549 40.00 -16.88 -22.42
N PRO A 550 39.89 -17.82 -21.48
CA PRO A 550 38.60 -18.02 -20.80
C PRO A 550 38.05 -16.78 -20.12
N LEU A 551 38.91 -15.96 -19.51
CA LEU A 551 38.40 -14.82 -18.75
C LEU A 551 37.81 -13.75 -19.66
N LEU A 552 38.53 -13.40 -20.73
CA LEU A 552 38.02 -12.39 -21.66
C LEU A 552 36.74 -12.87 -22.32
N ARG A 553 36.70 -14.14 -22.74
CA ARG A 553 35.50 -14.68 -23.36
C ARG A 553 34.34 -14.70 -22.37
N ALA A 554 34.60 -15.05 -21.11
CA ALA A 554 33.55 -15.08 -20.11
C ALA A 554 32.99 -13.68 -19.87
N LEU A 555 33.87 -12.68 -19.79
CA LEU A 555 33.42 -11.31 -19.59
C LEU A 555 32.60 -10.83 -20.78
N ALA A 556 33.03 -11.18 -22.00
CA ALA A 556 32.31 -10.74 -23.19
C ALA A 556 30.95 -11.42 -23.31
N THR A 557 30.87 -12.70 -22.96
CA THR A 557 29.74 -13.53 -23.38
C THR A 557 28.70 -13.77 -22.29
N CYS A 558 29.07 -13.73 -21.02
CA CYS A 558 28.18 -14.16 -19.95
C CYS A 558 27.25 -13.01 -19.57
N HIS A 559 26.05 -13.01 -20.15
CA HIS A 559 25.03 -12.01 -19.84
C HIS A 559 23.74 -12.30 -20.59
N ALA A 560 22.71 -11.50 -20.36
CA ALA A 560 21.44 -11.57 -21.07
C ALA A 560 21.19 -10.29 -21.85
N LEU A 561 22.23 -9.73 -22.45
CA LEU A 561 22.09 -8.53 -23.25
C LEU A 561 21.45 -8.86 -24.60
N SER A 562 20.64 -7.92 -25.09
CA SER A 562 20.01 -8.04 -26.39
C SER A 562 19.90 -6.65 -26.99
N ARG A 563 20.14 -6.55 -28.30
CA ARG A 563 20.04 -5.27 -28.99
C ARG A 563 18.58 -4.95 -29.28
N LEU A 564 18.18 -3.73 -28.94
CA LEU A 564 16.79 -3.28 -29.11
C LEU A 564 16.85 -1.86 -29.69
N GLN A 565 16.57 -1.76 -30.99
CA GLN A 565 16.61 -0.50 -31.72
C GLN A 565 18.00 0.12 -31.66
N ASP A 566 18.98 -0.63 -32.15
CA ASP A 566 20.35 -0.16 -32.29
C ASP A 566 20.95 0.27 -30.94
N THR A 567 20.56 -0.41 -29.86
CA THR A 567 21.10 -0.15 -28.54
C THR A 567 21.05 -1.44 -27.71
N PRO A 568 22.17 -1.90 -27.14
CA PRO A 568 22.08 -3.03 -26.20
C PRO A 568 21.28 -2.64 -24.97
N VAL A 569 20.55 -3.63 -24.44
CA VAL A 569 19.75 -3.43 -23.23
C VAL A 569 19.85 -4.68 -22.38
N GLY A 570 19.69 -4.51 -21.07
CA GLY A 570 19.80 -5.61 -20.14
C GLY A 570 20.10 -5.08 -18.74
N ASP A 571 20.70 -5.94 -17.94
CA ASP A 571 21.08 -5.55 -16.59
C ASP A 571 22.16 -4.47 -16.66
N PRO A 572 22.16 -3.48 -15.75
CA PRO A 572 23.28 -2.52 -15.74
C PRO A 572 24.63 -3.19 -15.57
N MET A 573 24.70 -4.22 -14.74
CA MET A 573 25.94 -4.96 -14.53
C MET A 573 26.48 -5.50 -15.85
N ASP A 574 25.62 -6.21 -16.60
CA ASP A 574 26.05 -6.79 -17.86
C ASP A 574 26.43 -5.71 -18.86
N LEU A 575 25.65 -4.63 -18.93
CA LEU A 575 25.96 -3.56 -19.88
C LEU A 575 27.33 -2.97 -19.61
N LYS A 576 27.61 -2.62 -18.36
CA LYS A 576 28.90 -2.03 -18.05
C LYS A 576 30.04 -3.04 -18.25
N MET A 577 29.81 -4.31 -17.93
CA MET A 577 30.85 -5.31 -18.14
C MET A 577 31.20 -5.42 -19.62
N VAL A 578 30.19 -5.55 -20.48
CA VAL A 578 30.45 -5.70 -21.90
C VAL A 578 31.06 -4.43 -22.47
N GLU A 579 30.65 -3.26 -21.96
CA GLU A 579 31.30 -2.02 -22.37
C GLU A 579 32.78 -2.04 -22.00
N SER A 580 33.10 -2.56 -20.81
CA SER A 580 34.49 -2.65 -20.37
C SER A 580 35.30 -3.56 -21.29
N THR A 581 34.72 -4.69 -21.68
CA THR A 581 35.45 -5.61 -22.55
C THR A 581 35.69 -5.01 -23.93
N GLY A 582 34.66 -4.41 -24.51
CA GLY A 582 34.72 -3.90 -25.88
C GLY A 582 34.18 -4.84 -26.93
N TRP A 583 33.92 -6.09 -26.59
CA TRP A 583 33.38 -7.06 -27.53
C TRP A 583 31.93 -6.68 -27.82
N VAL A 584 31.70 -6.08 -28.99
CA VAL A 584 30.41 -5.54 -29.34
C VAL A 584 29.48 -6.65 -29.78
N LEU A 585 28.23 -6.58 -29.31
CA LEU A 585 27.23 -7.58 -29.68
C LEU A 585 26.89 -7.46 -31.16
N GLU A 586 26.78 -8.60 -31.82
CA GLU A 586 26.43 -8.64 -33.24
C GLU A 586 24.93 -8.87 -33.41
N ALA A 591 21.16 -19.58 -36.44
CA ALA A 591 21.80 -19.94 -37.69
C ALA A 591 23.28 -20.28 -37.46
N ASP A 592 23.92 -20.79 -38.50
CA ASP A 592 25.36 -21.13 -38.50
C ASP A 592 25.75 -21.88 -37.23
N SER A 593 24.93 -22.87 -36.86
CA SER A 593 25.16 -23.64 -35.65
C SER A 593 26.54 -24.29 -35.67
N ALA A 594 27.26 -24.17 -34.57
CA ALA A 594 28.62 -24.73 -34.52
C ALA A 594 28.57 -26.23 -34.22
N PHE A 595 28.12 -26.59 -33.02
CA PHE A 595 27.96 -28.00 -32.64
C PHE A 595 26.54 -28.35 -32.22
N GLY A 596 26.00 -27.65 -31.22
CA GLY A 596 24.79 -28.13 -30.55
C GLY A 596 23.49 -27.72 -31.20
N THR A 597 23.25 -26.41 -31.30
CA THR A 597 21.98 -25.89 -31.80
C THR A 597 22.27 -24.57 -32.51
N GLN A 598 21.21 -23.91 -32.95
CA GLN A 598 21.36 -22.61 -33.59
C GLN A 598 21.86 -21.59 -32.58
N VAL A 599 22.75 -20.71 -33.04
CA VAL A 599 23.39 -19.75 -32.14
C VAL A 599 22.36 -18.73 -31.67
N LEU A 600 22.35 -18.46 -30.37
CA LEU A 600 21.46 -17.44 -29.82
C LEU A 600 21.99 -16.04 -30.13
N ALA A 601 23.30 -15.86 -30.12
CA ALA A 601 23.90 -14.56 -30.37
C ALA A 601 25.34 -14.77 -30.82
N VAL A 602 25.93 -13.70 -31.35
CA VAL A 602 27.31 -13.70 -31.81
C VAL A 602 27.99 -12.45 -31.27
N MET A 603 29.26 -12.58 -30.93
CA MET A 603 30.10 -11.47 -30.48
C MET A 603 31.33 -11.35 -31.34
N ARG A 604 31.74 -10.11 -31.57
CA ARG A 604 32.86 -9.73 -32.39
C ARG A 604 33.88 -9.01 -31.53
N PRO A 605 35.17 -9.33 -31.61
CA PRO A 605 36.16 -8.57 -30.84
C PRO A 605 36.47 -7.25 -31.50
N PRO A 606 36.72 -6.19 -30.74
CA PRO A 606 36.96 -4.89 -31.36
C PRO A 606 38.30 -4.88 -32.09
N LEU A 607 38.26 -4.51 -33.37
CA LEU A 607 39.47 -4.46 -34.17
C LEU A 607 40.39 -3.36 -33.65
N TRP A 608 41.64 -3.72 -33.36
CA TRP A 608 42.64 -2.77 -32.88
C TRP A 608 43.94 -3.52 -32.70
N GLU A 609 45.03 -2.76 -32.58
CA GLU A 609 46.35 -3.33 -32.33
C GLU A 609 46.73 -4.32 -33.43
N PRO A 610 47.05 -3.84 -34.63
CA PRO A 610 47.48 -4.77 -35.69
C PRO A 610 48.67 -5.61 -35.29
N GLN A 611 49.59 -5.08 -34.49
CA GLN A 611 50.72 -5.84 -33.98
C GLN A 611 50.38 -6.58 -32.69
N LEU A 612 49.82 -5.86 -31.71
CA LEU A 612 49.54 -6.46 -30.41
C LEU A 612 48.44 -7.51 -30.50
N GLN A 613 47.31 -7.17 -31.14
CA GLN A 613 46.18 -8.09 -31.18
C GLN A 613 46.52 -9.34 -31.97
N ALA A 614 47.13 -9.18 -33.14
CA ALA A 614 47.58 -10.29 -33.96
C ALA A 614 48.99 -10.76 -33.60
N MET A 615 49.53 -10.30 -32.46
CA MET A 615 50.83 -10.79 -32.02
C MET A 615 50.80 -12.29 -31.75
N GLU A 616 49.65 -12.81 -31.30
CA GLU A 616 49.49 -14.25 -31.09
C GLU A 616 48.01 -14.55 -30.96
N GLU A 617 47.49 -15.41 -31.84
CA GLU A 617 46.08 -15.80 -31.79
C GLU A 617 45.18 -14.57 -31.84
N PRO A 618 45.03 -13.93 -32.99
CA PRO A 618 44.14 -12.76 -33.08
C PRO A 618 42.73 -13.12 -32.65
N PRO A 619 42.02 -12.21 -31.97
CA PRO A 619 40.68 -12.56 -31.46
C PRO A 619 39.74 -13.01 -32.58
N VAL A 620 38.84 -13.92 -32.22
CA VAL A 620 37.91 -14.54 -33.17
C VAL A 620 36.50 -14.40 -32.60
N PRO A 621 35.45 -14.18 -33.41
CA PRO A 621 34.12 -14.01 -32.84
C PRO A 621 33.63 -15.28 -32.14
N VAL A 622 32.77 -15.08 -31.13
CA VAL A 622 32.31 -16.15 -30.26
C VAL A 622 30.79 -16.25 -30.37
N SER A 623 30.29 -17.47 -30.56
CA SER A 623 28.87 -17.74 -30.68
C SER A 623 28.32 -18.30 -29.37
N VAL A 624 27.08 -17.94 -29.06
CA VAL A 624 26.40 -18.36 -27.84
C VAL A 624 25.33 -19.37 -28.22
N LEU A 625 25.38 -20.56 -27.62
CA LEU A 625 24.48 -21.66 -27.95
C LEU A 625 23.37 -21.84 -26.94
N HIS A 626 23.70 -21.88 -25.64
CA HIS A 626 22.71 -22.05 -24.59
C HIS A 626 22.85 -20.92 -23.58
N ARG A 627 21.71 -20.44 -23.08
CA ARG A 627 21.67 -19.39 -22.08
C ARG A 627 20.79 -19.83 -20.91
N PHE A 628 21.26 -19.54 -19.71
CA PHE A 628 20.55 -19.86 -18.47
C PHE A 628 20.35 -18.57 -17.69
N PRO A 629 19.15 -17.96 -17.69
CA PRO A 629 19.02 -16.61 -17.15
C PRO A 629 19.31 -16.53 -15.66
N PHE A 630 19.62 -15.32 -15.22
CA PHE A 630 19.88 -15.05 -13.81
C PHE A 630 18.58 -14.92 -13.04
N SER A 631 18.59 -15.42 -11.80
CA SER A 631 17.48 -15.22 -10.88
C SER A 631 18.04 -14.98 -9.48
N SER A 632 17.42 -14.05 -8.76
CA SER A 632 17.94 -13.65 -7.46
C SER A 632 17.96 -14.81 -6.47
N ALA A 633 17.06 -15.78 -6.65
CA ALA A 633 17.02 -16.91 -5.73
C ALA A 633 18.34 -17.68 -5.76
N LEU A 634 18.89 -17.90 -6.95
CA LEU A 634 20.17 -18.59 -7.14
C LEU A 634 21.12 -17.61 -7.82
N GLN A 635 22.10 -17.11 -7.07
CA GLN A 635 22.94 -15.99 -7.52
C GLN A 635 23.90 -16.50 -8.58
N ARG A 636 23.39 -16.67 -9.79
CA ARG A 636 24.12 -17.40 -10.81
C ARG A 636 23.59 -17.07 -12.19
N MET A 637 24.45 -17.23 -13.19
CA MET A 637 24.06 -17.16 -14.59
C MET A 637 25.05 -18.01 -15.37
N SER A 638 24.55 -18.95 -16.16
CA SER A 638 25.39 -19.83 -16.95
C SER A 638 25.12 -19.62 -18.43
N VAL A 639 26.19 -19.66 -19.23
CA VAL A 639 26.09 -19.57 -20.67
C VAL A 639 27.00 -20.63 -21.26
N VAL A 640 26.67 -21.09 -22.47
CA VAL A 640 27.50 -22.03 -23.22
C VAL A 640 27.86 -21.38 -24.55
N VAL A 641 29.12 -21.47 -24.95
CA VAL A 641 29.62 -20.77 -26.12
C VAL A 641 30.63 -21.63 -26.87
N ALA A 642 30.87 -21.22 -28.12
CA ALA A 642 31.87 -21.85 -28.97
C ALA A 642 32.47 -20.77 -29.87
N TRP A 643 33.44 -21.16 -30.68
CA TRP A 643 34.10 -20.25 -31.59
C TRP A 643 34.67 -21.06 -32.75
N PRO A 644 35.16 -20.40 -33.82
CA PRO A 644 35.71 -21.15 -34.96
C PRO A 644 36.86 -22.09 -34.61
N GLY A 645 37.44 -21.97 -33.42
CA GLY A 645 38.31 -23.00 -32.89
C GLY A 645 37.44 -23.98 -32.11
N ALA A 646 37.60 -24.01 -30.79
CA ALA A 646 36.61 -24.64 -29.91
C ALA A 646 36.43 -26.12 -30.26
N THR A 647 37.48 -26.90 -29.99
CA THR A 647 37.38 -28.34 -30.16
C THR A 647 36.18 -28.90 -29.42
N GLN A 648 35.82 -28.31 -28.29
CA GLN A 648 34.57 -28.58 -27.60
C GLN A 648 34.00 -27.26 -27.11
N PRO A 649 32.70 -27.20 -26.79
CA PRO A 649 32.15 -25.95 -26.25
C PRO A 649 32.73 -25.59 -24.91
N GLU A 650 32.36 -24.42 -24.39
CA GLU A 650 32.82 -23.99 -23.06
C GLU A 650 31.67 -23.30 -22.34
N ALA A 651 31.46 -23.67 -21.08
CA ALA A 651 30.43 -23.08 -20.25
C ALA A 651 31.06 -22.10 -19.27
N TYR A 652 30.49 -20.89 -19.20
CA TYR A 652 30.94 -19.83 -18.31
C TYR A 652 29.83 -19.51 -17.33
N VAL A 653 30.19 -19.40 -16.05
CA VAL A 653 29.25 -19.12 -14.97
C VAL A 653 29.68 -17.84 -14.26
N LYS A 654 28.76 -16.90 -14.13
CA LYS A 654 28.95 -15.64 -13.44
C LYS A 654 28.02 -15.61 -12.24
N GLY A 655 28.55 -15.35 -11.06
CA GLY A 655 27.69 -15.40 -9.88
C GLY A 655 28.31 -14.75 -8.68
N SER A 656 27.65 -14.94 -7.54
CA SER A 656 28.18 -14.41 -6.30
C SER A 656 29.51 -15.11 -5.98
N PRO A 657 30.49 -14.40 -5.43
CA PRO A 657 31.79 -15.07 -5.20
C PRO A 657 31.71 -16.28 -4.30
N GLU A 658 30.90 -16.23 -3.24
CA GLU A 658 30.85 -17.35 -2.30
C GLU A 658 30.24 -18.58 -2.98
N LEU A 659 29.08 -18.42 -3.60
CA LEU A 659 28.42 -19.55 -4.23
C LEU A 659 29.24 -20.10 -5.39
N VAL A 660 29.78 -19.21 -6.22
CA VAL A 660 30.59 -19.65 -7.35
C VAL A 660 31.82 -20.40 -6.87
N ALA A 661 32.50 -19.88 -5.85
CA ALA A 661 33.67 -20.56 -5.31
C ALA A 661 33.28 -21.91 -4.72
N GLY A 662 32.08 -22.01 -4.16
CA GLY A 662 31.60 -23.31 -3.73
C GLY A 662 31.40 -24.26 -4.88
N LEU A 663 30.92 -23.76 -6.02
CA LEU A 663 30.73 -24.62 -7.19
C LEU A 663 32.06 -24.97 -7.86
N CYS A 664 33.08 -24.13 -7.74
CA CYS A 664 34.31 -24.37 -8.47
C CYS A 664 35.07 -25.56 -7.91
N ASN A 665 36.00 -26.07 -8.71
CA ASN A 665 36.86 -27.16 -8.29
C ASN A 665 37.68 -26.71 -7.08
N PRO A 666 37.73 -27.49 -5.99
CA PRO A 666 38.46 -27.01 -4.81
C PRO A 666 39.92 -26.69 -5.05
N GLU A 667 40.60 -27.38 -5.96
CA GLU A 667 42.01 -27.09 -6.21
C GLU A 667 42.22 -25.95 -7.18
N THR A 668 41.14 -25.40 -7.76
CA THR A 668 41.24 -24.19 -8.58
C THR A 668 41.03 -22.92 -7.77
N VAL A 669 40.41 -23.01 -6.60
CA VAL A 669 40.16 -21.85 -5.75
C VAL A 669 41.40 -21.63 -4.89
N PRO A 670 42.01 -20.45 -4.90
CA PRO A 670 43.14 -20.21 -4.00
C PRO A 670 42.71 -20.24 -2.55
N THR A 671 43.68 -20.54 -1.68
CA THR A 671 43.39 -20.68 -0.26
C THR A 671 42.91 -19.37 0.34
N ASP A 672 43.47 -18.25 -0.12
CA ASP A 672 43.16 -16.94 0.43
C ASP A 672 42.05 -16.22 -0.33
N PHE A 673 41.09 -16.98 -0.87
CA PHE A 673 39.97 -16.38 -1.59
C PHE A 673 39.16 -15.47 -0.67
N ALA A 674 38.82 -15.95 0.53
CA ALA A 674 37.96 -15.21 1.44
C ALA A 674 38.60 -13.89 1.86
N GLN A 675 39.88 -13.92 2.24
CA GLN A 675 40.52 -12.69 2.70
C GLN A 675 40.62 -11.65 1.60
N MET A 676 41.01 -12.05 0.39
CA MET A 676 41.16 -11.08 -0.69
C MET A 676 39.80 -10.55 -1.10
N LEU A 677 38.77 -11.40 -1.07
CA LEU A 677 37.43 -10.91 -1.36
C LEU A 677 37.01 -9.91 -0.30
N GLN A 678 37.38 -10.14 0.96
CA GLN A 678 37.14 -9.13 1.97
C GLN A 678 37.91 -7.86 1.67
N SER A 679 39.13 -8.01 1.15
CA SER A 679 39.97 -6.85 0.84
C SER A 679 39.33 -5.95 -0.20
N TYR A 680 38.44 -6.50 -1.02
CA TYR A 680 37.72 -5.68 -2.00
C TYR A 680 36.32 -5.29 -1.54
N THR A 681 35.61 -6.20 -0.87
CA THR A 681 34.26 -5.91 -0.41
C THR A 681 34.24 -5.02 0.83
N ALA A 682 35.25 -5.15 1.70
CA ALA A 682 35.40 -4.23 2.83
C ALA A 682 35.67 -2.81 2.36
N ALA A 683 36.15 -2.63 1.14
CA ALA A 683 36.30 -1.31 0.55
C ALA A 683 35.02 -0.82 -0.13
N GLY A 684 33.97 -1.63 -0.12
CA GLY A 684 32.68 -1.22 -0.66
C GLY A 684 32.47 -1.50 -2.12
N TYR A 685 33.24 -2.42 -2.70
CA TYR A 685 33.10 -2.76 -4.12
C TYR A 685 32.19 -3.97 -4.28
N ARG A 686 31.34 -3.91 -5.29
CA ARG A 686 30.54 -5.05 -5.71
C ARG A 686 31.44 -6.02 -6.48
N VAL A 687 31.50 -7.27 -6.02
CA VAL A 687 32.41 -8.26 -6.58
C VAL A 687 31.59 -9.44 -7.07
N VAL A 688 31.87 -9.88 -8.30
CA VAL A 688 31.15 -10.98 -8.93
C VAL A 688 32.17 -11.94 -9.55
N ALA A 689 32.04 -13.22 -9.26
CA ALA A 689 33.03 -14.20 -9.67
C ALA A 689 32.65 -14.85 -11.01
N LEU A 690 33.68 -15.13 -11.81
CA LEU A 690 33.55 -15.79 -13.10
C LEU A 690 34.34 -17.08 -13.07
N ALA A 691 33.70 -18.17 -13.51
CA ALA A 691 34.30 -19.50 -13.55
C ALA A 691 33.91 -20.17 -14.85
N SER A 692 34.60 -21.25 -15.20
CA SER A 692 34.37 -21.91 -16.48
C SER A 692 34.64 -23.41 -16.37
N LYS A 693 34.05 -24.14 -17.32
CA LYS A 693 34.37 -25.55 -17.52
C LYS A 693 34.26 -25.85 -19.01
N PRO A 694 35.20 -26.63 -19.60
CA PRO A 694 35.03 -27.04 -20.99
C PRO A 694 34.12 -28.25 -21.10
N LEU A 695 32.96 -28.05 -21.71
CA LEU A 695 31.99 -29.13 -21.81
C LEU A 695 32.52 -30.22 -22.75
N PRO A 696 32.28 -31.50 -22.44
CA PRO A 696 32.74 -32.57 -23.36
C PRO A 696 31.79 -32.78 -24.53
N THR A 697 31.55 -31.71 -25.29
CA THR A 697 30.59 -31.72 -26.39
C THR A 697 29.21 -32.14 -25.90
N LEU A 707 20.51 -29.58 -22.66
CA LEU A 707 21.42 -29.48 -21.53
C LEU A 707 20.74 -28.79 -20.35
N THR A 708 20.39 -29.56 -19.34
CA THR A 708 19.78 -28.99 -18.15
C THR A 708 20.78 -28.12 -17.40
N ARG A 709 20.25 -27.11 -16.70
CA ARG A 709 21.10 -26.14 -16.03
C ARG A 709 21.95 -26.77 -14.94
N ASP A 710 21.50 -27.90 -14.37
CA ASP A 710 22.22 -28.50 -13.25
C ASP A 710 23.61 -28.96 -13.66
N THR A 711 23.72 -29.65 -14.79
CA THR A 711 24.99 -30.22 -15.21
C THR A 711 25.97 -29.17 -15.74
N VAL A 712 25.54 -27.93 -15.91
CA VAL A 712 26.43 -26.89 -16.41
C VAL A 712 27.30 -26.33 -15.29
N GLU A 713 26.67 -25.72 -14.29
CA GLU A 713 27.41 -25.12 -13.18
C GLU A 713 27.72 -26.19 -12.13
N GLY A 714 28.55 -27.16 -12.55
CA GLY A 714 29.01 -28.21 -11.67
C GLY A 714 30.49 -28.08 -11.38
N ASP A 715 31.29 -28.93 -12.02
CA ASP A 715 32.75 -28.95 -11.79
C ASP A 715 33.39 -27.79 -12.55
N LEU A 716 33.20 -26.59 -12.01
CA LEU A 716 33.72 -25.38 -12.62
C LEU A 716 35.16 -25.14 -12.16
N SER A 717 35.71 -23.99 -12.54
CA SER A 717 37.04 -23.58 -12.12
C SER A 717 37.10 -22.07 -12.19
N LEU A 718 37.63 -21.45 -11.14
CA LEU A 718 37.65 -20.00 -11.06
C LEU A 718 38.43 -19.41 -12.23
N LEU A 719 37.84 -18.42 -12.89
CA LEU A 719 38.54 -17.58 -13.84
C LEU A 719 38.95 -16.24 -13.23
N GLY A 720 38.11 -15.67 -12.37
CA GLY A 720 38.51 -14.46 -11.70
C GLY A 720 37.35 -13.81 -10.96
N LEU A 721 37.63 -12.61 -10.47
CA LEU A 721 36.63 -11.74 -9.86
C LEU A 721 36.52 -10.46 -10.67
N LEU A 722 35.31 -9.89 -10.68
CA LEU A 722 35.02 -8.64 -11.34
C LEU A 722 34.63 -7.65 -10.26
N VAL A 723 35.49 -6.64 -10.05
CA VAL A 723 35.31 -5.65 -9.00
C VAL A 723 34.77 -4.38 -9.65
N MET A 724 33.62 -3.91 -9.15
CA MET A 724 32.95 -2.75 -9.73
C MET A 724 32.38 -1.87 -8.64
N ARG A 725 32.62 -0.57 -8.77
CA ARG A 725 32.20 0.40 -7.77
C ARG A 725 30.70 0.65 -7.84
N ASN A 726 30.12 1.03 -6.70
CA ASN A 726 28.70 1.36 -6.63
C ASN A 726 28.52 2.33 -5.47
N LEU A 727 28.23 3.58 -5.79
CA LEU A 727 28.24 4.67 -4.81
C LEU A 727 26.84 4.91 -4.25
N LEU A 728 26.79 5.39 -3.02
CA LEU A 728 25.54 5.82 -2.41
C LEU A 728 24.97 6.99 -3.18
N LYS A 729 23.64 7.05 -3.28
CA LYS A 729 23.00 8.21 -3.85
C LYS A 729 23.21 9.41 -2.92
N PRO A 730 23.27 10.63 -3.47
CA PRO A 730 23.64 11.78 -2.62
C PRO A 730 22.57 12.19 -1.62
N GLN A 731 21.34 11.69 -1.72
CA GLN A 731 20.25 12.06 -0.82
C GLN A 731 19.75 10.86 -0.03
N THR A 732 20.68 10.01 0.42
CA THR A 732 20.36 8.88 1.28
C THR A 732 20.95 9.03 2.68
N THR A 733 22.15 9.59 2.80
CA THR A 733 22.69 9.87 4.13
C THR A 733 21.83 10.84 4.90
N PRO A 734 21.42 12.00 4.37
CA PRO A 734 20.54 12.88 5.17
C PRO A 734 19.21 12.24 5.53
N VAL A 735 18.63 11.45 4.64
CA VAL A 735 17.34 10.81 4.94
C VAL A 735 17.50 9.80 6.06
N ILE A 736 18.55 8.97 5.97
CA ILE A 736 18.79 7.98 7.02
C ILE A 736 19.08 8.67 8.34
N GLN A 737 19.84 9.76 8.30
CA GLN A 737 20.15 10.49 9.53
C GLN A 737 18.89 11.07 10.14
N ALA A 738 18.00 11.61 9.32
CA ALA A 738 16.73 12.13 9.83
C ALA A 738 15.89 11.01 10.46
N LEU A 739 15.80 9.87 9.77
CA LEU A 739 15.01 8.77 10.30
C LEU A 739 15.55 8.27 11.62
N ARG A 740 16.88 8.12 11.72
CA ARG A 740 17.50 7.69 12.97
C ARG A 740 17.35 8.75 14.06
N ARG A 741 17.34 10.02 13.68
CA ARG A 741 17.16 11.09 14.67
C ARG A 741 15.77 11.04 15.29
N THR A 742 14.76 10.67 14.50
CA THR A 742 13.39 10.59 14.97
C THR A 742 13.05 9.24 15.60
N ARG A 743 14.07 8.46 15.98
CA ARG A 743 13.87 7.16 16.63
C ARG A 743 13.05 6.21 15.77
N ILE A 744 13.15 6.35 14.45
CA ILE A 744 12.54 5.41 13.51
C ILE A 744 13.64 4.44 13.06
N ARG A 745 13.45 3.17 13.35
CA ARG A 745 14.49 2.17 13.08
C ARG A 745 14.62 1.94 11.58
N ALA A 746 15.85 1.82 11.12
CA ALA A 746 16.17 1.63 9.71
C ALA A 746 16.98 0.34 9.55
N VAL A 747 16.58 -0.50 8.60
CA VAL A 747 17.20 -1.81 8.41
C VAL A 747 17.54 -1.97 6.93
N MET A 748 18.61 -2.71 6.67
CA MET A 748 19.07 -3.02 5.32
C MET A 748 18.83 -4.50 5.06
N VAL A 749 18.08 -4.81 4.00
CA VAL A 749 17.85 -6.17 3.55
C VAL A 749 18.26 -6.26 2.09
N THR A 750 19.30 -7.05 1.81
CA THR A 750 19.88 -7.09 0.48
C THR A 750 20.40 -8.49 0.19
N GLY A 751 20.52 -8.79 -1.10
CA GLY A 751 21.14 -10.02 -1.55
C GLY A 751 22.63 -9.90 -1.85
N ASP A 752 23.24 -8.76 -1.54
CA ASP A 752 24.65 -8.55 -1.82
C ASP A 752 25.50 -9.12 -0.70
N ASN A 753 26.82 -9.00 -0.84
CA ASN A 753 27.73 -9.53 0.16
C ASN A 753 27.58 -8.79 1.49
N LEU A 754 27.85 -9.51 2.58
CA LEU A 754 27.72 -8.92 3.91
C LEU A 754 28.71 -7.78 4.12
N GLN A 755 29.94 -7.94 3.63
CA GLN A 755 30.95 -6.91 3.85
C GLN A 755 30.57 -5.61 3.14
N THR A 756 30.14 -5.70 1.89
CA THR A 756 29.72 -4.51 1.16
C THR A 756 28.52 -3.86 1.83
N ALA A 757 27.57 -4.69 2.28
CA ALA A 757 26.40 -4.15 2.96
C ALA A 757 26.78 -3.42 4.24
N VAL A 758 27.70 -3.98 5.01
CA VAL A 758 28.14 -3.34 6.25
C VAL A 758 28.83 -2.03 5.94
N THR A 759 29.69 -2.02 4.92
CA THR A 759 30.38 -0.77 4.56
C THR A 759 29.40 0.29 4.11
N VAL A 760 28.39 -0.09 3.32
CA VAL A 760 27.42 0.88 2.85
C VAL A 760 26.56 1.38 4.00
N ALA A 761 26.20 0.50 4.93
CA ALA A 761 25.44 0.91 6.10
C ALA A 761 26.25 1.90 6.94
N ARG A 762 27.54 1.64 7.13
CA ARG A 762 28.38 2.58 7.85
C ARG A 762 28.46 3.92 7.13
N GLY A 763 28.59 3.88 5.80
CA GLY A 763 28.70 5.12 5.05
C GLY A 763 27.43 5.97 5.08
N CYS A 764 26.27 5.32 4.94
CA CYS A 764 25.01 6.05 4.86
C CYS A 764 24.43 6.38 6.22
N GLY A 765 25.06 5.98 7.31
CA GLY A 765 24.66 6.39 8.64
C GLY A 765 23.72 5.44 9.37
N MET A 766 23.33 4.31 8.75
CA MET A 766 22.57 3.32 9.48
C MET A 766 23.35 2.80 10.70
N VAL A 767 24.66 2.66 10.55
CA VAL A 767 25.55 2.32 11.65
C VAL A 767 26.51 3.49 11.81
N ALA A 768 26.15 4.45 12.65
CA ALA A 768 26.97 5.64 12.83
C ALA A 768 28.24 5.26 13.59
N PRO A 769 29.27 6.10 13.55
CA PRO A 769 30.49 5.81 14.31
C PRO A 769 30.20 5.71 15.80
N GLN A 770 31.08 5.00 16.51
CA GLN A 770 30.93 4.73 17.93
C GLN A 770 29.63 3.98 18.22
N GLU A 771 29.19 3.14 17.29
CA GLU A 771 28.08 2.21 17.48
C GLU A 771 28.59 0.82 17.14
N HIS A 772 28.81 -0.01 18.16
CA HIS A 772 29.42 -1.30 17.95
C HIS A 772 28.53 -2.20 17.10
N LEU A 773 29.16 -2.93 16.19
CA LEU A 773 28.48 -3.86 15.29
C LEU A 773 29.11 -5.23 15.44
N ILE A 774 28.28 -6.25 15.62
CA ILE A 774 28.71 -7.64 15.68
C ILE A 774 28.20 -8.35 14.43
N ILE A 775 28.92 -9.39 14.03
CA ILE A 775 28.52 -10.26 12.92
C ILE A 775 28.12 -11.59 13.53
N VAL A 776 26.92 -12.07 13.18
CA VAL A 776 26.40 -13.34 13.65
C VAL A 776 26.54 -14.34 12.51
N HIS A 777 27.22 -15.46 12.78
CA HIS A 777 27.49 -16.48 11.78
C HIS A 777 27.17 -17.84 12.38
N ALA A 778 26.06 -18.44 11.95
CA ALA A 778 25.64 -19.75 12.42
C ALA A 778 26.01 -20.80 11.38
N THR A 779 26.81 -21.79 11.79
CA THR A 779 27.22 -22.84 10.90
C THR A 779 26.15 -23.92 10.82
N HIS A 780 25.94 -24.45 9.62
CA HIS A 780 24.96 -25.50 9.45
C HIS A 780 25.37 -26.74 10.24
N PRO A 781 24.44 -27.49 10.82
CA PRO A 781 24.84 -28.71 11.55
C PRO A 781 25.57 -29.69 10.65
N GLU A 782 26.61 -30.32 11.21
CA GLU A 782 27.45 -31.26 10.49
C GLU A 782 27.20 -32.71 10.92
N ARG A 783 26.00 -32.99 11.43
CA ARG A 783 25.56 -34.29 11.93
C ARG A 783 26.15 -34.63 13.29
N GLY A 784 26.97 -33.76 13.87
CA GLY A 784 27.57 -34.01 15.17
C GLY A 784 26.98 -33.12 16.25
N GLN A 785 26.54 -31.93 15.87
CA GLN A 785 25.95 -30.99 16.83
C GLN A 785 25.22 -29.88 16.09
N PRO A 786 24.39 -29.08 16.77
CA PRO A 786 23.68 -28.00 16.06
C PRO A 786 24.59 -26.84 15.71
N ALA A 787 24.01 -25.77 15.18
CA ALA A 787 24.77 -24.56 14.89
C ALA A 787 25.30 -23.95 16.18
N SER A 788 26.49 -23.33 16.08
CA SER A 788 27.12 -22.73 17.25
C SER A 788 26.75 -21.28 17.45
N LEU A 789 26.34 -20.57 16.39
CA LEU A 789 25.99 -19.16 16.47
C LEU A 789 27.19 -18.33 16.94
N GLU A 790 28.21 -18.32 16.10
CA GLU A 790 29.42 -17.57 16.38
C GLU A 790 29.18 -16.06 16.28
N PHE A 791 29.88 -15.32 17.13
CA PHE A 791 29.84 -13.86 17.15
C PHE A 791 31.22 -13.31 16.84
N LEU A 792 31.30 -12.42 15.86
CA LEU A 792 32.54 -11.75 15.47
C LEU A 792 32.37 -10.26 15.68
N PRO A 793 32.90 -9.69 16.77
CA PRO A 793 32.79 -8.22 16.96
C PRO A 793 33.68 -7.49 15.96
N MET A 794 33.08 -6.61 15.17
CA MET A 794 33.82 -5.83 14.20
C MET A 794 34.49 -4.64 14.87
N GLU A 795 35.29 -3.91 14.09
CA GLU A 795 36.02 -2.75 14.56
C GLU A 795 35.79 -1.58 13.61
N SER A 796 35.61 -0.39 14.18
CA SER A 796 35.38 0.82 13.39
C SER A 796 36.58 1.09 12.47
N SER A 820 25.32 2.40 20.89
CA SER A 820 24.30 1.43 20.51
C SER A 820 24.93 0.12 20.09
N ARG A 821 24.10 -0.91 19.98
CA ARG A 821 24.53 -2.25 19.56
C ARG A 821 23.79 -2.61 18.28
N HIS A 822 24.54 -3.13 17.31
CA HIS A 822 23.98 -3.55 16.03
C HIS A 822 24.46 -4.96 15.71
N LEU A 823 23.60 -5.73 15.04
CA LEU A 823 23.93 -7.07 14.58
C LEU A 823 23.76 -7.13 13.07
N ALA A 824 24.65 -7.88 12.42
CA ALA A 824 24.58 -8.11 10.99
C ALA A 824 24.79 -9.59 10.71
N LEU A 825 23.97 -10.14 9.82
CA LEU A 825 24.02 -11.55 9.52
C LEU A 825 23.53 -11.78 8.09
N SER A 826 24.05 -12.83 7.47
CA SER A 826 23.70 -13.14 6.09
C SER A 826 22.43 -13.99 6.04
N GLY A 827 22.02 -14.35 4.82
CA GLY A 827 20.81 -15.10 4.60
C GLY A 827 20.79 -16.50 5.18
N PRO A 828 21.77 -17.35 4.82
CA PRO A 828 21.76 -18.71 5.37
C PRO A 828 21.83 -18.77 6.88
N THR A 829 22.63 -17.90 7.50
CA THR A 829 22.65 -17.86 8.95
C THR A 829 21.34 -17.36 9.52
N PHE A 830 20.67 -16.45 8.82
CA PHE A 830 19.34 -16.01 9.25
C PHE A 830 18.35 -17.17 9.23
N GLY A 831 18.38 -17.97 8.16
CA GLY A 831 17.52 -19.14 8.11
C GLY A 831 17.84 -20.14 9.19
N ILE A 832 19.12 -20.35 9.45
CA ILE A 832 19.52 -21.28 10.51
C ILE A 832 19.03 -20.78 11.86
N ILE A 833 19.13 -19.47 12.11
CA ILE A 833 18.66 -18.92 13.37
C ILE A 833 17.15 -19.06 13.48
N VAL A 834 16.44 -18.84 12.38
CA VAL A 834 14.98 -18.98 12.40
C VAL A 834 14.58 -20.42 12.72
N LYS A 835 15.25 -21.39 12.11
CA LYS A 835 14.83 -22.78 12.19
C LYS A 835 15.50 -23.58 13.31
N HIS A 836 16.45 -22.99 14.04
CA HIS A 836 17.14 -23.71 15.10
C HIS A 836 17.33 -22.91 16.38
N PHE A 837 17.04 -21.61 16.40
CA PHE A 837 17.06 -20.80 17.62
C PHE A 837 15.82 -19.91 17.66
N PRO A 838 14.62 -20.51 17.76
CA PRO A 838 13.42 -19.67 17.83
C PRO A 838 13.39 -18.75 19.04
N LYS A 839 13.95 -19.18 20.16
CA LYS A 839 13.99 -18.32 21.34
C LYS A 839 14.82 -17.07 21.09
N LEU A 840 15.99 -17.23 20.46
CA LEU A 840 16.91 -16.13 20.24
C LEU A 840 16.54 -15.27 19.03
N LEU A 841 15.60 -15.72 18.20
CA LEU A 841 15.20 -14.94 17.03
C LEU A 841 14.68 -13.55 17.38
N PRO A 842 13.79 -13.37 18.36
CA PRO A 842 13.32 -12.00 18.66
C PRO A 842 14.43 -11.04 19.03
N LYS A 843 15.42 -11.48 19.80
CA LYS A 843 16.52 -10.58 20.17
C LYS A 843 17.32 -10.18 18.94
N VAL A 844 17.58 -11.14 18.05
CA VAL A 844 18.33 -10.83 16.83
C VAL A 844 17.55 -9.85 15.96
N LEU A 845 16.26 -10.08 15.80
CA LEU A 845 15.44 -9.19 14.98
C LEU A 845 15.39 -7.80 15.58
N VAL A 846 15.34 -7.71 16.91
CA VAL A 846 15.27 -6.41 17.56
C VAL A 846 16.59 -5.67 17.41
N GLN A 847 17.72 -6.38 17.50
CA GLN A 847 19.03 -5.75 17.39
C GLN A 847 19.57 -5.75 15.96
N GLY A 848 19.10 -6.63 15.09
CA GLY A 848 19.67 -6.74 13.77
C GLY A 848 19.33 -5.54 12.91
N THR A 849 20.30 -5.10 12.10
CA THR A 849 20.12 -3.94 11.23
C THR A 849 20.60 -4.14 9.80
N VAL A 850 21.52 -5.08 9.54
CA VAL A 850 22.06 -5.31 8.20
C VAL A 850 21.92 -6.79 7.91
N PHE A 851 21.00 -7.13 7.01
CA PHE A 851 20.79 -8.49 6.56
C PHE A 851 21.22 -8.60 5.10
N ALA A 852 22.08 -9.58 4.81
CA ALA A 852 22.72 -9.69 3.51
C ALA A 852 22.52 -11.09 2.95
N ARG A 853 22.75 -11.21 1.64
CA ARG A 853 22.69 -12.48 0.93
C ARG A 853 21.35 -13.19 1.17
N MET A 854 20.27 -12.42 1.13
CA MET A 854 18.93 -12.94 1.32
C MET A 854 18.23 -13.10 -0.02
N ALA A 855 17.60 -14.25 -0.21
CA ALA A 855 16.73 -14.45 -1.35
C ALA A 855 15.43 -13.67 -1.14
N PRO A 856 14.65 -13.43 -2.19
CA PRO A 856 13.39 -12.71 -2.00
C PRO A 856 12.47 -13.40 -1.01
N GLU A 857 12.45 -14.73 -1.01
CA GLU A 857 11.67 -15.47 -0.04
C GLU A 857 12.11 -15.15 1.37
N GLN A 858 13.42 -15.08 1.59
CA GLN A 858 13.94 -14.71 2.91
C GLN A 858 13.54 -13.28 3.27
N LYS A 859 13.50 -12.38 2.29
CA LYS A 859 13.13 -11.00 2.58
C LYS A 859 11.68 -10.92 3.04
N THR A 860 10.76 -11.56 2.32
CA THR A 860 9.36 -11.53 2.76
C THR A 860 9.21 -12.26 4.10
N GLU A 861 10.00 -13.31 4.33
CA GLU A 861 9.96 -13.99 5.62
C GLU A 861 10.40 -13.06 6.75
N LEU A 862 11.46 -12.29 6.50
CA LEU A 862 11.94 -11.35 7.51
C LEU A 862 10.90 -10.28 7.79
N VAL A 863 10.24 -9.77 6.74
CA VAL A 863 9.17 -8.80 6.96
C VAL A 863 8.06 -9.42 7.79
N CYS A 864 7.70 -10.67 7.50
CA CYS A 864 6.66 -11.34 8.27
C CYS A 864 7.06 -11.48 9.74
N GLU A 865 8.32 -11.85 9.99
CA GLU A 865 8.78 -12.00 11.37
C GLU A 865 8.78 -10.67 12.09
N LEU A 866 9.23 -9.61 11.43
CA LEU A 866 9.21 -8.28 12.05
C LEU A 866 7.79 -7.87 12.41
N GLN A 867 6.84 -8.15 11.51
CA GLN A 867 5.43 -7.88 11.82
C GLN A 867 4.96 -8.71 13.00
N LYS A 868 5.43 -9.97 13.10
CA LYS A 868 5.07 -10.80 14.25
C LYS A 868 5.53 -10.16 15.55
N LEU A 869 6.62 -9.40 15.54
CA LEU A 869 7.06 -8.67 16.72
C LEU A 869 6.31 -7.36 16.93
N GLN A 870 5.17 -7.17 16.28
CA GLN A 870 4.32 -6.00 16.48
C GLN A 870 4.99 -4.71 16.02
N TYR A 871 5.85 -4.80 15.01
CA TYR A 871 6.40 -3.63 14.37
C TYR A 871 5.48 -3.16 13.24
N CYS A 872 5.46 -1.86 13.00
CA CYS A 872 4.81 -1.29 11.83
C CYS A 872 5.89 -1.15 10.76
N VAL A 873 5.98 -2.15 9.89
CA VAL A 873 7.11 -2.30 8.98
C VAL A 873 6.75 -1.69 7.63
N GLY A 874 7.53 -0.72 7.20
CA GLY A 874 7.46 -0.21 5.85
C GLY A 874 8.69 -0.66 5.08
N MET A 875 8.65 -0.58 3.74
CA MET A 875 9.79 -1.03 2.96
C MET A 875 9.87 -0.23 1.67
N CYS A 876 11.11 0.00 1.23
CA CYS A 876 11.40 0.59 -0.07
C CYS A 876 12.29 -0.37 -0.84
N GLY A 877 11.95 -0.61 -2.11
CA GLY A 877 12.64 -1.61 -2.90
C GLY A 877 12.75 -1.19 -4.35
N ASP A 878 13.69 -1.85 -5.03
CA ASP A 878 13.98 -1.56 -6.44
C ASP A 878 13.11 -2.41 -7.37
N GLY A 879 13.20 -3.72 -7.25
CA GLY A 879 12.35 -4.60 -8.03
C GLY A 879 12.87 -6.01 -8.19
N ALA A 880 11.95 -6.95 -8.40
CA ALA A 880 12.23 -8.35 -8.78
C ALA A 880 12.76 -9.20 -7.64
N ASN A 881 13.09 -8.59 -6.51
CA ASN A 881 13.38 -9.33 -5.30
C ASN A 881 12.74 -8.71 -4.07
N ASP A 882 11.99 -7.62 -4.21
CA ASP A 882 11.31 -6.96 -3.12
C ASP A 882 9.78 -7.05 -3.25
N CYS A 883 9.27 -7.61 -4.35
CA CYS A 883 7.83 -7.60 -4.59
C CYS A 883 7.08 -8.33 -3.48
N GLY A 884 7.54 -9.53 -3.12
CA GLY A 884 6.90 -10.25 -2.03
C GLY A 884 7.03 -9.51 -0.71
N ALA A 885 8.23 -9.01 -0.42
CA ALA A 885 8.43 -8.25 0.81
C ALA A 885 7.65 -6.95 0.78
N LEU A 886 7.59 -6.29 -0.37
CA LEU A 886 6.84 -5.05 -0.48
C LEU A 886 5.36 -5.28 -0.20
N LYS A 887 4.80 -6.36 -0.76
CA LYS A 887 3.39 -6.65 -0.52
C LYS A 887 3.15 -7.05 0.93
N ALA A 888 4.05 -7.85 1.51
CA ALA A 888 3.89 -8.24 2.90
C ALA A 888 4.02 -7.06 3.84
N ALA A 889 4.78 -6.03 3.44
CA ALA A 889 5.03 -4.89 4.31
C ALA A 889 3.75 -4.08 4.53
N ASP A 890 3.66 -3.47 5.71
CA ASP A 890 2.54 -2.59 5.99
C ASP A 890 2.52 -1.41 5.03
N VAL A 891 3.69 -0.89 4.68
CA VAL A 891 3.80 0.21 3.73
C VAL A 891 4.93 -0.10 2.75
N GLY A 892 4.56 -0.56 1.55
CA GLY A 892 5.52 -0.86 0.50
C GLY A 892 5.61 0.28 -0.49
N ILE A 893 6.84 0.64 -0.84
CA ILE A 893 7.12 1.71 -1.78
C ILE A 893 8.02 1.19 -2.88
N SER A 894 7.67 1.49 -4.13
CA SER A 894 8.50 1.19 -5.29
C SER A 894 8.99 2.50 -5.91
N LEU A 895 10.27 2.52 -6.29
CA LEU A 895 10.91 3.76 -6.71
C LEU A 895 10.86 3.96 -8.23
N SER A 896 11.46 3.04 -8.99
CA SER A 896 11.60 3.21 -10.43
C SER A 896 10.32 2.77 -11.15
N GLN A 897 9.24 3.50 -10.87
CA GLN A 897 7.94 3.24 -11.47
C GLN A 897 7.42 4.53 -12.08
N ALA A 898 6.98 4.45 -13.35
CA ALA A 898 6.52 5.65 -14.05
C ALA A 898 5.27 6.22 -13.41
N GLU A 899 4.34 5.36 -13.02
CA GLU A 899 3.04 5.81 -12.52
C GLU A 899 2.46 4.71 -11.63
N ALA A 900 1.16 4.79 -11.35
CA ALA A 900 0.51 3.83 -10.47
C ALA A 900 0.69 2.41 -10.98
N SER A 901 0.94 1.49 -10.04
CA SER A 901 1.19 0.09 -10.36
C SER A 901 0.61 -0.78 -9.25
N VAL A 902 0.39 -2.05 -9.57
CA VAL A 902 -0.12 -3.01 -8.60
C VAL A 902 1.05 -3.71 -7.90
N VAL A 903 2.25 -3.18 -8.05
CA VAL A 903 3.42 -3.83 -7.47
C VAL A 903 3.40 -3.71 -5.95
N SER A 904 3.07 -2.53 -5.44
CA SER A 904 3.14 -2.26 -4.01
C SER A 904 2.06 -1.24 -3.66
N PRO A 905 1.69 -1.13 -2.38
CA PRO A 905 0.64 -0.17 -2.01
C PRO A 905 0.96 1.26 -2.40
N PHE A 906 2.22 1.66 -2.34
CA PHE A 906 2.66 3.00 -2.73
C PHE A 906 3.70 2.87 -3.83
N THR A 907 3.80 3.90 -4.67
CA THR A 907 4.80 3.90 -5.73
C THR A 907 5.21 5.33 -6.04
N SER A 908 6.51 5.55 -6.12
CA SER A 908 7.07 6.88 -6.38
C SER A 908 7.54 6.96 -7.82
N SER A 909 7.54 8.20 -8.34
CA SER A 909 8.09 8.44 -9.67
C SER A 909 9.60 8.65 -9.63
N MET A 910 10.05 9.56 -8.79
CA MET A 910 11.48 9.79 -8.62
C MET A 910 12.12 8.60 -7.92
N ALA A 911 13.40 8.39 -8.21
CA ALA A 911 14.13 7.21 -7.75
C ALA A 911 15.15 7.67 -6.72
N SER A 912 14.73 7.71 -5.45
CA SER A 912 15.61 7.96 -4.33
C SER A 912 14.82 7.72 -3.05
N ILE A 913 15.54 7.65 -1.94
CA ILE A 913 14.94 7.35 -0.64
C ILE A 913 14.15 8.53 -0.08
N GLU A 914 14.23 9.71 -0.70
CA GLU A 914 13.51 10.87 -0.18
C GLU A 914 12.01 10.65 -0.12
N CYS A 915 11.47 9.74 -0.93
CA CYS A 915 10.04 9.48 -0.88
C CYS A 915 9.63 8.89 0.46
N VAL A 916 10.55 8.20 1.15
CA VAL A 916 10.19 7.54 2.40
C VAL A 916 9.75 8.53 3.46
N PRO A 917 10.53 9.57 3.80
CA PRO A 917 10.06 10.50 4.85
C PRO A 917 8.74 11.18 4.51
N MET A 918 8.54 11.61 3.27
CA MET A 918 7.32 12.34 2.94
C MET A 918 6.09 11.48 3.19
N VAL A 919 6.13 10.22 2.75
CA VAL A 919 5.03 9.31 2.98
C VAL A 919 4.77 9.17 4.47
N ILE A 920 5.83 9.19 5.28
CA ILE A 920 5.64 9.22 6.72
C ILE A 920 5.04 10.54 7.14
N ARG A 921 5.61 11.65 6.69
CA ARG A 921 5.17 12.96 7.17
C ARG A 921 3.70 13.19 6.86
N GLU A 922 3.32 13.00 5.60
CA GLU A 922 1.92 13.13 5.21
C GLU A 922 1.04 12.25 6.09
N GLY A 923 1.49 11.01 6.35
CA GLY A 923 0.72 10.14 7.20
C GLY A 923 0.47 10.76 8.55
N ARG A 924 1.52 11.29 9.17
CA ARG A 924 1.34 12.01 10.43
C ARG A 924 0.41 13.18 10.24
N CYS A 925 0.62 13.95 9.16
CA CYS A 925 -0.24 15.08 8.88
C CYS A 925 -1.69 14.63 8.71
N SER A 926 -1.90 13.41 8.21
CA SER A 926 -3.26 12.90 8.13
C SER A 926 -3.77 12.54 9.52
N LEU A 927 -2.96 11.83 10.31
CA LEU A 927 -3.43 11.35 11.60
C LEU A 927 -3.81 12.51 12.51
N ASP A 928 -2.97 13.55 12.54
CA ASP A 928 -3.36 14.78 13.24
C ASP A 928 -4.62 15.35 12.62
N THR A 929 -4.63 15.52 11.29
CA THR A 929 -5.72 16.21 10.62
C THR A 929 -7.05 15.52 10.90
N SER A 930 -7.08 14.20 10.73
CA SER A 930 -8.29 13.44 11.04
C SER A 930 -8.77 13.75 12.45
N PHE A 931 -7.85 13.70 13.43
CA PHE A 931 -8.23 14.01 14.81
C PHE A 931 -8.83 15.40 14.90
N SER A 932 -8.20 16.37 14.23
CA SER A 932 -8.69 17.75 14.30
C SER A 932 -10.11 17.85 13.75
N VAL A 933 -10.49 16.95 12.85
CA VAL A 933 -11.88 16.89 12.41
C VAL A 933 -12.75 16.34 13.52
N PHE A 934 -12.41 15.15 14.03
CA PHE A 934 -13.26 14.50 15.03
C PHE A 934 -13.42 15.37 16.26
N LYS A 935 -12.36 16.06 16.66
CA LYS A 935 -12.49 17.05 17.71
C LYS A 935 -13.48 18.13 17.31
N TYR A 936 -13.19 18.85 16.23
CA TYR A 936 -13.96 20.06 15.92
C TYR A 936 -15.42 19.75 15.69
N MET A 937 -15.70 18.80 14.80
CA MET A 937 -17.09 18.48 14.52
C MET A 937 -17.79 17.87 15.73
N ALA A 938 -17.03 17.30 16.68
CA ALA A 938 -17.64 16.94 17.95
C ALA A 938 -17.97 18.19 18.75
N LEU A 939 -17.02 19.12 18.83
CA LEU A 939 -17.29 20.38 19.51
C LEU A 939 -18.49 21.08 18.88
N TYR A 940 -18.46 21.25 17.56
CA TYR A 940 -19.64 21.72 16.83
C TYR A 940 -20.89 20.92 17.16
N SER A 941 -20.77 19.60 17.25
CA SER A 941 -21.95 18.79 17.52
C SER A 941 -22.58 19.16 18.85
N LEU A 942 -21.75 19.51 19.84
CA LEU A 942 -22.23 19.72 21.19
C LEU A 942 -22.30 21.19 21.61
N THR A 943 -21.44 22.06 21.08
CA THR A 943 -21.61 23.49 21.36
C THR A 943 -22.93 24.00 20.81
N GLN A 944 -23.40 23.43 19.70
CA GLN A 944 -24.74 23.74 19.21
C GLN A 944 -25.80 23.07 20.06
N PHE A 945 -25.48 21.92 20.65
CA PHE A 945 -26.45 21.20 21.48
C PHE A 945 -26.82 21.99 22.71
N ILE A 946 -25.84 22.58 23.39
CA ILE A 946 -26.15 23.30 24.62
C ILE A 946 -26.89 24.60 24.30
N SER A 947 -26.51 25.29 23.24
CA SER A 947 -27.10 26.59 22.93
C SER A 947 -28.61 26.48 22.79
N VAL A 948 -29.08 25.56 21.96
CA VAL A 948 -30.51 25.38 21.79
C VAL A 948 -31.16 25.03 23.11
N LEU A 949 -30.48 24.23 23.94
CA LEU A 949 -31.04 23.88 25.25
C LEU A 949 -31.29 25.13 26.05
N ILE A 950 -30.34 26.07 26.05
CA ILE A 950 -30.56 27.34 26.74
C ILE A 950 -31.84 27.99 26.22
N LEU A 951 -31.98 28.03 24.90
CA LEU A 951 -33.20 28.60 24.32
C LEU A 951 -34.42 27.79 24.72
N TYR A 952 -34.29 26.46 24.76
CA TYR A 952 -35.39 25.63 25.24
C TYR A 952 -35.74 25.97 26.68
N THR A 953 -34.73 26.35 27.48
CA THR A 953 -35.02 26.74 28.85
C THR A 953 -35.78 28.06 28.90
N ILE A 954 -35.58 28.92 27.90
CA ILE A 954 -36.33 30.16 27.78
C ILE A 954 -37.50 30.05 26.81
N ASN A 955 -37.71 28.88 26.20
CA ASN A 955 -38.81 28.66 25.26
C ASN A 955 -38.59 29.43 23.95
N THR A 956 -37.42 29.22 23.35
CA THR A 956 -37.13 29.66 21.99
C THR A 956 -36.41 28.52 21.29
N ASN A 957 -36.43 28.53 19.95
CA ASN A 957 -35.88 27.43 19.16
C ASN A 957 -35.01 27.97 18.02
N LEU A 958 -34.08 28.86 18.37
CA LEU A 958 -32.87 29.13 17.58
C LEU A 958 -33.15 29.51 16.12
N GLY A 959 -34.37 29.93 15.79
CA GLY A 959 -34.64 30.43 14.46
C GLY A 959 -34.53 29.40 13.36
N ASP A 960 -34.99 29.76 12.15
CA ASP A 960 -35.06 28.82 11.03
C ASP A 960 -33.91 28.99 10.06
N LEU A 961 -33.74 30.18 9.48
CA LEU A 961 -32.58 30.46 8.64
C LEU A 961 -31.29 30.51 9.45
N GLN A 962 -31.39 30.70 10.77
CA GLN A 962 -30.19 30.69 11.59
C GLN A 962 -29.50 29.33 11.54
N PHE A 963 -30.27 28.25 11.56
CA PHE A 963 -29.68 26.93 11.43
C PHE A 963 -28.93 26.79 10.11
N LEU A 964 -29.53 27.28 9.02
CA LEU A 964 -28.88 27.23 7.73
C LEU A 964 -27.58 28.02 7.73
N ALA A 965 -27.59 29.19 8.35
CA ALA A 965 -26.36 29.97 8.47
C ALA A 965 -25.30 29.24 9.26
N ILE A 966 -25.70 28.61 10.37
CA ILE A 966 -24.75 27.87 11.20
C ILE A 966 -24.11 26.73 10.42
N ASP A 967 -24.90 25.98 9.65
CA ASP A 967 -24.35 24.77 9.04
C ASP A 967 -23.53 25.08 7.80
N LEU A 968 -24.16 25.63 6.76
CA LEU A 968 -23.49 25.72 5.46
C LEU A 968 -22.56 26.93 5.38
N VAL A 969 -23.03 28.11 5.80
CA VAL A 969 -22.20 29.30 5.69
C VAL A 969 -20.96 29.17 6.55
N ILE A 970 -21.11 28.66 7.77
CA ILE A 970 -20.04 28.66 8.76
C ILE A 970 -19.34 27.31 8.84
N THR A 971 -20.08 26.22 8.97
CA THR A 971 -19.50 24.98 9.47
C THR A 971 -19.00 24.05 8.35
N THR A 972 -19.82 23.80 7.33
CA THR A 972 -19.41 22.87 6.29
C THR A 972 -18.17 23.37 5.55
N THR A 973 -18.16 24.65 5.20
CA THR A 973 -17.01 25.20 4.48
C THR A 973 -15.75 25.10 5.31
N VAL A 974 -15.85 25.38 6.60
CA VAL A 974 -14.68 25.30 7.47
C VAL A 974 -14.22 23.86 7.62
N ALA A 975 -15.16 22.93 7.77
CA ALA A 975 -14.81 21.53 7.94
C ALA A 975 -14.10 20.98 6.70
N VAL A 976 -14.56 21.37 5.51
CA VAL A 976 -13.89 20.89 4.30
C VAL A 976 -12.55 21.61 4.09
N LEU A 977 -12.45 22.89 4.46
CA LEU A 977 -11.24 23.63 4.18
C LEU A 977 -10.12 23.36 5.18
N MET A 978 -10.45 22.94 6.41
CA MET A 978 -9.41 22.80 7.42
C MET A 978 -8.43 21.68 7.12
N SER A 979 -8.87 20.66 6.39
CA SER A 979 -8.01 19.52 6.08
C SER A 979 -7.06 19.78 4.91
N ARG A 980 -7.18 20.93 4.25
CA ARG A 980 -6.31 21.24 3.12
C ARG A 980 -4.87 21.51 3.55
N THR A 981 -4.62 21.73 4.83
CA THR A 981 -3.28 22.08 5.28
C THR A 981 -2.31 20.93 5.04
N GLY A 982 -1.06 21.27 4.69
CA GLY A 982 -0.06 20.30 4.34
C GLY A 982 0.75 19.82 5.52
N PRO A 983 1.71 18.94 5.27
CA PRO A 983 2.54 18.40 6.35
C PRO A 983 3.63 19.38 6.76
N ALA A 984 4.27 19.07 7.89
CA ALA A 984 5.16 20.01 8.57
C ALA A 984 6.49 20.22 7.86
N LEU A 985 6.79 19.44 6.81
CA LEU A 985 8.04 19.54 6.06
C LEU A 985 9.25 19.11 6.89
N VAL A 986 9.04 18.43 8.01
CA VAL A 986 10.13 17.95 8.84
C VAL A 986 9.57 16.94 9.84
N LEU A 987 10.35 15.91 10.16
CA LEU A 987 9.91 14.87 11.07
C LEU A 987 10.26 15.24 12.51
N GLY A 988 9.65 14.52 13.45
CA GLY A 988 9.89 14.73 14.86
C GLY A 988 9.77 13.43 15.63
N ARG A 989 10.30 13.44 16.84
CA ARG A 989 10.27 12.24 17.69
C ARG A 989 8.90 11.98 18.28
N VAL A 990 8.01 12.99 18.30
CA VAL A 990 6.69 12.82 18.90
C VAL A 990 5.76 12.20 17.87
N ARG A 991 5.23 11.02 18.18
CA ARG A 991 4.29 10.35 17.32
C ARG A 991 2.88 10.88 17.58
N PRO A 992 1.98 10.82 16.58
CA PRO A 992 0.61 11.26 16.82
C PRO A 992 -0.11 10.30 17.76
N PRO A 993 -1.17 10.73 18.43
CA PRO A 993 -1.92 9.80 19.28
C PRO A 993 -2.53 8.69 18.46
N GLY A 994 -3.11 7.71 19.17
CA GLY A 994 -3.73 6.56 18.55
C GLY A 994 -5.13 6.27 19.08
N ALA A 995 -5.65 7.14 19.94
CA ALA A 995 -6.98 6.95 20.51
C ALA A 995 -7.64 8.31 20.69
N LEU A 996 -8.92 8.39 20.33
CA LEU A 996 -9.67 9.62 20.53
C LEU A 996 -9.87 9.91 22.02
N LEU A 997 -10.07 8.86 22.83
CA LEU A 997 -10.43 9.03 24.23
C LEU A 997 -9.23 9.16 25.15
N SER A 998 -8.10 9.66 24.64
CA SER A 998 -6.97 9.92 25.51
C SER A 998 -7.35 10.99 26.55
N VAL A 999 -6.54 11.06 27.60
CA VAL A 999 -6.76 12.08 28.62
C VAL A 999 -6.71 13.49 28.05
N PRO A 1000 -5.68 13.89 27.28
CA PRO A 1000 -5.67 15.27 26.77
C PRO A 1000 -6.87 15.60 25.90
N VAL A 1001 -7.32 14.66 25.06
CA VAL A 1001 -8.42 14.97 24.14
C VAL A 1001 -9.71 15.20 24.91
N LEU A 1002 -10.05 14.29 25.82
CA LEU A 1002 -11.27 14.44 26.60
C LEU A 1002 -11.20 15.68 27.48
N SER A 1003 -10.03 15.94 28.06
CA SER A 1003 -9.87 17.14 28.88
C SER A 1003 -10.09 18.40 28.04
N SER A 1004 -9.54 18.44 26.82
CA SER A 1004 -9.73 19.59 25.96
C SER A 1004 -11.21 19.77 25.61
N LEU A 1005 -11.89 18.68 25.25
CA LEU A 1005 -13.32 18.77 24.97
C LEU A 1005 -14.07 19.35 26.14
N LEU A 1006 -13.86 18.80 27.34
CA LEU A 1006 -14.62 19.24 28.50
C LEU A 1006 -14.32 20.69 28.85
N LEU A 1007 -13.04 21.08 28.83
CA LEU A 1007 -12.70 22.45 29.21
C LEU A 1007 -13.22 23.45 28.17
N GLN A 1008 -13.17 23.09 26.89
CA GLN A 1008 -13.72 23.97 25.86
C GLN A 1008 -15.23 24.12 26.03
N MET A 1009 -15.92 23.03 26.38
CA MET A 1009 -17.35 23.13 26.66
C MET A 1009 -17.62 24.04 27.86
N VAL A 1010 -16.80 23.93 28.90
CA VAL A 1010 -16.98 24.81 30.06
C VAL A 1010 -16.83 26.26 29.64
N LEU A 1011 -15.80 26.56 28.84
CA LEU A 1011 -15.59 27.93 28.39
C LEU A 1011 -16.77 28.42 27.56
N VAL A 1012 -17.22 27.61 26.61
CA VAL A 1012 -18.30 28.03 25.72
C VAL A 1012 -19.60 28.22 26.49
N THR A 1013 -19.93 27.28 27.38
CA THR A 1013 -21.13 27.40 28.19
C THR A 1013 -21.08 28.63 29.07
N GLY A 1014 -19.94 28.90 29.69
CA GLY A 1014 -19.81 30.10 30.49
C GLY A 1014 -20.03 31.35 29.67
N VAL A 1015 -19.46 31.40 28.47
CA VAL A 1015 -19.63 32.58 27.62
C VAL A 1015 -21.10 32.77 27.25
N GLN A 1016 -21.77 31.70 26.83
CA GLN A 1016 -23.15 31.83 26.39
C GLN A 1016 -24.07 32.23 27.54
N LEU A 1017 -23.90 31.58 28.70
CA LEU A 1017 -24.72 31.93 29.86
C LEU A 1017 -24.44 33.34 30.32
N GLY A 1018 -23.17 33.75 30.32
CA GLY A 1018 -22.85 35.13 30.71
C GLY A 1018 -23.47 36.14 29.77
N GLY A 1019 -23.46 35.84 28.46
CA GLY A 1019 -24.13 36.72 27.52
C GLY A 1019 -25.61 36.83 27.81
N TYR A 1020 -26.26 35.69 28.05
CA TYR A 1020 -27.69 35.71 28.35
C TYR A 1020 -27.99 36.51 29.60
N PHE A 1021 -27.20 36.30 30.67
CA PHE A 1021 -27.44 36.99 31.92
C PHE A 1021 -27.16 38.49 31.82
N LEU A 1022 -26.15 38.87 31.03
CA LEU A 1022 -25.91 40.29 30.83
C LEU A 1022 -27.02 40.93 30.03
N THR A 1023 -27.50 40.24 28.99
CA THR A 1023 -28.63 40.78 28.22
C THR A 1023 -29.85 40.95 29.10
N LEU A 1024 -30.08 40.01 30.02
CA LEU A 1024 -31.16 40.20 30.99
C LEU A 1024 -30.94 41.47 31.81
N ALA A 1025 -29.67 41.78 32.12
CA ALA A 1025 -29.34 42.91 32.98
C ALA A 1025 -28.93 44.10 32.11
N GLN A 1026 -29.94 44.75 31.53
CA GLN A 1026 -29.77 45.97 30.76
C GLN A 1026 -30.90 46.92 31.11
N PRO A 1027 -30.71 48.23 30.91
CA PRO A 1027 -31.83 49.16 31.10
C PRO A 1027 -32.95 48.85 30.13
N TRP A 1028 -32.63 48.85 28.84
CA TRP A 1028 -33.56 48.37 27.84
C TRP A 1028 -33.67 46.85 27.95
N PHE A 1029 -34.90 46.35 28.04
CA PHE A 1029 -35.14 44.92 27.94
C PHE A 1029 -36.64 44.68 27.92
N VAL A 1030 -37.06 43.72 27.10
CA VAL A 1030 -38.44 43.23 27.11
C VAL A 1030 -38.37 41.71 26.95
N PRO A 1031 -38.83 40.92 27.92
CA PRO A 1031 -38.74 39.46 27.76
C PRO A 1031 -39.60 38.98 26.60
N LEU A 1032 -39.19 37.85 26.04
CA LEU A 1032 -39.93 37.13 24.98
C LEU A 1032 -41.35 36.88 25.48
N ASN A 1033 -42.36 36.86 24.58
CA ASN A 1033 -43.74 36.42 24.94
C ASN A 1033 -43.71 34.89 24.97
N ARG A 1034 -43.67 34.33 26.17
CA ARG A 1034 -43.40 32.89 26.46
C ARG A 1034 -44.66 32.08 26.13
N THR A 1035 -45.81 32.74 26.03
CA THR A 1035 -47.10 32.14 25.74
C THR A 1035 -47.29 31.83 24.26
N VAL A 1036 -46.27 32.06 23.43
CA VAL A 1036 -46.30 31.71 22.02
C VAL A 1036 -45.03 30.92 21.72
N ALA A 1037 -45.19 29.73 21.15
CA ALA A 1037 -44.04 28.89 20.85
C ALA A 1037 -43.23 29.49 19.71
N ALA A 1038 -41.93 29.19 19.71
CA ALA A 1038 -41.06 29.61 18.62
C ALA A 1038 -41.44 28.86 17.34
N PRO A 1039 -41.17 29.44 16.16
CA PRO A 1039 -40.48 30.71 15.87
C PRO A 1039 -41.40 31.93 15.85
N ASP A 1040 -42.61 31.79 16.39
CA ASP A 1040 -43.59 32.86 16.31
C ASP A 1040 -43.34 33.98 17.32
N ASN A 1041 -42.38 33.83 18.23
CA ASN A 1041 -42.02 34.87 19.17
C ASN A 1041 -40.68 35.53 18.85
N LEU A 1042 -39.99 35.10 17.80
CA LEU A 1042 -38.71 35.68 17.44
C LEU A 1042 -38.91 37.13 16.98
N PRO A 1043 -37.84 37.96 17.05
CA PRO A 1043 -36.47 37.72 17.50
C PRO A 1043 -36.22 37.84 19.02
N ASN A 1044 -37.07 38.59 19.71
CA ASN A 1044 -37.24 38.60 21.17
C ASN A 1044 -35.99 38.93 21.98
N TYR A 1045 -34.90 39.41 21.35
CA TYR A 1045 -33.72 39.92 22.06
C TYR A 1045 -32.89 38.87 22.79
N GLU A 1046 -33.34 37.61 22.86
CA GLU A 1046 -32.51 36.53 23.41
C GLU A 1046 -31.97 35.61 22.34
N ASN A 1047 -32.77 35.35 21.29
CA ASN A 1047 -32.30 34.52 20.19
C ASN A 1047 -31.10 35.15 19.51
N THR A 1048 -31.14 36.47 19.29
CA THR A 1048 -30.10 37.13 18.51
C THR A 1048 -28.73 37.02 19.19
N VAL A 1049 -28.69 37.26 20.51
CA VAL A 1049 -27.40 37.28 21.20
C VAL A 1049 -26.82 35.88 21.30
N VAL A 1050 -27.65 34.90 21.64
CA VAL A 1050 -27.18 33.52 21.70
C VAL A 1050 -26.69 33.07 20.34
N PHE A 1051 -27.40 33.45 19.28
CA PHE A 1051 -26.99 33.06 17.94
C PHE A 1051 -25.66 33.69 17.55
N SER A 1052 -25.47 34.98 17.87
CA SER A 1052 -24.21 35.64 17.54
C SER A 1052 -23.05 35.00 18.29
N LEU A 1053 -23.23 34.76 19.59
CA LEU A 1053 -22.19 34.12 20.37
C LEU A 1053 -21.89 32.73 19.83
N SER A 1054 -22.92 31.97 19.45
CA SER A 1054 -22.70 30.63 18.93
C SER A 1054 -21.92 30.67 17.62
N SER A 1055 -22.24 31.61 16.73
CA SER A 1055 -21.54 31.72 15.46
C SER A 1055 -20.06 31.98 15.68
N PHE A 1056 -19.75 33.02 16.47
CA PHE A 1056 -18.36 33.31 16.75
C PHE A 1056 -17.69 32.13 17.46
N GLN A 1057 -18.44 31.39 18.27
CA GLN A 1057 -17.88 30.24 18.96
C GLN A 1057 -17.51 29.13 17.98
N TYR A 1058 -18.35 28.89 16.97
CA TYR A 1058 -18.00 27.91 15.96
C TYR A 1058 -16.70 28.29 15.27
N LEU A 1059 -16.58 29.57 14.90
CA LEU A 1059 -15.33 30.00 14.28
C LEU A 1059 -14.15 29.84 15.23
N ILE A 1060 -14.32 30.19 16.50
CA ILE A 1060 -13.25 30.08 17.48
C ILE A 1060 -12.80 28.63 17.62
N LEU A 1061 -13.76 27.72 17.76
CA LEU A 1061 -13.44 26.31 17.94
C LEU A 1061 -12.72 25.77 16.71
N ALA A 1062 -13.18 26.15 15.52
CA ALA A 1062 -12.52 25.71 14.30
C ALA A 1062 -11.07 26.18 14.26
N ALA A 1063 -10.84 27.44 14.60
CA ALA A 1063 -9.48 27.96 14.61
C ALA A 1063 -8.62 27.23 15.64
N ALA A 1064 -9.17 26.96 16.82
CA ALA A 1064 -8.37 26.40 17.90
C ALA A 1064 -8.02 24.94 17.66
N VAL A 1065 -8.96 24.16 17.14
CA VAL A 1065 -8.73 22.72 16.98
C VAL A 1065 -7.63 22.47 15.95
N SER A 1066 -7.55 23.30 14.92
CA SER A 1066 -6.60 23.11 13.82
C SER A 1066 -5.20 23.50 14.27
N LYS A 1067 -4.45 22.52 14.76
CA LYS A 1067 -3.09 22.73 15.21
C LYS A 1067 -2.12 22.87 14.04
N GLY A 1068 -0.90 23.31 14.38
CA GLY A 1068 0.19 23.44 13.44
C GLY A 1068 1.25 22.40 13.68
N ALA A 1069 2.34 22.81 14.34
CA ALA A 1069 3.42 21.91 14.64
C ALA A 1069 2.96 20.85 15.64
N PRO A 1070 3.63 19.67 15.66
CA PRO A 1070 4.77 19.25 14.86
C PRO A 1070 4.38 18.56 13.56
N PHE A 1071 3.09 18.22 13.40
CA PHE A 1071 2.64 17.41 12.28
C PHE A 1071 2.18 18.24 11.08
N ARG A 1072 1.40 19.28 11.32
CA ARG A 1072 0.80 20.08 10.26
C ARG A 1072 1.49 21.43 10.15
N ARG A 1073 1.26 22.10 9.02
CA ARG A 1073 1.77 23.44 8.84
C ARG A 1073 0.99 24.42 9.72
N PRO A 1074 1.53 25.63 9.93
CA PRO A 1074 0.75 26.65 10.63
C PRO A 1074 -0.56 26.94 9.91
N LEU A 1075 -1.57 27.36 10.69
CA LEU A 1075 -2.91 27.52 10.16
C LEU A 1075 -2.95 28.47 8.97
N TYR A 1076 -2.08 29.48 8.94
CA TYR A 1076 -2.08 30.45 7.85
C TYR A 1076 -1.44 29.92 6.57
N THR A 1077 -1.04 28.66 6.54
CA THR A 1077 -0.49 28.09 5.31
C THR A 1077 -1.57 27.96 4.23
N ASN A 1078 -2.61 27.19 4.52
CA ASN A 1078 -3.71 27.04 3.56
C ASN A 1078 -4.49 28.35 3.51
N VAL A 1079 -4.21 29.16 2.50
CA VAL A 1079 -4.85 30.46 2.36
C VAL A 1079 -6.35 30.37 2.11
N PRO A 1080 -6.91 29.30 1.49
CA PRO A 1080 -8.38 29.27 1.39
C PRO A 1080 -9.06 29.21 2.75
N PHE A 1081 -8.55 28.38 3.66
CA PHE A 1081 -9.15 28.26 4.98
C PHE A 1081 -9.01 29.57 5.76
N LEU A 1082 -7.84 30.22 5.66
CA LEU A 1082 -7.65 31.49 6.35
C LEU A 1082 -8.57 32.56 5.78
N VAL A 1083 -8.73 32.59 4.47
CA VAL A 1083 -9.65 33.56 3.86
C VAL A 1083 -11.07 33.28 4.32
N ALA A 1084 -11.44 32.00 4.42
CA ALA A 1084 -12.77 31.65 4.91
C ALA A 1084 -12.98 32.15 6.33
N LEU A 1085 -12.00 31.92 7.20
CA LEU A 1085 -12.10 32.39 8.57
C LEU A 1085 -12.25 33.90 8.62
N ALA A 1086 -11.42 34.61 7.85
CA ALA A 1086 -11.47 36.06 7.86
C ALA A 1086 -12.82 36.58 7.37
N LEU A 1087 -13.34 36.00 6.29
CA LEU A 1087 -14.60 36.49 5.72
C LEU A 1087 -15.77 36.18 6.65
N LEU A 1088 -15.81 34.98 7.24
CA LEU A 1088 -16.87 34.67 8.18
C LEU A 1088 -16.81 35.59 9.40
N SER A 1089 -15.61 35.83 9.93
CA SER A 1089 -15.49 36.75 11.05
C SER A 1089 -15.96 38.14 10.67
N SER A 1090 -15.60 38.60 9.47
CA SER A 1090 -15.99 39.95 9.05
C SER A 1090 -17.50 40.07 8.88
N VAL A 1091 -18.13 39.07 8.24
CA VAL A 1091 -19.57 39.17 8.01
C VAL A 1091 -20.33 39.06 9.32
N LEU A 1092 -19.86 38.22 10.25
CA LEU A 1092 -20.51 38.17 11.55
C LEU A 1092 -20.35 39.50 12.31
N VAL A 1093 -19.14 40.07 12.28
CA VAL A 1093 -18.92 41.35 12.94
C VAL A 1093 -19.83 42.41 12.35
N GLY A 1094 -19.99 42.39 11.03
CA GLY A 1094 -20.97 43.27 10.42
C GLY A 1094 -22.37 42.99 10.92
N LEU A 1095 -22.73 41.71 11.03
CA LEU A 1095 -24.06 41.35 11.53
C LEU A 1095 -24.31 41.91 12.92
N VAL A 1096 -23.26 42.08 13.72
CA VAL A 1096 -23.42 42.71 15.03
C VAL A 1096 -23.31 44.23 14.93
N LEU A 1097 -22.30 44.74 14.22
CA LEU A 1097 -22.01 46.17 14.20
C LEU A 1097 -22.62 46.85 12.96
N VAL A 1098 -23.93 46.73 12.81
CA VAL A 1098 -24.65 47.51 11.81
C VAL A 1098 -26.05 47.83 12.32
N PRO A 1099 -26.73 48.84 11.76
CA PRO A 1099 -28.16 49.01 12.07
C PRO A 1099 -29.02 47.83 11.64
N GLY A 1100 -28.54 47.01 10.69
CA GLY A 1100 -29.21 45.79 10.31
C GLY A 1100 -29.44 45.66 8.82
N LEU A 1101 -28.88 44.61 8.22
CA LEU A 1101 -29.06 44.32 6.80
C LEU A 1101 -29.57 42.91 6.55
N LEU A 1102 -29.07 41.92 7.28
CA LEU A 1102 -29.59 40.56 7.26
C LEU A 1102 -30.45 40.23 8.48
N GLN A 1103 -30.63 41.20 9.39
CA GLN A 1103 -31.41 40.94 10.59
C GLN A 1103 -32.87 40.61 10.26
N GLY A 1104 -33.36 41.09 9.13
CA GLY A 1104 -34.69 40.74 8.68
C GLY A 1104 -34.82 39.26 8.39
N PRO A 1105 -34.11 38.77 7.36
CA PRO A 1105 -34.19 37.33 7.05
C PRO A 1105 -33.74 36.43 8.19
N LEU A 1106 -32.73 36.84 8.96
CA LEU A 1106 -32.22 36.01 10.03
C LEU A 1106 -33.03 36.12 11.32
N ALA A 1107 -34.03 37.01 11.37
CA ALA A 1107 -34.90 37.17 12.52
C ALA A 1107 -34.09 37.54 13.77
N LEU A 1108 -33.49 38.73 13.70
CA LEU A 1108 -32.73 39.31 14.79
C LEU A 1108 -33.39 40.62 15.21
N ARG A 1109 -33.28 40.96 16.50
CA ARG A 1109 -34.03 42.06 17.06
C ARG A 1109 -33.36 43.42 16.89
N ASN A 1110 -32.18 43.49 16.26
CA ASN A 1110 -31.56 44.77 15.95
C ASN A 1110 -31.28 45.57 17.23
N ILE A 1111 -30.32 45.08 18.00
CA ILE A 1111 -29.93 45.72 19.25
C ILE A 1111 -29.59 47.18 18.96
N THR A 1112 -30.40 48.09 19.49
CA THR A 1112 -30.33 49.50 19.11
C THR A 1112 -29.51 50.31 20.13
N ASP A 1113 -28.27 49.88 20.33
CA ASP A 1113 -27.30 50.69 21.05
C ASP A 1113 -25.90 50.29 20.61
N THR A 1114 -25.01 51.26 20.54
CA THR A 1114 -23.65 51.03 20.10
C THR A 1114 -22.69 50.74 21.25
N GLY A 1115 -23.18 50.66 22.49
CA GLY A 1115 -22.33 50.38 23.62
C GLY A 1115 -22.29 48.91 24.00
N PHE A 1116 -23.47 48.30 24.16
CA PHE A 1116 -23.52 46.93 24.65
C PHE A 1116 -22.99 45.94 23.61
N LYS A 1117 -23.24 46.19 22.33
CA LYS A 1117 -22.73 45.29 21.30
C LYS A 1117 -21.21 45.31 21.27
N LEU A 1118 -20.59 46.47 21.51
CA LEU A 1118 -19.15 46.52 21.65
C LEU A 1118 -18.68 45.67 22.83
N LEU A 1119 -19.45 45.66 23.91
CA LEU A 1119 -19.10 44.81 25.05
C LEU A 1119 -19.20 43.33 24.66
N LEU A 1120 -20.20 42.99 23.85
CA LEU A 1120 -20.31 41.61 23.36
C LEU A 1120 -19.10 41.24 22.50
N LEU A 1121 -18.66 42.17 21.64
CA LEU A 1121 -17.48 41.90 20.84
C LEU A 1121 -16.25 41.71 21.71
N GLY A 1122 -16.09 42.52 22.75
CA GLY A 1122 -15.00 42.32 23.68
C GLY A 1122 -15.08 40.99 24.40
N LEU A 1123 -16.30 40.58 24.77
CA LEU A 1123 -16.48 39.32 25.47
C LEU A 1123 -16.13 38.14 24.57
N VAL A 1124 -16.50 38.20 23.30
CA VAL A 1124 -16.16 37.09 22.42
C VAL A 1124 -14.69 37.14 22.03
N THR A 1125 -14.07 38.32 22.05
CA THR A 1125 -12.61 38.37 21.94
C THR A 1125 -11.96 37.66 23.12
N LEU A 1126 -12.47 37.91 24.33
CA LEU A 1126 -12.02 37.15 25.49
C LEU A 1126 -12.24 35.66 25.29
N ASN A 1127 -13.32 35.27 24.63
CA ASN A 1127 -13.56 33.84 24.37
C ASN A 1127 -12.53 33.26 23.40
N PHE A 1128 -12.22 33.99 22.33
CA PHE A 1128 -11.15 33.63 21.41
C PHE A 1128 -9.84 33.40 22.19
N VAL A 1129 -9.46 34.40 22.99
CA VAL A 1129 -8.21 34.32 23.74
C VAL A 1129 -8.26 33.15 24.71
N GLY A 1130 -9.41 32.95 25.35
CA GLY A 1130 -9.55 31.87 26.31
C GLY A 1130 -9.37 30.51 25.65
N ALA A 1131 -9.96 30.31 24.48
CA ALA A 1131 -9.82 29.03 23.80
C ALA A 1131 -8.36 28.78 23.47
N PHE A 1132 -7.68 29.79 22.90
CA PHE A 1132 -6.29 29.56 22.53
C PHE A 1132 -5.39 29.34 23.74
N MET A 1133 -5.51 30.18 24.77
CA MET A 1133 -4.72 29.98 25.98
C MET A 1133 -5.03 28.65 26.63
N LEU A 1134 -6.28 28.22 26.59
CA LEU A 1134 -6.67 26.95 27.20
C LEU A 1134 -6.01 25.79 26.49
N GLU A 1135 -6.13 25.75 25.17
CA GLU A 1135 -5.54 24.65 24.42
C GLU A 1135 -4.01 24.66 24.55
N SER A 1136 -3.41 25.84 24.52
CA SER A 1136 -1.95 25.94 24.66
C SER A 1136 -1.50 25.42 26.01
N VAL A 1137 -2.18 25.85 27.08
CA VAL A 1137 -1.79 25.44 28.43
C VAL A 1137 -1.98 23.94 28.59
N LEU A 1138 -3.06 23.39 28.04
CA LEU A 1138 -3.25 21.94 28.09
C LEU A 1138 -2.09 21.23 27.40
N ASP A 1139 -1.77 21.62 26.17
CA ASP A 1139 -0.69 20.94 25.45
C ASP A 1139 0.63 21.07 26.18
N GLN A 1140 0.89 22.22 26.80
CA GLN A 1140 2.16 22.42 27.48
C GLN A 1140 2.25 21.62 28.78
N CYS A 1141 1.19 21.61 29.58
CA CYS A 1141 1.27 21.13 30.95
C CYS A 1141 0.79 19.69 31.13
N LEU A 1142 -0.27 19.27 30.45
CA LEU A 1142 -0.81 17.93 30.68
C LEU A 1142 0.19 16.82 30.43
N PRO A 1143 0.99 16.84 29.35
CA PRO A 1143 1.96 15.74 29.18
C PRO A 1143 2.92 15.58 30.35
N ALA A 1144 3.40 16.69 30.92
CA ALA A 1144 4.26 16.59 32.09
C ALA A 1144 3.51 15.99 33.27
N CYS A 1145 2.25 16.38 33.46
CA CYS A 1145 1.46 15.83 34.54
C CYS A 1145 1.28 14.32 34.38
N LEU A 1146 1.04 13.86 33.15
CA LEU A 1146 0.87 12.43 32.94
C LEU A 1146 2.19 11.68 33.12
N ARG A 1147 3.30 12.27 32.70
CA ARG A 1147 4.60 11.64 32.93
C ARG A 1147 4.88 11.51 34.42
N ARG A 1148 4.57 12.54 35.20
CA ARG A 1148 4.86 12.53 36.63
C ARG A 1148 3.88 11.66 37.41
N LEU A 1149 2.64 11.53 36.94
CA LEU A 1149 1.54 10.93 37.74
C LEU A 1149 1.51 9.42 37.54
N ARG A 1150 1.30 8.94 36.30
CA ARG A 1150 1.03 7.52 35.99
C ARG A 1150 2.23 6.93 35.26
N PRO A 1151 3.18 6.24 35.92
CA PRO A 1151 4.41 5.78 35.28
C PRO A 1151 4.25 4.37 34.67
N LYS A 1152 3.61 4.27 33.51
CA LYS A 1152 2.99 3.02 33.00
C LYS A 1152 4.05 1.94 32.86
N ARG A 1153 5.10 2.22 32.08
CA ARG A 1153 6.11 1.25 31.59
C ARG A 1153 5.53 0.41 30.45
N ALA A 1154 5.29 0.99 29.28
CA ALA A 1154 4.49 0.34 28.25
C ALA A 1154 5.11 -0.99 27.85
N SER A 1155 4.27 -2.03 27.79
CA SER A 1155 4.73 -3.37 27.42
C SER A 1155 3.74 -4.07 26.49
N LYS A 1156 2.81 -3.35 25.88
CA LYS A 1156 1.85 -3.99 24.99
C LYS A 1156 2.54 -4.62 23.78
N LYS A 1157 3.54 -3.93 23.24
CA LYS A 1157 4.27 -4.40 22.07
C LYS A 1157 5.46 -5.24 22.49
N ARG A 1158 5.66 -6.38 21.84
CA ARG A 1158 6.72 -7.28 22.23
C ARG A 1158 8.09 -6.67 21.98
N PHE A 1159 8.25 -5.90 20.91
CA PHE A 1159 9.57 -5.38 20.59
C PHE A 1159 10.05 -4.38 21.64
N LYS A 1160 9.13 -3.61 22.22
CA LYS A 1160 9.51 -2.71 23.30
C LYS A 1160 9.94 -3.50 24.54
N GLN A 1161 9.24 -4.60 24.84
CA GLN A 1161 9.65 -5.46 25.94
C GLN A 1161 11.06 -5.99 25.71
N LEU A 1162 11.33 -6.45 24.49
CA LEU A 1162 12.67 -6.95 24.16
C LEU A 1162 13.71 -5.85 24.26
N GLU A 1163 13.37 -4.65 23.81
CA GLU A 1163 14.31 -3.52 23.92
C GLU A 1163 14.63 -3.25 25.37
N ARG A 1164 13.62 -3.23 26.23
CA ARG A 1164 13.87 -3.03 27.66
C ARG A 1164 14.74 -4.14 28.23
N GLU A 1165 14.42 -5.40 27.90
CA GLU A 1165 15.17 -6.53 28.44
C GLU A 1165 16.64 -6.45 28.02
N LEU A 1166 16.89 -6.12 26.75
CA LEU A 1166 18.26 -5.89 26.32
C LEU A 1166 18.87 -4.69 27.04
N ALA A 1167 18.05 -3.68 27.37
CA ALA A 1167 18.59 -2.50 28.03
C ALA A 1167 19.13 -2.84 29.42
N GLU A 1168 18.41 -3.68 30.18
CA GLU A 1168 18.94 -4.09 31.48
C GLU A 1168 20.22 -4.89 31.32
N GLN A 1169 20.31 -5.72 30.27
CA GLN A 1169 21.53 -6.47 30.02
C GLN A 1169 21.57 -6.92 28.55
N PRO A 1170 22.62 -6.62 27.79
CA PRO A 1170 22.68 -7.10 26.41
C PRO A 1170 22.85 -8.61 26.36
N TRP A 1171 22.31 -9.20 25.30
CA TRP A 1171 22.42 -10.64 25.10
C TRP A 1171 23.80 -11.04 24.61
N PRO A 1172 24.37 -10.43 23.57
CA PRO A 1172 25.75 -10.74 23.21
C PRO A 1172 26.71 -10.09 24.19
N PRO A 1173 27.55 -10.86 24.90
CA PRO A 1173 28.46 -10.22 25.85
C PRO A 1173 29.43 -9.23 25.19
MG MG B . 17.85 -3.70 -5.69
O2S 1DO C . -15.37 4.72 12.72
C1 1DO C . -14.29 5.56 12.40
C2 1DO C . -14.60 6.91 13.05
C3 1DO C . -14.77 6.74 14.56
C4 1DO C . -14.86 8.08 15.28
C5 1DO C . -16.17 8.82 14.97
C6 1DO C . -16.36 10.01 15.91
C7 1DO C . -17.30 11.09 15.34
C8 1DO C . -18.02 11.83 16.48
C9 1DO C . -19.05 12.85 15.99
C10 1DO C . -19.69 13.60 17.16
C11 1DO C . -21.05 13.04 17.55
C12 1DO C . -21.54 13.65 18.85
H2S 1DO C . -16.09 4.95 12.11
H1C1 1DO C . -14.15 5.66 11.29
H1C2 1DO C . -13.33 5.14 12.77
H2C1 1DO C . -15.51 7.35 12.60
H2C2 1DO C . -13.80 7.65 12.83
H3C1 1DO C . -13.93 6.13 14.98
H3C2 1DO C . -15.67 6.11 14.79
H4C1 1DO C . -13.99 8.71 15.04
H4C2 1DO C . -14.74 7.92 16.36
H5C1 1DO C . -17.04 8.14 15.02
H5C2 1DO C . -16.18 9.17 13.91
H6C1 1DO C . -15.38 10.45 16.16
H6C2 1DO C . -16.74 9.63 16.89
H7C1 1DO C . -18.03 10.67 14.64
H7C2 1DO C . -16.72 11.81 14.72
H8C1 1DO C . -17.27 12.33 17.12
H8C2 1DO C . -18.50 11.09 17.15
H9C1 1DO C . -19.84 12.33 15.41
H9C2 1DO C . -18.62 13.55 15.25
H101 1DO C . -19.77 14.68 16.92
H102 1DO C . -19.01 13.59 18.05
H111 1DO C . -20.99 11.93 17.64
H112 1DO C . -21.81 13.21 16.75
H121 1DO C . -22.64 13.78 18.86
H122 1DO C . -21.12 14.65 19.03
H123 1DO C . -21.30 13.04 19.72
C1B LMT D . -18.11 5.65 6.94
C2B LMT D . -16.68 5.21 6.56
C3B LMT D . -15.98 6.33 5.76
C4B LMT D . -16.89 6.60 4.55
C5B LMT D . -18.30 7.03 5.04
C6B LMT D . -19.12 7.23 3.75
O1B LMT D . -18.07 6.71 7.85
O2B LMT D . -15.95 4.78 7.64
O3B LMT D . -14.81 5.78 5.27
O4' LMT D . -16.26 7.57 3.82
O5B LMT D . -18.87 6.03 5.83
O6B LMT D . -20.45 7.41 4.13
C1' LMT D . -18.69 7.20 11.95
C2' LMT D . -18.86 5.76 11.38
C3' LMT D . -18.07 5.78 10.06
C4' LMT D . -18.87 6.55 9.00
C5' LMT D . -19.14 7.97 9.61
C6' LMT D . -20.67 8.14 9.70
O1' LMT D . -19.94 7.45 12.47
O2' LMT D . -18.28 4.85 12.24
O3' LMT D . -17.92 4.45 9.74
O5' LMT D . -18.50 8.15 10.88
O6' LMT D . -21.19 8.12 8.40
C1 LMT D . -19.99 8.14 13.72
C2 LMT D . -21.47 8.19 14.11
C3 LMT D . -21.69 9.19 15.26
C4 LMT D . -22.84 8.75 16.16
C5 LMT D . -22.99 9.67 17.36
C6 LMT D . -24.24 9.35 18.15
C7 LMT D . -24.45 10.27 19.33
C8 LMT D . -25.73 9.93 20.09
C9 LMT D . -26.96 10.55 19.44
C10 LMT D . -28.21 10.20 20.22
C11 LMT D . -28.46 11.25 21.31
C12 LMT D . -29.68 10.75 22.08
H1B LMT D . -18.64 4.72 7.31
H2B LMT D . -16.85 4.33 5.84
H3B LMT D . -15.79 7.28 6.34
H4B LMT D . -17.03 5.62 3.98
H5B LMT D . -18.23 8.00 5.63
H6'2 LMT D . -19.01 6.40 3.02
H6'1 LMT D . -18.72 8.15 3.25
H2O1 LMT D . -15.48 3.99 7.35
H3O1 LMT D . -14.08 6.32 5.57
H4O1 LMT D . -15.95 7.16 3.02
H6B LMT D . -20.95 7.55 3.32
H1' LMT D . -17.85 7.23 12.69
H2' LMT D . -19.95 5.53 11.24
H3' LMT D . -17.07 6.29 10.19
H4' LMT D . -19.84 6.02 8.77
H5' LMT D . -18.73 8.74 8.89
H6D LMT D . -21.10 7.28 10.29
H6E LMT D . -21.00 9.04 10.27
H2O2 LMT D . -18.97 4.24 12.50
H3O2 LMT D . -17.14 4.18 10.20
H6' LMT D . -21.60 8.98 8.25
H12 LMT D . -19.55 9.16 13.69
H11 LMT D . -19.37 7.57 14.43
H22 LMT D . -21.88 7.20 14.37
H21 LMT D . -22.08 8.50 13.24
H32 LMT D . -21.88 10.20 14.86
H31 LMT D . -20.76 9.31 15.84
H42 LMT D . -22.71 7.70 16.48
H41 LMT D . -23.78 8.71 15.58
H52 LMT D . -22.99 10.74 17.03
H51 LMT D . -22.09 9.63 18.01
H62 LMT D . -24.23 8.29 18.47
H61 LMT D . -25.13 9.38 17.48
H72 LMT D . -24.47 11.34 19.01
H71 LMT D . -23.58 10.23 20.02
H82 LMT D . -25.66 10.26 21.14
H81 LMT D . -25.84 8.83 20.20
H92 LMT D . -27.09 10.23 18.38
H91 LMT D . -26.84 11.64 19.32
H102 LMT D . -29.12 10.09 19.60
H101 LMT D . -28.10 9.19 20.68
H112 LMT D . -28.63 12.24 20.84
H111 LMT D . -27.57 11.39 21.94
H123 LMT D . -29.92 11.33 22.98
H122 LMT D . -29.59 9.69 22.32
H121 LMT D . -30.56 10.74 21.42
CAA Y01 E . -35.37 6.02 24.21
CBA Y01 E . -34.60 5.86 22.91
CAB Y01 E . -33.67 4.64 22.97
CAN Y01 E . -33.83 7.13 22.44
CAJ Y01 E . -34.44 7.96 21.28
CAO Y01 E . -33.39 8.36 20.24
CBB Y01 E . -32.94 7.17 19.35
CAC Y01 E . -33.90 7.05 18.18
CBE Y01 E . -31.47 7.42 18.93
CAP Y01 E . -30.51 7.13 20.15
CAQ Y01 E . -29.19 6.57 19.56
CBG Y01 E . -29.33 6.96 18.10
CBI Y01 E . -30.79 6.58 17.81
CAE Y01 E . -31.08 5.08 17.93
CAU Y01 E . -31.06 7.08 16.39
CAS Y01 E . -30.10 6.47 15.34
CBF Y01 E . -28.61 6.70 15.65
CBD Y01 E . -28.30 6.39 17.12
CAK Y01 E . -26.94 6.97 17.42
CAI Y01 E . -25.95 6.66 16.47
CAZ Y01 E . -26.18 6.17 15.19
CAV Y01 E . -24.95 5.92 14.42
CBH Y01 E . -27.58 5.93 14.74
CAD Y01 E . -27.83 4.42 14.68
CAT Y01 E . -27.63 6.47 13.28
CAR Y01 E . -26.51 5.91 12.37
CBC Y01 E . -25.12 6.28 12.93
OAW Y01 E . -23.96 5.67 12.29
CAY Y01 E . -24.09 4.44 11.70
OAG Y01 E . -24.51 3.57 12.50
CAM Y01 E . -23.76 4.19 10.30
CAL Y01 E . -22.27 4.09 10.03
CAX Y01 E . -21.93 3.45 8.66
OAH Y01 E . -20.72 3.42 8.34
OAF Y01 E . -22.89 3.00 7.99
HAA1 Y01 E . -36.36 6.48 24.08
HAA2 Y01 E . -34.84 6.67 24.92
HAA3 Y01 E . -35.56 5.06 24.71
HBA Y01 E . -35.38 5.63 22.13
HAB1 Y01 E . -33.10 4.53 22.03
HAB2 Y01 E . -34.23 3.71 23.11
HAB3 Y01 E . -32.94 4.73 23.79
HAN1 Y01 E . -32.82 6.83 22.15
HAN2 Y01 E . -33.77 7.80 23.31
HAJ1 Y01 E . -34.92 8.86 21.69
HAJ2 Y01 E . -35.22 7.39 20.76
HAO1 Y01 E . -33.82 9.16 19.61
HAO2 Y01 E . -32.54 8.79 20.79
HBB Y01 E . -32.97 6.21 19.91
HAC1 Y01 E . -34.94 7.12 18.50
HAC2 Y01 E . -33.74 7.83 17.43
HAC3 Y01 E . -33.74 6.09 17.66
HBE Y01 E . -31.45 8.48 18.62
HAP1 Y01 E . -30.30 8.04 20.75
HAP2 Y01 E . -30.94 6.42 20.87
HAQ1 Y01 E . -29.07 5.49 19.73
HAQ2 Y01 E . -28.30 7.01 20.02
HBG Y01 E . -29.19 8.07 18.01
HBD Y01 E . -28.21 5.32 17.27
HAE1 Y01 E . -31.41 4.79 18.94
HAE2 Y01 E . -30.22 4.44 17.71
HAE3 Y01 E . -31.88 4.75 17.25
HAU1 Y01 E . -30.97 8.18 16.36
HAU2 Y01 E . -32.09 6.82 16.10
HAS1 Y01 E . -30.37 6.90 14.35
HAS2 Y01 E . -30.32 5.39 15.30
HBF Y01 E . -28.41 7.78 15.45
HAK1 Y01 E . -26.55 6.65 18.41
HAK2 Y01 E . -27.01 8.08 17.41
HAI Y01 E . -24.96 6.81 16.80
HAV1 Y01 E . -24.06 6.48 14.80
HAV2 Y01 E . -24.66 4.86 14.51
HBC Y01 E . -25.10 7.38 12.79
HAD1 Y01 E . -28.29 4.11 13.73
HAD2 Y01 E . -28.49 4.07 15.47
HAD3 Y01 E . -26.89 3.84 14.77
HAT1 Y01 E . -27.54 7.58 13.32
HAT2 Y01 E . -28.62 6.23 12.84
HAR1 Y01 E . -26.64 6.32 11.36
HAR2 Y01 E . -26.64 4.82 12.31
HAM1 Y01 E . -24.20 4.99 9.68
HAM2 Y01 E . -24.23 3.22 10.00
HAL1 Y01 E . -21.79 3.49 10.83
HAL2 Y01 E . -21.84 5.10 10.06
CAA Y01 F . -40.16 7.93 17.93
CBA Y01 F . -38.79 7.30 18.17
CAB Y01 F . -38.32 7.55 19.60
CAN Y01 F . -37.69 7.68 17.15
CAJ Y01 F . -37.08 6.52 16.33
CAO Y01 F . -36.39 6.97 15.03
CBB Y01 F . -36.54 5.90 13.90
CAC Y01 F . -37.64 6.36 12.95
CBE Y01 F . -35.16 5.68 13.19
CAP Y01 F . -34.17 5.01 14.19
CAQ Y01 F . -33.17 4.17 13.35
CBG Y01 F . -33.54 4.54 11.92
CBI Y01 F . -35.06 4.74 11.97
CAE Y01 F . -35.84 3.41 12.16
CAU Y01 F . -35.42 5.38 10.63
CAS Y01 F . -34.98 4.57 9.40
CBF Y01 F . -33.52 4.04 9.42
CBD Y01 F . -33.10 3.57 10.82
CAK Y01 F . -31.59 3.45 10.82
CAI Y01 F . -31.10 2.69 9.74
CAZ Y01 F . -31.79 2.40 8.56
CAV Y01 F . -31.03 1.57 7.60
CBH Y01 F . -33.17 2.91 8.39
CAD Y01 F . -34.13 1.71 8.44
CAT Y01 F . -33.21 3.48 6.95
CAR Y01 F . -32.72 2.50 5.86
CBC Y01 F . -31.30 2.00 6.15
OAW Y01 F . -30.99 0.80 5.43
CAY Y01 F . -29.68 0.51 5.22
OAG Y01 F . -29.09 1.44 4.65
CAM Y01 F . -29.07 -0.77 5.63
CAL Y01 F . -28.14 -1.33 4.57
CAX Y01 F . -27.21 -2.41 5.16
OAH Y01 F . -26.39 -2.04 6.03
OAF Y01 F . -27.35 -3.57 4.71
HAA1 Y01 F . -40.77 7.36 17.22
HAA2 Y01 F . -40.06 8.94 17.51
HAA3 Y01 F . -40.75 8.00 18.84
HBA Y01 F . -38.95 6.19 18.08
HAB1 Y01 F . -37.31 7.14 19.77
HAB2 Y01 F . -38.97 7.08 20.34
HAB3 Y01 F . -38.27 8.62 19.84
HAN1 Y01 F . -36.88 8.22 17.67
HAN2 Y01 F . -38.17 8.37 16.43
HAJ1 Y01 F . -37.88 5.79 16.10
HAJ2 Y01 F . -36.33 5.99 16.95
HAO1 Y01 F . -35.33 7.17 15.26
HAO2 Y01 F . -36.84 7.92 14.71
HBB Y01 F . -36.85 4.92 14.30
HAC1 Y01 F . -38.46 6.86 13.49
HAC2 Y01 F . -38.08 5.52 12.40
HAC3 Y01 F . -37.23 7.04 12.20
HBE Y01 F . -34.85 6.69 12.87
HAP1 Y01 F . -33.61 5.75 14.78
HAP2 Y01 F . -34.68 4.38 14.94
HAQ1 Y01 F . -33.26 3.09 13.56
HAQ2 Y01 F . -32.12 4.41 13.58
HBG Y01 F . -33.02 5.49 11.64
HBD Y01 F . -33.49 2.58 11.01
HAE1 Y01 F . -36.92 3.58 12.25
HAE2 Y01 F . -35.57 2.87 13.09
HAE3 Y01 F . -35.71 2.70 11.35
HAU1 Y01 F . -34.96 6.40 10.58
HAU2 Y01 F . -36.51 5.52 10.58
HAS1 Y01 F . -35.15 5.20 8.50
HAS2 Y01 F . -35.69 3.73 9.32
HBF Y01 F . -32.87 4.90 9.12
HAK1 Y01 F . -31.20 2.98 11.74
HAK2 Y01 F . -31.14 4.46 10.70
HAI Y01 F . -30.12 2.33 9.88
HAV1 Y01 F . -29.93 1.60 7.77
HAV2 Y01 F . -31.31 0.51 7.73
HBC Y01 F . -30.65 2.84 5.85
HAD1 Y01 F . -34.87 1.73 7.62
HAD2 Y01 F . -34.69 1.68 9.38
HAD3 Y01 F . -33.60 0.74 8.36
HAT1 Y01 F . -32.58 4.38 6.92
HAT2 Y01 F . -34.25 3.79 6.72
HAR1 Y01 F . -32.75 3.01 4.89
HAR2 Y01 F . -33.41 1.64 5.81
HAM1 Y01 F . -29.88 -1.49 5.84
HAM2 Y01 F . -28.49 -0.59 6.56
HAL1 Y01 F . -27.52 -0.52 4.15
HAL2 Y01 F . -28.73 -1.77 3.75
C1 D10 G . -29.56 0.53 19.45
C2 D10 G . -29.09 1.47 18.37
C3 D10 G . -28.24 0.65 17.42
C4 D10 G . -27.79 1.38 16.21
C5 D10 G . -26.92 0.49 15.34
C6 D10 G . -26.58 1.09 13.98
C7 D10 G . -26.03 0.05 12.99
C8 D10 G . -24.52 -0.09 13.11
C9 D10 G . -24.01 -1.02 12.02
C10 D10 G . -22.59 -1.42 12.38
H11 D10 G . -30.17 0.98 20.22
H12 D10 G . -28.67 0.05 19.94
H13 D10 G . -30.13 -0.32 19.02
H21 D10 G . -28.56 2.37 18.76
H22 D10 G . -29.98 1.95 17.84
H31 D10 G . -28.81 -0.27 17.10
H32 D10 G . -27.38 0.21 17.97
H41 D10 G . -27.27 2.32 16.51
H42 D10 G . -28.65 1.77 15.58
H51 D10 G . -27.41 -0.50 15.20
H52 D10 G . -25.99 0.23 15.90
H61 D10 G . -25.83 1.90 14.11
H62 D10 G . -27.45 1.62 13.57
H71 D10 G . -26.25 0.30 11.94
H72 D10 G . -26.56 -0.92 13.12
H81 D10 G . -24.23 -0.47 14.11
H82 D10 G . -24.05 0.91 13.05
H91 D10 G . -24.04 -0.53 11.02
H92 D10 G . -24.66 -1.89 11.91
H101 D10 G . -22.54 -1.98 13.32
H102 D10 G . -21.93 -0.55 12.48
H103 D10 G . -22.14 -2.06 11.60
C1 D12 H . -42.46 28.02 1.97
C2 D12 H . -41.34 28.97 2.36
C3 D12 H . -39.99 28.27 2.20
C4 D12 H . -39.79 27.80 0.76
C5 D12 H . -38.30 27.63 0.43
C6 D12 H . -38.09 26.31 -0.32
C7 D12 H . -38.06 25.15 0.65
C8 D12 H . -37.84 23.84 -0.09
C9 D12 H . -38.01 22.67 0.86
C10 D12 H . -37.12 21.51 0.46
C11 D12 H . -37.24 20.34 1.43
C12 D12 H . -36.19 19.32 1.05
H11 D12 H . -42.34 27.03 2.41
H12 D12 H . -42.53 27.90 0.88
H13 D12 H . -43.43 28.40 2.30
H21 D12 H . -41.37 29.89 1.74
H22 D12 H . -41.46 29.35 3.39
H31 D12 H . -39.16 28.93 2.51
H32 D12 H . -39.92 27.41 2.89
H41 D12 H . -40.33 26.86 0.58
H42 D12 H . -40.25 28.52 0.05
H51 D12 H . -37.93 28.48 -0.16
H52 D12 H . -37.70 27.64 1.35
H61 D12 H . -38.88 26.15 -1.08
H62 D12 H . -37.15 26.36 -0.91
H71 D12 H . -37.25 25.30 1.40
H72 D12 H . -38.98 25.09 1.25
H81 D12 H . -38.53 23.75 -0.96
H82 D12 H . -36.83 23.83 -0.56
H91 D12 H . -37.79 22.97 1.91
H92 D12 H . -39.07 22.34 0.90
H101 D12 H . -36.06 21.85 0.39
H102 D12 H . -37.35 21.16 -0.57
H111 D12 H . -38.27 19.90 1.38
H112 D12 H . -37.15 20.68 2.47
H121 D12 H . -36.19 18.43 1.70
H122 D12 H . -36.32 18.97 0.03
H123 D12 H . -35.18 19.75 1.11
O2S 1DO I . -39.04 39.27 5.18
C1 1DO I . -38.88 38.32 6.18
C2 1DO I . -39.83 37.16 5.81
C3 1DO I . -39.40 36.49 4.52
C4 1DO I . -38.30 35.45 4.75
C5 1DO I . -37.86 34.79 3.44
C6 1DO I . -36.37 34.43 3.44
C7 1DO I . -35.83 34.07 2.05
C8 1DO I . -34.51 33.30 2.17
C9 1DO I . -33.89 32.89 0.82
C10 1DO I . -32.41 32.56 0.94
C11 1DO I . -32.11 31.37 1.84
C12 1DO I . -31.12 30.41 1.18
H2S 1DO I . -38.17 39.45 4.82
H1C1 1DO I . -39.12 38.73 7.19
H1C2 1DO I . -37.83 37.96 6.26
H2C1 1DO I . -40.87 37.55 5.74
H2C2 1DO I . -39.88 36.42 6.64
H3C1 1DO I . -39.07 37.23 3.78
H3C2 1DO I . -40.27 36.01 4.02
H4C1 1DO I . -38.63 34.67 5.47
H4C2 1DO I . -37.45 35.93 5.28
H5C1 1DO I . -38.08 35.45 2.57
H5C2 1DO I . -38.47 33.89 3.23
H6C1 1DO I . -36.19 33.60 4.15
H6C2 1DO I . -35.79 35.27 3.87
H7C1 1DO I . -35.70 34.96 1.40
H7C2 1DO I . -36.57 33.46 1.50
H8C1 1DO I . -34.65 32.41 2.80
H8C2 1DO I . -33.79 33.93 2.73
H9C1 1DO I . -34.03 33.71 0.09
H9C2 1DO I . -34.45 32.06 0.35
H101 1DO I . -31.85 33.45 1.30
H102 1DO I . -31.97 32.39 -0.06
H111 1DO I . -33.06 30.84 2.09
H112 1DO I . -31.71 31.70 2.82
H121 1DO I . -31.45 30.10 0.18
H122 1DO I . -30.13 30.86 1.06
H123 1DO I . -30.99 29.48 1.75
O2S 1DO J . -33.97 38.45 0.88
C1 1DO J . -33.27 38.65 -0.31
C2 1DO J . -31.79 38.69 0.08
C3 1DO J . -31.32 37.30 0.50
C4 1DO J . -29.96 37.38 1.20
C5 1DO J . -29.35 35.99 1.44
C6 1DO J . -29.94 35.36 2.70
C7 1DO J . -29.24 34.06 3.12
C8 1DO J . -28.14 34.36 4.13
C9 1DO J . -27.42 33.12 4.67
C10 1DO J . -26.71 33.41 6.01
C11 1DO J . -25.47 34.28 5.85
C12 1DO J . -24.67 34.33 7.14
H2S 1DO J . -34.31 37.56 0.86
H1C1 1DO J . -33.58 39.58 -0.83
H1C2 1DO J . -33.47 37.83 -1.04
H2C1 1DO J . -31.19 39.08 -0.76
H2C2 1DO J . -31.62 39.43 0.89
H3C1 1DO J . -31.26 36.62 -0.37
H3C2 1DO J . -32.06 36.82 1.16
H4C1 1DO J . -29.25 37.99 0.61
H4C2 1DO J . -30.07 37.95 2.15
H5C1 1DO J . -28.25 36.04 1.52
H5C2 1DO J . -29.52 35.33 0.57
H6C1 1DO J . -31.03 35.19 2.57
H6C2 1DO J . -29.90 36.11 3.52
H7C1 1DO J . -28.83 33.51 2.25
H7C2 1DO J . -29.99 33.35 3.55
H8C1 1DO J . -28.57 34.93 4.99
H8C2 1DO J . -27.41 35.06 3.68
H9C1 1DO J . -26.67 32.77 3.93
H9C2 1DO J . -28.10 32.25 4.75
H101 1DO J . -26.45 32.45 6.51
H102 1DO J . -27.42 33.88 6.71
H111 1DO J . -25.77 35.31 5.54
H112 1DO J . -24.83 33.92 5.02
H121 1DO J . -24.31 33.33 7.44
H122 1DO J . -25.26 34.69 7.98
H123 1DO J . -23.79 34.96 7.07
CAA Y01 K . -23.28 27.18 -0.10
CBA Y01 K . -22.39 27.41 1.12
CAB Y01 K . -21.81 28.83 1.11
CAN Y01 K . -21.26 26.36 1.32
CAJ Y01 K . -21.01 25.36 0.18
CAO Y01 K . -19.77 24.49 0.43
CBB Y01 K . -18.83 24.48 -0.81
CAC Y01 K . -18.00 25.75 -0.75
CBE Y01 K . -17.97 23.18 -0.81
CAP Y01 K . -18.87 21.96 -1.13
CAQ Y01 K . -17.99 20.90 -1.84
CBG Y01 K . -16.59 21.50 -1.70
CBI Y01 K . -16.82 23.00 -1.84
CAE Y01 K . -17.23 23.44 -3.28
CAU Y01 K . -15.48 23.65 -1.44
CAS Y01 K . -14.26 23.10 -2.21
CBF Y01 K . -14.15 21.54 -2.30
CBD Y01 K . -15.51 20.95 -2.65
CAK Y01 K . -15.45 19.45 -2.52
CAI Y01 K . -14.30 18.85 -3.06
CAZ Y01 K . -13.14 19.51 -3.43
CAV Y01 K . -12.08 18.61 -3.97
CBH Y01 K . -13.05 20.97 -3.27
CAD Y01 K . -13.08 21.61 -4.67
CAT Y01 K . -11.65 21.22 -2.67
CAR Y01 K . -10.50 20.58 -3.45
CBC Y01 K . -10.67 19.06 -3.55
OAW Y01 K . -9.82 18.49 -4.54
CAY Y01 K . -9.63 17.13 -4.51
OAG Y01 K . -9.34 16.71 -3.36
CAM Y01 K . -9.74 16.28 -5.71
CAL Y01 K . -8.74 16.67 -6.79
CAX Y01 K . -9.04 15.94 -8.11
OAH Y01 K . -9.27 14.71 -8.05
OAF Y01 K . -9.03 16.64 -9.15
HAA1 Y01 K . -23.73 26.18 -0.10
HAA2 Y01 K . -22.72 27.25 -1.03
HAA3 Y01 K . -24.11 27.88 -0.15
HBA Y01 K . -23.04 27.34 2.00
HAB1 Y01 K . -21.28 29.04 2.04
HAB2 Y01 K . -22.60 29.58 1.01
HAB3 Y01 K . -21.11 28.98 0.28
HAN1 Y01 K . -21.47 25.79 2.25
HAN2 Y01 K . -20.33 26.94 1.45
HAJ1 Y01 K . -20.89 25.91 -0.77
HAJ2 Y01 K . -21.88 24.69 0.07
HAO1 Y01 K . -20.12 23.48 0.70
HAO2 Y01 K . -19.24 24.91 1.30
HBB Y01 K . -19.39 24.50 -1.75
HAC1 Y01 K . -17.08 25.60 -0.18
HAC2 Y01 K . -18.55 26.57 -0.27
HAC3 Y01 K . -17.76 26.10 -1.75
HBE Y01 K . -17.52 23.14 0.20
HAP1 Y01 K . -19.31 21.50 -0.22
HAP2 Y01 K . -19.74 22.22 -1.75
HAQ1 Y01 K . -18.30 20.72 -2.88
HAQ2 Y01 K . -18.06 19.91 -1.36
HBG Y01 K . -16.19 21.25 -0.69
HBD Y01 K . -15.76 21.18 -3.69
HAE1 Y01 K . -17.48 24.51 -3.32
HAE2 Y01 K . -18.13 22.93 -3.65
HAE3 Y01 K . -16.46 23.28 -4.01
HAU1 Y01 K . -15.32 23.51 -0.36
HAU2 Y01 K . -15.53 24.74 -1.63
HAS1 Y01 K . -13.35 23.52 -1.76
HAS2 Y01 K . -14.32 23.52 -3.24
HBF Y01 K . -13.86 21.20 -1.29
HAK1 Y01 K . -16.32 18.97 -3.01
HAK2 Y01 K . -15.45 19.18 -1.44
HAI Y01 K . -14.37 17.81 -3.17
HAV1 Y01 K . -12.21 17.55 -3.66
HAV2 Y01 K . -12.13 18.59 -5.07
HBC Y01 K . -10.42 18.70 -2.51
HAD1 Y01 K . -14.07 21.99 -4.94
HAD2 Y01 K . -12.78 20.90 -5.45
HAD3 Y01 K . -12.39 22.47 -4.76
HAT1 Y01 K . -11.66 20.81 -1.63
HAT2 Y01 K . -11.48 22.31 -2.59
HAR1 Y01 K . -9.55 20.81 -2.95
HAR2 Y01 K . -10.45 21.01 -4.46
HAM1 Y01 K . -10.77 16.38 -6.11
HAM2 Y01 K . -9.56 15.23 -5.43
HAL1 Y01 K . -7.71 16.39 -6.46
HAL2 Y01 K . -8.75 17.75 -6.96
CAA Y01 L . -24.68 35.75 2.27
CBA Y01 L . -24.55 34.86 1.05
CAB Y01 L . -25.78 33.94 0.91
CAN Y01 L . -23.25 34.02 1.04
CAJ Y01 L . -21.95 34.80 0.74
CAO Y01 L . -20.72 33.88 0.70
CBB Y01 L . -19.89 33.92 2.02
CAC Y01 L . -20.67 33.18 3.12
CBE Y01 L . -18.44 33.41 1.70
CAP Y01 L . -17.48 33.66 2.91
CAQ Y01 L . -16.34 32.63 2.82
CBG Y01 L . -16.57 32.07 1.40
CBI Y01 L . -18.10 31.92 1.34
CAE Y01 L . -18.64 30.86 2.33
CAU Y01 L . -18.41 31.51 -0.10
CAS Y01 L . -17.60 30.31 -0.60
CBF Y01 L . -16.04 30.46 -0.44
CBD Y01 L . -15.76 30.83 1.01
CAK Y01 L . -14.28 31.14 1.20
CAI Y01 L . -13.38 30.45 0.36
CAZ Y01 L . -13.70 29.57 -0.65
CAV Y01 L . -12.52 29.02 -1.32
CBH Y01 L . -15.13 29.26 -0.91
CAD Y01 L . -15.42 27.95 -0.18
CAT Y01 L . -15.31 29.04 -2.46
CAR Y01 L . -14.05 29.14 -3.34
CBC Y01 L . -12.84 28.47 -2.69
OAW Y01 L . -13.00 27.07 -2.47
CAY Y01 L . -11.88 26.29 -2.60
OAG Y01 L . -11.51 25.86 -1.47
CAM Y01 L . -11.23 26.00 -3.88
CAL Y01 L . -10.03 25.08 -3.75
CAX Y01 L . -9.07 25.22 -4.94
OAH Y01 L . -9.54 24.97 -6.08
OAF Y01 L . -7.90 25.58 -4.67
HAA1 Y01 L . -23.71 36.04 2.71
HAA2 Y01 L . -25.21 35.24 3.08
HAA3 Y01 L . -25.20 36.68 2.05
HBA Y01 L . -24.51 35.53 0.17
HAB1 Y01 L . -26.68 34.53 0.71
HAB2 Y01 L . -25.95 33.36 1.81
HAB3 Y01 L . -25.66 33.23 0.07
HAN1 Y01 L . -23.36 33.22 0.29
HAN2 Y01 L . -23.15 33.57 2.04
HAJ1 Y01 L . -21.80 35.58 1.51
HAJ2 Y01 L . -22.02 35.31 -0.23
HAO1 Y01 L . -20.10 34.19 -0.16
HAO2 Y01 L . -21.07 32.85 0.51
HBB Y01 L . -19.77 34.96 2.38
HAC1 Y01 L . -20.02 32.78 3.89
HAC2 Y01 L . -21.25 32.34 2.72
HAC3 Y01 L . -21.39 33.85 3.59
HBE Y01 L . -18.13 34.01 0.82
HAP1 Y01 L . -17.05 34.69 2.88
HAP2 Y01 L . -17.99 33.63 3.89
HAQ1 Y01 L . -16.38 31.87 3.61
HAQ2 Y01 L . -15.34 33.08 2.93
HBG Y01 L . -16.22 32.83 0.66
HBD Y01 L . -16.01 29.98 1.66
HAE1 Y01 L . -19.72 30.69 2.18
HAE2 Y01 L . -18.54 31.13 3.38
HAE3 Y01 L . -18.17 29.88 2.22
HAU1 Y01 L . -18.24 32.38 -0.77
HAU2 Y01 L . -19.48 31.25 -0.16
HAS1 Y01 L . -17.87 30.13 -1.66
HAS2 Y01 L . -17.94 29.44 -0.01
HBF Y01 L . -15.76 31.32 -1.09
HAK1 Y01 L . -13.95 30.93 2.24
HAK2 Y01 L . -14.09 32.22 0.99
HAI Y01 L . -12.36 30.66 0.55
HAV1 Y01 L . -11.70 29.76 -1.44
HAV2 Y01 L . -12.08 28.23 -0.69
HBC Y01 L . -12.02 28.67 -3.41
HAD1 Y01 L . -16.46 27.82 0.05
HAD2 Y01 L . -14.88 27.92 0.78
HAD3 Y01 L . -15.11 27.06 -0.75
HAT1 Y01 L . -16.01 29.81 -2.84
HAT2 Y01 L . -15.79 28.06 -2.63
HAR1 Y01 L . -13.82 30.19 -3.55
HAR2 Y01 L . -14.27 28.64 -4.30
HAM1 Y01 L . -10.89 26.95 -4.33
HAM2 Y01 L . -11.97 25.52 -4.56
HAL1 Y01 L . -10.38 24.02 -3.71
HAL2 Y01 L . -9.49 25.29 -2.81
C1 D12 M . -15.09 34.36 -2.18
C2 D12 M . -14.12 33.41 -2.87
C3 D12 M . -12.70 33.85 -2.55
C4 D12 M . -11.72 32.77 -2.97
C5 D12 M . -10.29 33.17 -2.61
C6 D12 M . -9.40 31.94 -2.46
C7 D12 M . -9.07 31.32 -3.81
C8 D12 M . -8.27 30.03 -3.64
C9 D12 M . -6.85 30.34 -3.20
C10 D12 M . -5.86 29.47 -3.94
C11 D12 M . -4.44 29.69 -3.43
C12 D12 M . -3.47 29.25 -4.51
H11 D12 M . -14.97 35.39 -2.49
H12 D12 M . -14.95 34.33 -1.09
H13 D12 M . -16.14 34.08 -2.37
H21 D12 M . -14.29 32.37 -2.56
H22 D12 M . -14.28 33.39 -3.97
H31 D12 M . -12.45 34.81 -3.04
H32 D12 M . -12.60 34.06 -1.47
H41 D12 M . -11.97 31.81 -2.49
H42 D12 M . -11.81 32.56 -4.05
H51 D12 M . -9.87 33.85 -3.38
H52 D12 M . -10.28 33.77 -1.68
H61 D12 M . -8.46 32.19 -1.93
H62 D12 M . -9.88 31.19 -1.79
H71 D12 M . -10.01 31.11 -4.38
H72 D12 M . -8.53 32.03 -4.46
H81 D12 M . -8.77 29.34 -2.92
H82 D12 M . -8.28 29.46 -4.59
H91 D12 M . -6.60 31.42 -3.35
H92 D12 M . -6.74 30.21 -2.10
H101 D12 M . -6.15 28.40 -3.86
H102 D12 M . -5.89 29.67 -5.03
H111 D12 M . -4.28 30.76 -3.15
H112 D12 M . -4.28 29.14 -2.48
H121 D12 M . -2.43 29.33 -4.23
H122 D12 M . -3.65 28.20 -4.80
H123 D12 M . -3.60 29.84 -5.43
C1 D10 N . -11.07 37.26 -2.00
C2 D10 N . -10.16 37.95 -1.00
C3 D10 N . -8.75 37.65 -1.44
C4 D10 N . -7.73 37.67 -0.35
C5 D10 N . -6.34 37.42 -0.91
C6 D10 N . -6.08 35.99 -1.33
C7 D10 N . -4.59 35.69 -1.52
C8 D10 N . -4.25 35.56 -3.00
C9 D10 N . -2.73 35.62 -3.20
C10 D10 N . -2.12 34.30 -2.75
H11 D10 N . -12.12 37.49 -1.89
H12 D10 N . -10.95 36.17 -1.91
H13 D10 N . -10.77 37.51 -3.03
H21 D10 N . -10.36 37.64 0.05
H22 D10 N . -10.37 39.06 -0.96
H31 D10 N . -8.44 38.39 -2.24
H32 D10 N . -8.72 36.69 -2.01
H41 D10 N . -8.02 36.92 0.43
H42 D10 N . -7.73 38.64 0.24
H51 D10 N . -5.58 37.75 -0.15
H52 D10 N . -6.14 38.14 -1.75
H61 D10 N . -6.62 35.79 -2.28
H62 D10 N . -6.56 35.29 -0.62
H71 D10 N . -4.29 34.73 -1.05
H72 D10 N . -3.96 36.42 -1.00
H81 D10 N . -4.73 36.37 -3.60
H82 D10 N . -4.67 34.62 -3.41
H91 D10 N . -2.28 36.48 -2.65
H92 D10 N . -2.48 35.83 -4.26
H101 D10 N . -2.62 33.43 -3.18
H102 D10 N . -2.16 34.20 -1.66
H103 D10 N . -1.06 34.24 -3.03
C1 D10 O . -3.95 36.63 2.65
C2 D10 O . -2.78 36.55 3.60
C3 D10 O . -1.70 35.72 2.91
C4 D10 O . -0.64 35.19 3.80
C5 D10 O . 0.05 33.99 3.18
C6 D10 O . 1.08 33.34 4.07
C7 D10 O . 2.10 32.49 3.28
C8 D10 O . 1.47 31.20 2.80
C9 D10 O . 2.56 30.18 2.48
C10 D10 O . 1.92 28.98 1.81
H11 D10 O . -4.76 37.26 2.96
H12 D10 O . -4.36 35.60 2.48
H13 D10 O . -3.62 36.97 1.65
H21 D10 O . -3.05 36.15 4.59
H22 D10 O . -2.41 37.57 3.87
H31 D10 O . -1.22 36.34 2.10
H32 D10 O . -2.18 34.91 2.31
H41 D10 O . -1.07 34.95 4.81
H42 D10 O . 0.14 35.96 4.08
H51 D10 O . 0.53 34.29 2.21
H52 D10 O . -0.72 33.24 2.86
H61 D10 O . 0.57 32.70 4.83
H62 D10 O . 1.59 34.10 4.69
H71 D10 O . 2.98 32.20 3.89
H72 D10 O . 2.53 33.08 2.46
H81 D10 O . 0.84 31.37 1.89
H82 D10 O . 0.76 30.80 3.55
H91 D10 O . 3.12 29.88 3.40
H92 D10 O . 3.34 30.63 1.84
H101 D10 O . 1.45 29.22 0.85
H102 D10 O . 1.14 28.54 2.44
H103 D10 O . 2.65 28.18 1.62
C1 D10 P . -0.90 30.63 13.62
C2 D10 P . -2.09 30.91 14.51
C3 D10 P . -2.99 31.88 13.77
C4 D10 P . -3.73 32.84 14.62
C5 D10 P . -4.60 33.75 13.79
C6 D10 P . -6.01 33.26 13.59
C7 D10 P . -6.75 34.04 12.51
C8 D10 P . -7.02 35.46 12.95
C9 D10 P . -8.09 36.09 12.07
C10 D10 P . -8.23 37.55 12.45
H11 D10 P . -0.23 29.87 13.97
H12 D10 P . -0.32 31.57 13.48
H13 D10 P . -1.24 30.35 12.61
H21 D10 P . -1.80 31.29 15.52
H22 D10 P . -2.62 29.96 14.78
H31 D10 P . -3.73 31.29 13.15
H32 D10 P . -2.40 32.41 12.97
H41 D10 P . -3.00 33.40 15.25
H42 D10 P . -4.37 32.34 15.41
H51 D10 P . -4.12 33.93 12.78
H52 D10 P . -4.59 34.78 14.23
H61 D10 P . -6.57 33.33 14.55
H62 D10 P . -6.01 32.17 13.38
H71 D10 P . -7.73 33.59 12.24
H72 D10 P . -6.20 33.99 11.55
H81 D10 P . -6.10 36.08 12.93
H82 D10 P . -7.33 35.48 14.02
H91 D10 P . -9.06 35.56 12.15
H92 D10 P . -7.81 35.99 11.00
H101 D10 P . -7.32 38.14 12.31
H102 D10 P . -8.52 37.65 13.51
H103 D10 P . -9.03 38.05 11.88
C1 D10 Q . -4.42 37.03 10.54
C2 D10 Q . -3.91 37.65 9.25
C3 D10 Q . -2.41 37.44 9.24
C4 D10 Q . -1.94 36.19 8.58
C5 D10 Q . -0.45 36.22 8.34
C6 D10 Q . 0.38 36.11 9.60
C7 D10 Q . 1.87 35.83 9.30
C8 D10 Q . 2.55 35.20 10.51
C9 D10 Q . 4.06 35.44 10.46
C10 D10 Q . 4.63 34.80 9.21
H11 D10 Q . -5.49 37.00 10.63
H12 D10 Q . -4.01 37.59 11.40
H13 D10 Q . -4.02 36.01 10.65
H21 D10 Q . -4.19 38.71 9.14
H22 D10 Q . -4.41 37.19 8.36
H31 D10 Q . -2.01 37.48 10.29
H32 D10 Q . -1.91 38.35 8.79
H41 D10 Q . -2.53 36.03 7.64
H42 D10 Q . -2.21 35.27 9.17
H51 D10 Q . -0.17 37.15 7.79
H52 D10 Q . -0.19 35.41 7.61
H61 D10 Q . -0.02 35.29 10.25
H62 D10 Q . 0.26 37.01 10.23
H71 D10 Q . 2.44 36.75 9.05
H72 D10 Q . 1.97 35.22 8.39
H81 D10 Q . 2.35 34.10 10.55
H82 D10 Q . 2.12 35.59 11.44
H91 D10 Q . 4.56 35.06 11.37
H92 D10 Q . 4.28 36.53 10.49
H101 D10 Q . 4.28 33.78 9.05
H102 D10 Q . 4.39 35.39 8.30
H103 D10 Q . 5.73 34.75 9.25
O2S 1DO R . -33.67 34.50 35.43
C1 1DO R . -32.49 33.77 35.25
C2 1DO R . -32.91 32.29 35.31
C3 1DO R . -33.27 31.79 33.92
C4 1DO R . -32.05 31.24 33.18
C5 1DO R . -31.66 29.83 33.65
C6 1DO R . -31.06 29.02 32.51
C7 1DO R . -30.59 27.62 32.93
C8 1DO R . -29.86 26.93 31.79
C9 1DO R . -29.10 25.66 32.21
C10 1DO R . -28.66 24.81 31.01
C11 1DO R . -27.20 25.03 30.64
C12 1DO R . -26.81 24.17 29.45
H2S 1DO R . -34.36 34.06 34.93
H1C1 1DO R . -31.73 34.01 36.01
H1C2 1DO R . -32.00 34.01 34.27
H2C1 1DO R . -33.75 32.17 36.01
H2C2 1DO R . -32.10 31.68 35.76
H3C1 1DO R . -33.76 32.58 33.33
H3C2 1DO R . -34.06 31.01 33.99
H4C1 1DO R . -31.19 31.93 33.30
H4C2 1DO R . -32.24 31.26 32.09
H5C1 1DO R . -32.51 29.30 34.09
H5C2 1DO R . -30.94 29.89 34.50
H6C1 1DO R . -30.22 29.58 32.06
H6C2 1DO R . -31.81 28.96 31.69
H7C1 1DO R . -31.45 26.99 33.28
H7C2 1DO R . -29.95 27.68 33.83
H8C1 1DO R . -29.15 27.64 31.30
H8C2 1DO R . -30.58 26.69 30.98
H9C1 1DO R . -29.76 25.05 32.87
H9C2 1DO R . -28.25 25.89 32.87
H101 1DO R . -29.32 25.00 30.13
H102 1DO R . -28.83 23.73 31.22
H111 1DO R . -26.55 24.83 31.51
H112 1DO R . -27.01 26.09 30.39
H121 1DO R . -25.73 24.21 29.25
H122 1DO R . -27.30 24.48 28.53
H123 1DO R . -27.05 23.10 29.60
C1 NAG S . -47.59 37.78 22.81
C2 NAG S . -48.33 39.17 22.99
C3 NAG S . -49.87 38.97 23.31
C4 NAG S . -50.23 37.51 23.69
C5 NAG S . -49.46 36.47 22.84
C6 NAG S . -50.48 35.78 21.87
C7 NAG S . -47.75 39.52 25.43
C8 NAG S . -47.05 40.43 26.37
N2 NAG S . -47.69 39.94 24.08
O3 NAG S . -50.46 39.31 22.10
O4 NAG S . -49.93 37.40 25.05
O5 NAG S . -48.43 36.95 22.06
O6 NAG S . -51.37 35.03 22.61
O7 NAG S . -48.33 38.49 25.75
H1 NAG S . -47.43 37.35 23.81
H2 NAG S . -48.24 39.70 21.99
H3 NAG S . -50.14 39.69 24.12
H4 NAG S . -51.32 37.40 23.50
H5 NAG S . -49.14 35.64 23.55
H61 NAG S . -49.88 35.25 21.10
H62 NAG S . -51.00 36.62 21.31
H81 NAG S . -47.53 41.40 26.30
H82 NAG S . -47.12 40.07 27.41
H83 NAG S . -45.99 40.52 26.11
HN2 NAG S . -47.19 40.80 23.89
HO4 NAG S . -49.05 37.02 25.15
C1 D10 T . -16.17 51.49 27.03
C2 D10 T . -17.14 50.67 26.21
C3 D10 T . -16.34 49.60 25.48
C4 D10 T . -15.39 50.09 24.43
C5 D10 T . -14.89 48.94 23.58
C6 D10 T . -14.04 47.94 24.33
C7 D10 T . -13.06 47.21 23.40
C8 D10 T . -13.79 46.34 22.40
C9 D10 T . -12.97 45.09 22.10
C10 D10 T . -13.58 44.39 20.89
H11 D10 T . -16.63 52.13 27.76
H12 D10 T . -15.46 50.81 27.55
H13 D10 T . -15.54 52.12 26.38
H21 D10 T . -17.77 51.27 25.52
H22 D10 T . -17.94 50.20 26.87
H31 D10 T . -17.04 48.86 25.01
H32 D10 T . -15.82 48.95 26.23
H41 D10 T . -14.55 50.64 24.93
H42 D10 T . -15.83 50.89 23.77
H51 D10 T . -14.31 49.35 22.71
H52 D10 T . -15.76 48.45 23.08
H61 D10 T . -14.70 47.19 24.82
H62 D10 T . -13.53 48.42 25.17
H71 D10 T . -12.35 46.55 23.94
H72 D10 T . -12.39 47.94 22.91
H81 D10 T . -13.99 46.89 21.44
H82 D10 T . -14.79 46.07 22.78
H91 D10 T . -12.93 44.41 22.98
H92 D10 T . -11.91 45.36 21.91
H101 D10 T . -13.58 45.00 19.99
H102 D10 T . -14.62 44.10 21.10
H103 D10 T . -13.04 43.46 20.66
C1 D10 U . -16.93 54.23 21.33
C2 D10 U . -16.90 54.52 19.84
C3 D10 U . -16.66 53.21 19.13
C4 D10 U . -16.37 53.32 17.68
C5 D10 U . -15.71 52.06 17.17
C6 D10 U . -15.48 52.03 15.67
C7 D10 U . -15.75 50.64 15.07
C8 D10 U . -14.79 49.62 15.61
C9 D10 U . -14.89 48.33 14.80
C10 D10 U . -14.08 47.26 15.50
H11 D10 U . -17.18 55.05 21.96
H12 D10 U . -15.93 53.84 21.64
H13 D10 U . -17.63 53.41 21.55
H21 D10 U . -16.18 55.31 19.57
H22 D10 U . -17.88 55.00 19.52
H31 D10 U . -17.55 52.53 19.28
H32 D10 U . -15.85 52.65 19.67
H41 D10 U . -15.76 54.24 17.49
H42 D10 U . -17.29 53.53 17.05
H51 D10 U . -16.30 51.17 17.48
H52 D10 U . -14.74 51.91 17.73
H61 D10 U . -14.43 52.32 15.45
H62 D10 U . -16.07 52.82 15.18
H71 D10 U . -15.67 50.62 13.96
H72 D10 U . -16.81 50.36 15.24
H81 D10 U . -14.97 49.39 16.68
H82 D10 U . -13.75 50.02 15.58
H91 D10 U . -14.55 48.47 13.75
H92 D10 U . -15.95 48.02 14.69
H101 D10 U . -14.44 47.03 16.50
H102 D10 U . -13.02 47.56 15.59
H103 D10 U . -14.08 46.31 14.93
C1 D10 V . -23.42 52.24 13.08
C2 D10 V . -22.16 53.00 12.77
C3 D10 V . -21.26 52.08 11.97
C4 D10 V . -21.36 52.21 10.49
C5 D10 V . -20.16 51.57 9.81
C6 D10 V . -19.98 50.11 10.13
C7 D10 V . -19.07 49.40 9.12
C8 D10 V . -18.26 48.29 9.77
C9 D10 V . -18.02 47.15 8.80
C10 D10 V . -17.09 47.63 7.70
H11 D10 V . -24.21 52.80 13.54
H12 D10 V . -23.19 51.38 13.75
H13 D10 V . -23.82 51.78 12.16
H21 D10 V . -21.66 53.40 13.69
H22 D10 V . -22.40 53.96 12.22
H31 D10 V . -21.47 51.02 12.26
H32 D10 V . -20.20 52.20 12.32
H41 D10 V . -21.48 53.29 10.21
H42 D10 V . -22.30 51.76 10.06
H51 D10 V . -19.23 52.13 10.08
H52 D10 V . -20.23 51.74 8.70
H61 D10 V . -20.97 49.60 10.14
H62 D10 V . -19.61 49.98 11.16
H71 D10 V . -18.34 50.09 8.63
H72 D10 V . -19.67 49.03 8.26
H81 D10 V . -18.77 47.90 10.69
H82 D10 V . -17.30 48.71 10.16
H91 D10 V . -18.97 46.76 8.37
H92 D10 V . -17.60 46.27 9.32
H101 D10 V . -16.17 48.08 8.09
H102 D10 V . -16.79 46.80 7.05
H103 D10 V . -17.56 48.37 7.05
C1 D10 W . -7.99 39.79 17.23
C2 D10 W . -7.39 39.56 18.60
C3 D10 W . -6.24 38.58 18.44
C4 D10 W . -5.92 37.77 19.64
C5 D10 W . -4.93 36.68 19.32
C6 D10 W . -4.48 35.89 20.53
C7 D10 W . -3.06 35.34 20.36
C8 D10 W . -3.07 34.22 19.34
C9 D10 W . -1.95 33.22 19.62
C10 D10 W . -1.76 32.37 18.39
H11 D10 W . -8.75 40.55 17.18
H12 D10 W . -8.45 38.84 16.86
H13 D10 W . -7.21 40.04 16.50
H21 D10 W . -8.14 39.22 19.35
H22 D10 W . -7.06 40.53 19.06
H31 D10 W . -5.32 39.14 18.11
H32 D10 W . -6.43 37.92 17.54
H41 D10 W . -6.87 37.37 20.07
H42 D10 W . -5.53 38.40 20.49
H51 D10 W . -4.03 37.13 18.84
H52 D10 W . -5.29 36.03 18.52
H61 D10 W . -5.19 35.05 20.72
H62 D10 W . -4.57 36.51 21.43
H71 D10 W . -2.64 34.93 21.30
H72 D10 W . -2.35 36.14 20.11
H81 D10 W . -2.95 34.61 18.31
H82 D10 W . -4.05 33.71 19.33
H91 D10 W . -2.19 32.60 20.52
H92 D10 W . -1.02 33.75 19.90
H101 D10 W . -1.46 32.94 17.51
H102 D10 W . -2.69 31.84 18.13
H103 D10 W . -1.01 31.58 18.55
PG ANP X . 19.52 -5.99 -3.53
O1G ANP X . 18.92 -5.11 -4.62
O2G ANP X . 20.78 -5.51 -2.84
O3G ANP X . 18.42 -6.46 -2.56
PB ANP X . 21.53 -7.39 -5.05
O1B ANP X . 22.63 -7.92 -4.16
O2B ANP X . 21.85 -6.47 -6.20
N3B ANP X . 20.02 -7.32 -4.51
PA ANP X . 20.23 -9.82 -6.02
O1A ANP X . 19.82 -10.30 -4.67
O2A ANP X . 19.42 -10.20 -7.24
O3A ANP X . 21.30 -8.73 -6.16
O5' ANP X . 21.48 -11.13 -6.34
C5' ANP X . 22.37 -11.30 -5.36
C4' ANP X . 23.77 -11.52 -5.94
O4' ANP X . 23.65 -12.04 -7.26
C3' ANP X . 24.56 -10.19 -6.03
O3' ANP X . 25.28 -10.00 -4.91
C2' ANP X . 25.51 -10.57 -7.18
O2' ANP X . 26.60 -11.22 -6.63
C1' ANP X . 24.74 -11.61 -8.01
N9 ANP X . 24.18 -10.95 -9.20
C8 ANP X . 23.44 -9.75 -9.30
N7 ANP X . 23.12 -9.50 -10.57
C5 ANP X . 23.65 -10.55 -11.30
C6 ANP X . 23.66 -10.89 -12.65
N6 ANP X . 23.02 -10.01 -13.52
N1 ANP X . 24.26 -12.00 -13.13
C2 ANP X . 24.87 -12.80 -12.21
N3 ANP X . 24.95 -12.64 -10.88
C4 ANP X . 24.33 -11.51 -10.46
HNB1 ANP X . 19.24 -7.48 -5.13
H5'1 ANP X . 22.55 -10.39 -4.71
H5'2 ANP X . 22.17 -12.14 -4.66
H4' ANP X . 24.34 -12.25 -5.34
H3' ANP X . 23.88 -9.32 -6.31
H2' ANP X . 25.78 -9.64 -7.74
HO2' ANP X . 27.11 -10.53 -6.19
H1' ANP X . 25.34 -12.47 -8.35
H8 ANP X . 23.21 -9.16 -8.39
HN61 ANP X . 22.02 -10.10 -13.61
HN62 ANP X . 23.58 -9.35 -14.03
H2 ANP X . 25.33 -13.68 -12.63
C1 EUJ Y . -1.10 2.23 24.72
C2 EUJ Y . 0.41 2.39 24.67
C3 EUJ Y . 1.02 1.53 23.58
C4 EUJ Y . 0.51 1.99 22.23
C5 EUJ Y . -1.01 1.83 22.15
C6 EUJ Y . -1.81 2.26 23.37
O1 EUJ Y . -1.56 3.40 25.43
O2 EUJ Y . 0.71 3.76 24.43
O3 EUJ Y . 2.49 1.58 23.64
O4 EUJ Y . 0.88 3.36 22.00
O5 EUJ Y . -1.51 2.66 21.05
O6 EUJ Y . -2.95 1.41 23.46
P1 EUJ Y . -3.10 3.53 25.80
O11 EUJ Y . -3.74 2.17 25.83
O12 EUJ Y . -3.74 4.68 25.07
O13 EUJ Y . -2.73 3.94 27.32
P3 EUJ Y . 3.51 2.76 24.15
O31 EUJ Y . 4.82 2.03 24.39
O32 EUJ Y . 3.60 3.77 23.02
O33 EUJ Y . 2.98 3.37 25.43
P5 EUJ Y . -2.04 4.19 21.21
O51 EUJ Y . -3.51 4.24 21.57
O52 EUJ Y . -1.76 4.68 19.81
O53 EUJ Y . -1.17 4.92 22.23
C1A EUJ Y . -5.02 5.04 30.83
C1B EUJ Y . -8.26 4.60 27.78
C1C EUJ Y . -3.60 3.65 28.45
C2A EUJ Y . -6.35 5.46 31.37
C2B EUJ Y . -9.19 4.59 28.95
C2C EUJ Y . -4.71 4.69 28.42
C3A EUJ Y . -7.13 4.36 32.00
C3B EUJ Y . -10.44 3.81 28.69
C3C EUJ Y . -6.07 4.07 28.23
C4A EUJ Y . -8.49 4.83 32.50
C4B EUJ Y . -11.39 3.84 29.86
C5A EUJ Y . -8.46 5.96 33.51
C5B EUJ Y . -12.20 5.10 29.95
C6A EUJ Y . -9.64 5.94 34.41
C6B EUJ Y . -13.30 5.07 30.99
C7A EUJ Y . -9.92 7.21 35.12
C7B EUJ Y . -12.98 5.82 32.26
C8A EUJ Y . -11.26 7.15 35.78
C8B EUJ Y . -14.19 6.04 33.13
O1A EUJ Y . -4.24 4.36 31.44
O1B EUJ Y . -8.53 4.22 26.67
O2C EUJ Y . -4.73 5.55 29.61
O3C EUJ Y . -7.07 5.09 28.10
H1 EUJ Y . -1.34 1.41 25.23
H2 EUJ Y . 0.79 2.12 25.54
H3 EUJ Y . 0.72 0.58 23.73
H4 EUJ Y . 0.92 1.44 21.53
H5 EUJ Y . -1.21 0.86 21.95
H6 EUJ Y . -2.14 3.18 23.22
H7 EUJ Y . 1.54 3.84 24.31
H8 EUJ Y . 0.57 3.60 21.26
H9 EUJ Y . -2.69 0.62 23.64
H15 EUJ Y . -3.10 3.71 29.28
H16 EUJ Y . -3.98 2.75 28.36
H17 EUJ Y . -6.89 5.83 30.63
H18 EUJ Y . -6.22 6.17 32.02
H19 EUJ Y . -9.43 5.51 29.17
H20 EUJ Y . -8.73 4.20 29.72
H21 EUJ Y . -4.54 5.27 27.64
H22 EUJ Y . -6.63 4.00 32.76
H23 EUJ Y . -7.26 3.64 31.35
H24 EUJ Y . -10.21 2.88 28.49
H25 EUJ Y . -10.88 4.18 27.90
H26 EUJ Y . -6.07 3.51 27.42
H27 EUJ Y . -6.29 3.50 29.01
H28 EUJ Y . -8.95 4.07 32.90
H29 EUJ Y . -9.02 5.12 31.72
H30 EUJ Y . -10.89 3.72 30.69
H31 EUJ Y . -12.01 3.08 29.78
H32 EUJ Y . -8.43 6.82 33.03
H33 EUJ Y . -7.65 5.89 34.05
H34 EUJ Y . -12.61 5.28 29.07
H35 EUJ Y . -11.60 5.85 30.16
H36 EUJ Y . -9.51 5.23 35.08
H37 EUJ Y . -10.43 5.70 33.88
H38 EUJ Y . -13.49 4.14 31.21
H39 EUJ Y . -14.11 5.45 30.60
H40 EUJ Y . -9.91 7.96 34.47
H41 EUJ Y . -9.23 7.38 35.80
H42 EUJ Y . -12.59 6.69 32.03
H43 EUJ Y . -12.30 5.32 32.76
H44 EUJ Y . -11.95 7.00 35.10
H45 EUJ Y . -11.43 7.99 36.24
H46 EUJ Y . -11.27 6.43 36.42
H47 EUJ Y . -13.92 6.54 33.92
H48 EUJ Y . -14.55 5.18 33.40
H49 EUJ Y . -14.86 6.55 32.64
#